data_2MLF
#
_entry.id   2MLF
#
_cell.length_a   1.000
_cell.length_b   1.000
_cell.length_c   1.000
_cell.angle_alpha   90.00
_cell.angle_beta   90.00
_cell.angle_gamma   90.00
#
_symmetry.space_group_name_H-M   'P 1'
#
loop_
_entity.id
_entity.type
_entity.pdbx_description
1 polymer 'Troponin C, slow skeletal and cardiac muscles'
2 non-polymer 'CALCIUM ION'
#
_entity_poly.entity_id   1
_entity_poly.type   'polypeptide(L)'
_entity_poly.pdbx_seq_one_letter_code
;MGKSEEELSDLFRMFDKNADGYIDLDELKIMLQATGETITEDDIEELMKDGDKNNDGRIDYDEFLEFMKDVE
;
_entity_poly.pdbx_strand_id   C
#
loop_
_chem_comp.id
_chem_comp.type
_chem_comp.name
_chem_comp.formula
CA non-polymer 'CALCIUM ION' 'Ca 2'
#
# COMPACT_ATOMS: atom_id res chain seq x y z
N MET A 1 1.25 -13.22 5.96
CA MET A 1 2.14 -14.22 5.29
C MET A 1 1.44 -15.57 5.33
N GLY A 2 1.90 -16.54 4.58
CA GLY A 2 1.23 -17.89 4.61
C GLY A 2 0.27 -18.06 3.43
N LYS A 3 0.53 -17.40 2.29
CA LYS A 3 -0.36 -17.55 1.07
C LYS A 3 -1.83 -17.18 1.37
N SER A 4 -2.09 -16.00 1.90
CA SER A 4 -3.52 -15.63 2.22
C SER A 4 -3.91 -14.30 1.52
N GLU A 5 -4.81 -14.38 0.55
CA GLU A 5 -5.33 -13.13 -0.13
C GLU A 5 -6.14 -12.29 0.89
N GLU A 6 -6.88 -12.94 1.79
CA GLU A 6 -7.75 -12.18 2.76
C GLU A 6 -6.90 -11.26 3.64
N GLU A 7 -5.74 -11.70 4.05
CA GLU A 7 -4.84 -10.84 4.87
C GLU A 7 -4.48 -9.57 4.06
N LEU A 8 -4.20 -9.75 2.78
CA LEU A 8 -3.86 -8.58 1.92
C LEU A 8 -5.04 -7.60 1.90
N SER A 9 -6.24 -8.13 1.81
CA SER A 9 -7.45 -7.24 1.82
C SER A 9 -7.52 -6.43 3.13
N ASP A 10 -7.25 -7.07 4.27
CA ASP A 10 -7.26 -6.34 5.58
C ASP A 10 -6.13 -5.31 5.62
N LEU A 11 -4.93 -5.70 5.23
CA LEU A 11 -3.77 -4.73 5.22
C LEU A 11 -4.06 -3.54 4.30
N PHE A 12 -4.73 -3.74 3.18
CA PHE A 12 -5.06 -2.57 2.26
C PHE A 12 -5.81 -1.49 3.04
N ARG A 13 -6.75 -1.90 3.88
CA ARG A 13 -7.51 -0.90 4.71
C ARG A 13 -6.53 -0.07 5.55
N MET A 14 -5.48 -0.69 6.08
CA MET A 14 -4.45 0.09 6.87
C MET A 14 -3.77 1.14 5.96
N PHE A 15 -3.53 0.79 4.71
CA PHE A 15 -2.81 1.75 3.78
C PHE A 15 -3.69 2.95 3.33
N ASP A 16 -4.95 2.75 2.98
CA ASP A 16 -5.78 3.93 2.47
C ASP A 16 -6.09 4.88 3.62
N LYS A 17 -6.02 6.16 3.37
CA LYS A 17 -6.24 7.17 4.49
C LYS A 17 -7.57 7.94 4.33
N ASN A 18 -7.96 8.27 3.13
CA ASN A 18 -9.24 9.06 2.94
C ASN A 18 -10.47 8.12 2.82
N ALA A 19 -10.29 6.80 2.99
CA ALA A 19 -11.40 5.79 2.75
C ALA A 19 -11.86 5.91 1.28
N ASP A 20 -10.94 6.30 0.41
CA ASP A 20 -11.27 6.49 -1.06
C ASP A 20 -11.14 5.18 -1.86
N GLY A 21 -10.60 4.12 -1.27
CA GLY A 21 -10.50 2.80 -2.00
C GLY A 21 -9.17 2.64 -2.75
N TYR A 22 -8.37 3.68 -2.86
CA TYR A 22 -7.04 3.57 -3.61
C TYR A 22 -5.93 4.06 -2.69
N ILE A 23 -4.78 3.45 -2.70
CA ILE A 23 -3.68 3.99 -1.83
C ILE A 23 -2.82 4.90 -2.72
N ASP A 24 -2.77 6.16 -2.42
CA ASP A 24 -1.90 7.11 -3.19
C ASP A 24 -0.63 7.29 -2.41
N LEU A 25 0.43 7.66 -3.06
CA LEU A 25 1.72 7.89 -2.32
C LEU A 25 1.50 8.88 -1.16
N ASP A 26 0.69 9.92 -1.37
CA ASP A 26 0.42 10.89 -0.25
C ASP A 26 -0.34 10.20 0.90
N GLU A 27 -1.30 9.31 0.59
CA GLU A 27 -1.99 8.55 1.73
C GLU A 27 -0.93 7.72 2.46
N LEU A 28 -0.01 7.15 1.70
CA LEU A 28 1.09 6.36 2.33
C LEU A 28 1.91 7.30 3.24
N LYS A 29 2.13 8.54 2.83
CA LYS A 29 2.90 9.52 3.73
C LYS A 29 2.19 9.64 5.08
N ILE A 30 0.87 9.70 5.08
CA ILE A 30 0.13 9.83 6.38
C ILE A 30 0.49 8.64 7.30
N MET A 31 0.69 7.45 6.73
CA MET A 31 1.12 6.28 7.60
C MET A 31 2.47 6.61 8.26
N LEU A 32 3.40 7.21 7.50
CA LEU A 32 4.72 7.65 8.08
C LEU A 32 4.53 8.84 9.01
N GLN A 33 3.58 9.71 8.73
CA GLN A 33 3.30 10.83 9.69
C GLN A 33 2.90 10.22 11.03
N ALA A 34 2.18 9.09 11.01
CA ALA A 34 1.80 8.39 12.29
C ALA A 34 3.08 7.91 13.01
N THR A 35 4.07 7.41 12.29
CA THR A 35 5.35 7.02 12.97
C THR A 35 6.20 8.29 13.29
N GLY A 36 5.91 9.39 12.62
CA GLY A 36 6.68 10.65 12.86
C GLY A 36 7.90 10.69 11.93
N GLU A 37 7.82 10.09 10.77
CA GLU A 37 8.99 10.10 9.82
C GLU A 37 8.68 10.99 8.61
N THR A 38 9.65 11.73 8.14
CA THR A 38 9.46 12.50 6.87
C THR A 38 9.86 11.58 5.71
N ILE A 39 9.06 11.48 4.67
CA ILE A 39 9.37 10.51 3.56
C ILE A 39 9.65 11.24 2.25
N THR A 40 10.58 10.77 1.49
CA THR A 40 10.82 11.36 0.13
C THR A 40 9.85 10.63 -0.84
N GLU A 41 9.41 11.29 -1.89
CA GLU A 41 8.36 10.68 -2.80
C GLU A 41 8.85 9.32 -3.37
N ASP A 42 10.13 9.20 -3.66
CA ASP A 42 10.67 7.90 -4.23
C ASP A 42 10.49 6.76 -3.24
N ASP A 43 10.70 6.99 -1.95
CA ASP A 43 10.55 5.87 -0.95
C ASP A 43 9.14 5.27 -1.07
N ILE A 44 8.16 6.11 -1.16
CA ILE A 44 6.76 5.63 -1.33
C ILE A 44 6.62 4.98 -2.72
N GLU A 45 7.14 5.62 -3.76
CA GLU A 45 7.00 5.05 -5.14
C GLU A 45 7.76 3.72 -5.27
N GLU A 46 8.96 3.62 -4.71
CA GLU A 46 9.70 2.29 -4.80
C GLU A 46 8.87 1.20 -4.11
N LEU A 47 8.25 1.52 -2.99
CA LEU A 47 7.36 0.52 -2.32
C LEU A 47 6.24 0.10 -3.28
N MET A 48 5.66 1.03 -4.01
CA MET A 48 4.58 0.67 -4.99
C MET A 48 5.13 -0.24 -6.10
N LYS A 49 6.33 0.02 -6.57
CA LYS A 49 6.91 -0.83 -7.68
C LYS A 49 6.98 -2.31 -7.28
N ASP A 50 7.21 -2.60 -6.01
CA ASP A 50 7.30 -4.05 -5.56
C ASP A 50 6.01 -4.82 -5.91
N GLY A 51 4.86 -4.22 -5.73
CA GLY A 51 3.58 -4.96 -5.94
C GLY A 51 2.64 -4.31 -6.94
N ASP A 52 2.78 -3.03 -7.24
CA ASP A 52 1.79 -2.37 -8.18
C ASP A 52 2.10 -2.84 -9.61
N LYS A 53 1.32 -3.76 -10.12
CA LYS A 53 1.54 -4.27 -11.53
C LYS A 53 1.46 -3.09 -12.53
N ASN A 54 0.57 -2.14 -12.32
CA ASN A 54 0.42 -0.99 -13.28
C ASN A 54 1.61 -0.01 -13.21
N ASN A 55 2.28 0.07 -12.05
CA ASN A 55 3.32 1.15 -11.81
C ASN A 55 2.65 2.53 -12.00
N ASP A 56 1.44 2.65 -11.48
CA ASP A 56 0.60 3.91 -11.63
C ASP A 56 0.85 4.94 -10.49
N GLY A 57 1.67 4.63 -9.53
CA GLY A 57 1.90 5.59 -8.39
C GLY A 57 0.75 5.51 -7.36
N ARG A 58 -0.09 4.50 -7.43
CA ARG A 58 -1.20 4.34 -6.42
C ARG A 58 -1.57 2.87 -6.31
N ILE A 59 -1.85 2.37 -5.15
CA ILE A 59 -2.17 0.94 -5.06
C ILE A 59 -3.68 0.75 -4.97
N ASP A 60 -4.22 0.06 -5.92
CA ASP A 60 -5.66 -0.30 -5.91
C ASP A 60 -5.81 -1.48 -4.98
N TYR A 61 -7.00 -1.77 -4.56
CA TYR A 61 -7.22 -2.96 -3.70
C TYR A 61 -6.65 -4.20 -4.42
N ASP A 62 -6.97 -4.39 -5.69
CA ASP A 62 -6.43 -5.56 -6.46
C ASP A 62 -4.90 -5.50 -6.54
N GLU A 63 -4.33 -4.32 -6.79
CA GLU A 63 -2.82 -4.22 -6.86
C GLU A 63 -2.24 -4.56 -5.49
N PHE A 64 -2.89 -4.11 -4.44
CA PHE A 64 -2.39 -4.40 -3.07
C PHE A 64 -2.39 -5.91 -2.82
N LEU A 65 -3.47 -6.59 -3.22
CA LEU A 65 -3.52 -8.10 -3.04
C LEU A 65 -2.29 -8.74 -3.70
N GLU A 66 -1.81 -8.18 -4.78
CA GLU A 66 -0.64 -8.78 -5.49
C GLU A 66 0.66 -8.69 -4.63
N PHE A 67 0.82 -7.65 -3.82
CA PHE A 67 2.13 -7.40 -3.06
C PHE A 67 2.63 -8.60 -2.25
N MET A 68 1.84 -9.12 -1.32
CA MET A 68 2.39 -10.22 -0.44
C MET A 68 1.44 -11.41 -0.39
N LYS A 69 1.00 -11.90 -1.52
CA LYS A 69 0.07 -13.09 -1.49
C LYS A 69 0.70 -14.27 -0.75
N ASP A 70 1.94 -14.59 -1.04
CA ASP A 70 2.58 -15.83 -0.46
C ASP A 70 3.31 -15.53 0.85
N VAL A 71 4.45 -14.86 0.77
CA VAL A 71 5.33 -14.59 1.99
C VAL A 71 5.44 -15.87 2.87
N GLU A 72 6.17 -16.84 2.37
CA GLU A 72 6.38 -18.13 3.11
C GLU A 72 7.83 -18.63 2.88
CA CA B . -1.34 0.95 -8.88
CA CA C . -6.93 6.13 -0.81
N MET A 1 -11.14 -15.02 8.42
CA MET A 1 -9.68 -15.24 8.59
C MET A 1 -9.35 -16.67 8.09
N GLY A 2 -8.10 -16.99 7.88
CA GLY A 2 -7.74 -18.36 7.41
C GLY A 2 -7.60 -18.37 5.90
N LYS A 3 -6.51 -17.80 5.38
CA LYS A 3 -6.22 -17.70 3.89
C LYS A 3 -7.42 -17.14 3.11
N SER A 4 -8.02 -16.11 3.57
CA SER A 4 -9.19 -15.52 2.87
C SER A 4 -8.84 -14.10 2.40
N GLU A 5 -9.39 -13.70 1.28
CA GLU A 5 -9.11 -12.34 0.71
C GLU A 5 -9.55 -11.24 1.71
N GLU A 6 -10.58 -11.51 2.50
CA GLU A 6 -11.06 -10.51 3.52
C GLU A 6 -9.90 -10.07 4.46
N GLU A 7 -8.99 -10.98 4.76
CA GLU A 7 -7.81 -10.63 5.64
C GLU A 7 -6.92 -9.61 4.90
N LEU A 8 -6.73 -9.79 3.61
CA LEU A 8 -5.90 -8.81 2.82
C LEU A 8 -6.58 -7.44 2.78
N SER A 9 -7.90 -7.40 2.62
CA SER A 9 -8.60 -6.06 2.62
C SER A 9 -8.41 -5.35 3.97
N ASP A 10 -8.40 -6.10 5.06
CA ASP A 10 -8.20 -5.47 6.41
C ASP A 10 -6.85 -4.74 6.43
N LEU A 11 -5.83 -5.40 5.89
CA LEU A 11 -4.48 -4.75 5.80
C LEU A 11 -4.54 -3.56 4.83
N PHE A 12 -5.26 -3.69 3.71
CA PHE A 12 -5.37 -2.53 2.73
C PHE A 12 -5.96 -1.32 3.45
N ARG A 13 -7.00 -1.52 4.23
CA ARG A 13 -7.64 -0.39 4.99
C ARG A 13 -6.59 0.35 5.86
N MET A 14 -5.64 -0.37 6.44
CA MET A 14 -4.55 0.34 7.22
C MET A 14 -3.74 1.22 6.26
N PHE A 15 -3.50 0.75 5.04
CA PHE A 15 -2.73 1.55 4.05
C PHE A 15 -3.59 2.67 3.46
N ASP A 16 -4.80 2.37 3.06
CA ASP A 16 -5.70 3.44 2.48
C ASP A 16 -6.11 4.43 3.60
N LYS A 17 -6.28 5.69 3.29
CA LYS A 17 -6.64 6.69 4.36
C LYS A 17 -8.12 7.13 4.25
N ASN A 18 -8.64 7.31 3.06
CA ASN A 18 -10.05 7.83 2.92
C ASN A 18 -11.08 6.72 2.66
N ALA A 19 -10.70 5.45 2.80
CA ALA A 19 -11.62 4.29 2.42
C ALA A 19 -11.98 4.43 0.92
N ASP A 20 -11.04 4.90 0.13
CA ASP A 20 -11.30 5.15 -1.35
C ASP A 20 -10.97 3.93 -2.23
N GLY A 21 -10.48 2.85 -1.66
CA GLY A 21 -10.20 1.63 -2.48
C GLY A 21 -8.78 1.65 -3.09
N TYR A 22 -8.06 2.75 -3.02
CA TYR A 22 -6.66 2.82 -3.58
C TYR A 22 -5.71 3.26 -2.51
N ILE A 23 -4.58 2.63 -2.37
CA ILE A 23 -3.57 3.19 -1.44
C ILE A 23 -2.74 4.11 -2.32
N ASP A 24 -2.96 5.38 -2.22
CA ASP A 24 -2.29 6.33 -3.12
C ASP A 24 -1.06 6.89 -2.44
N LEU A 25 -0.13 7.39 -3.21
CA LEU A 25 1.15 7.93 -2.63
C LEU A 25 0.85 8.91 -1.48
N ASP A 26 -0.08 9.83 -1.68
CA ASP A 26 -0.39 10.81 -0.59
C ASP A 26 -0.97 10.10 0.65
N GLU A 27 -1.84 9.11 0.47
CA GLU A 27 -2.37 8.33 1.66
C GLU A 27 -1.19 7.62 2.35
N LEU A 28 -0.28 7.08 1.56
CA LEU A 28 0.89 6.36 2.15
C LEU A 28 1.76 7.35 2.95
N LYS A 29 1.90 8.59 2.49
CA LYS A 29 2.74 9.60 3.29
C LYS A 29 2.18 9.73 4.72
N ILE A 30 0.87 9.70 4.87
CA ILE A 30 0.24 9.80 6.23
C ILE A 30 0.79 8.64 7.11
N MET A 31 0.90 7.45 6.54
CA MET A 31 1.44 6.27 7.32
C MET A 31 2.91 6.57 7.73
N LEU A 32 3.71 7.19 6.86
CA LEU A 32 5.13 7.53 7.23
C LEU A 32 5.18 8.56 8.36
N GLN A 33 4.28 9.53 8.36
CA GLN A 33 4.27 10.53 9.48
C GLN A 33 4.06 9.79 10.82
N ALA A 34 3.25 8.73 10.83
CA ALA A 34 3.02 7.93 12.09
C ALA A 34 4.33 7.27 12.55
N THR A 35 5.14 6.78 11.62
CA THR A 35 6.45 6.14 12.02
C THR A 35 7.40 7.19 12.64
N GLY A 36 7.34 8.42 12.17
CA GLY A 36 8.18 9.51 12.78
C GLY A 36 9.16 10.09 11.78
N GLU A 37 9.95 9.26 11.13
CA GLU A 37 10.95 9.81 10.14
C GLU A 37 10.24 10.55 9.01
N THR A 38 10.80 11.66 8.58
CA THR A 38 10.20 12.41 7.45
C THR A 38 10.70 11.77 6.15
N ILE A 39 9.82 11.42 5.26
CA ILE A 39 10.26 10.85 3.95
C ILE A 39 9.57 11.65 2.85
N THR A 40 10.23 11.90 1.76
CA THR A 40 9.49 12.53 0.62
C THR A 40 8.80 11.40 -0.16
N GLU A 41 7.82 11.70 -0.98
CA GLU A 41 7.07 10.58 -1.71
C GLU A 41 8.05 9.66 -2.49
N ASP A 42 9.24 10.14 -2.83
CA ASP A 42 10.21 9.32 -3.66
C ASP A 42 10.45 7.95 -3.02
N ASP A 43 10.73 7.90 -1.72
CA ASP A 43 10.97 6.55 -1.05
C ASP A 43 9.69 5.75 -1.07
N ILE A 44 8.59 6.38 -0.72
CA ILE A 44 7.25 5.69 -0.74
C ILE A 44 7.00 5.13 -2.15
N GLU A 45 7.29 5.90 -3.16
CA GLU A 45 7.08 5.43 -4.54
C GLU A 45 7.92 4.16 -4.79
N GLU A 46 9.13 4.06 -4.26
CA GLU A 46 9.94 2.81 -4.54
C GLU A 46 9.17 1.60 -3.99
N LEU A 47 8.59 1.74 -2.80
CA LEU A 47 7.72 0.63 -2.25
C LEU A 47 6.55 0.43 -3.21
N MET A 48 5.95 1.53 -3.64
CA MET A 48 4.80 1.43 -4.59
C MET A 48 5.22 0.75 -5.90
N LYS A 49 6.41 1.04 -6.42
CA LYS A 49 6.86 0.39 -7.71
C LYS A 49 6.89 -1.15 -7.58
N ASP A 50 7.32 -1.67 -6.44
CA ASP A 50 7.35 -3.18 -6.28
C ASP A 50 5.93 -3.74 -6.41
N GLY A 51 4.93 -3.07 -5.89
CA GLY A 51 3.53 -3.57 -5.98
C GLY A 51 2.83 -3.02 -7.23
N ASP A 52 2.96 -1.74 -7.49
CA ASP A 52 2.27 -1.13 -8.70
C ASP A 52 3.00 -1.54 -9.99
N LYS A 53 3.07 -2.83 -10.27
CA LYS A 53 3.67 -3.30 -11.58
C LYS A 53 2.85 -2.72 -12.75
N ASN A 54 1.56 -2.50 -12.54
CA ASN A 54 0.70 -1.82 -13.58
C ASN A 54 1.31 -0.45 -13.98
N ASN A 55 2.04 0.18 -13.05
CA ASN A 55 2.69 1.53 -13.28
C ASN A 55 1.64 2.63 -13.45
N ASP A 56 0.57 2.58 -12.69
CA ASP A 56 -0.42 3.73 -12.66
C ASP A 56 -0.05 4.72 -11.52
N GLY A 57 1.00 4.46 -10.78
CA GLY A 57 1.45 5.42 -9.70
C GLY A 57 0.59 5.32 -8.44
N ARG A 58 -0.39 4.44 -8.38
CA ARG A 58 -1.23 4.34 -7.15
C ARG A 58 -1.34 2.85 -6.80
N ILE A 59 -1.35 2.50 -5.55
CA ILE A 59 -1.47 1.07 -5.23
C ILE A 59 -2.95 0.70 -5.27
N ASP A 60 -3.29 -0.13 -6.21
CA ASP A 60 -4.68 -0.58 -6.42
C ASP A 60 -4.93 -1.78 -5.53
N TYR A 61 -6.17 -2.08 -5.23
CA TYR A 61 -6.46 -3.21 -4.28
C TYR A 61 -5.81 -4.50 -4.78
N ASP A 62 -5.97 -4.84 -6.06
CA ASP A 62 -5.30 -6.08 -6.58
C ASP A 62 -3.78 -5.97 -6.44
N GLU A 63 -3.19 -4.80 -6.70
CA GLU A 63 -1.70 -4.64 -6.48
C GLU A 63 -1.39 -4.91 -5.02
N PHE A 64 -2.25 -4.45 -4.12
CA PHE A 64 -2.05 -4.75 -2.68
C PHE A 64 -2.11 -6.27 -2.48
N LEU A 65 -3.04 -6.93 -3.14
CA LEU A 65 -3.09 -8.45 -3.05
C LEU A 65 -1.77 -9.02 -3.61
N GLU A 66 -1.23 -8.40 -4.66
CA GLU A 66 0.05 -8.90 -5.26
C GLU A 66 1.21 -8.82 -4.22
N PHE A 67 1.25 -7.80 -3.37
CA PHE A 67 2.37 -7.70 -2.34
C PHE A 67 2.39 -8.95 -1.44
N MET A 68 1.23 -9.41 -0.99
CA MET A 68 1.20 -10.55 0.01
C MET A 68 0.84 -11.92 -0.60
N LYS A 69 0.67 -12.04 -1.91
CA LYS A 69 0.26 -13.38 -2.45
C LYS A 69 1.45 -14.35 -2.62
N ASP A 70 2.18 -14.61 -1.54
CA ASP A 70 3.34 -15.63 -1.50
C ASP A 70 4.46 -15.36 -2.53
N VAL A 71 4.13 -15.29 -3.81
CA VAL A 71 5.13 -15.07 -4.94
C VAL A 71 6.46 -15.86 -4.76
N GLU A 72 6.53 -17.07 -5.29
CA GLU A 72 7.81 -17.87 -5.23
C GLU A 72 8.85 -17.25 -6.20
CA CA B . -1.48 0.83 -9.28
CA CA C . -6.98 5.37 -0.83
N MET A 1 -1.71 -12.56 9.18
CA MET A 1 -2.21 -11.54 8.20
C MET A 1 -1.56 -11.84 6.84
N GLY A 2 -2.34 -11.93 5.81
CA GLY A 2 -1.81 -12.34 4.47
C GLY A 2 -2.21 -13.81 4.22
N LYS A 3 -2.69 -14.51 5.24
CA LYS A 3 -3.22 -15.90 5.05
C LYS A 3 -4.46 -15.85 4.16
N SER A 4 -5.33 -14.90 4.40
CA SER A 4 -6.58 -14.81 3.59
C SER A 4 -6.71 -13.40 3.01
N GLU A 5 -7.29 -13.30 1.84
CA GLU A 5 -7.48 -11.95 1.20
C GLU A 5 -8.37 -11.04 2.08
N GLU A 6 -9.34 -11.59 2.79
CA GLU A 6 -10.19 -10.74 3.70
C GLU A 6 -9.28 -10.02 4.71
N GLU A 7 -8.23 -10.67 5.18
CA GLU A 7 -7.25 -10.00 6.09
C GLU A 7 -6.55 -8.89 5.27
N LEU A 8 -6.16 -9.20 4.05
CA LEU A 8 -5.48 -8.18 3.17
C LEU A 8 -6.45 -7.02 2.88
N SER A 9 -7.71 -7.32 2.67
CA SER A 9 -8.72 -6.23 2.45
C SER A 9 -8.78 -5.34 3.71
N ASP A 10 -8.71 -5.93 4.89
CA ASP A 10 -8.69 -5.11 6.15
C ASP A 10 -7.45 -4.24 6.15
N LEU A 11 -6.31 -4.83 5.83
CA LEU A 11 -5.02 -4.07 5.78
C LEU A 11 -5.09 -2.98 4.70
N PHE A 12 -5.67 -3.27 3.56
CA PHE A 12 -5.75 -2.25 2.46
C PHE A 12 -6.47 -1.00 2.97
N ARG A 13 -7.58 -1.18 3.67
CA ARG A 13 -8.32 0.00 4.23
C ARG A 13 -7.41 0.80 5.19
N MET A 14 -6.54 0.14 5.93
CA MET A 14 -5.55 0.90 6.79
C MET A 14 -4.64 1.73 5.85
N PHE A 15 -4.30 1.19 4.70
CA PHE A 15 -3.43 1.94 3.70
C PHE A 15 -4.26 3.03 2.97
N ASP A 16 -5.42 2.71 2.46
CA ASP A 16 -6.26 3.72 1.69
C ASP A 16 -6.98 4.64 2.68
N LYS A 17 -6.45 5.83 2.90
CA LYS A 17 -7.07 6.79 3.89
C LYS A 17 -8.47 7.24 3.45
N ASN A 18 -8.68 7.48 2.17
CA ASN A 18 -10.04 7.99 1.72
C ASN A 18 -11.02 6.85 1.45
N ALA A 19 -10.64 5.58 1.63
CA ALA A 19 -11.55 4.43 1.28
C ALA A 19 -12.01 4.56 -0.19
N ASP A 20 -11.14 5.07 -1.05
CA ASP A 20 -11.47 5.23 -2.52
C ASP A 20 -11.17 3.93 -3.31
N GLY A 21 -10.64 2.92 -2.67
CA GLY A 21 -10.33 1.64 -3.39
C GLY A 21 -8.85 1.63 -3.83
N TYR A 22 -8.13 2.71 -3.68
CA TYR A 22 -6.69 2.75 -4.09
C TYR A 22 -5.86 3.26 -2.92
N ILE A 23 -4.71 2.70 -2.69
CA ILE A 23 -3.81 3.31 -1.67
C ILE A 23 -3.01 4.36 -2.44
N ASP A 24 -3.22 5.58 -2.10
CA ASP A 24 -2.62 6.72 -2.85
C ASP A 24 -1.35 7.16 -2.15
N LEU A 25 -0.44 7.76 -2.89
CA LEU A 25 0.88 8.18 -2.29
C LEU A 25 0.63 9.07 -1.05
N ASP A 26 -0.29 10.01 -1.13
CA ASP A 26 -0.59 10.88 0.07
C ASP A 26 -1.08 10.03 1.22
N GLU A 27 -1.93 9.07 0.94
CA GLU A 27 -2.45 8.14 2.00
C GLU A 27 -1.28 7.34 2.59
N LEU A 28 -0.33 6.97 1.76
CA LEU A 28 0.84 6.18 2.25
C LEU A 28 1.76 7.05 3.13
N LYS A 29 1.87 8.35 2.88
CA LYS A 29 2.77 9.21 3.73
C LYS A 29 2.34 9.20 5.21
N ILE A 30 1.05 9.24 5.44
CA ILE A 30 0.53 9.34 6.84
C ILE A 30 0.99 8.14 7.72
N MET A 31 1.21 6.96 7.15
CA MET A 31 1.75 5.84 8.01
C MET A 31 3.25 6.01 8.22
N LEU A 32 3.97 6.47 7.22
CA LEU A 32 5.46 6.63 7.38
C LEU A 32 5.77 7.73 8.42
N GLN A 33 5.06 8.83 8.40
CA GLN A 33 5.30 9.88 9.47
C GLN A 33 4.96 9.28 10.86
N ALA A 34 3.99 8.36 10.92
CA ALA A 34 3.66 7.66 12.22
C ALA A 34 4.79 6.67 12.54
N THR A 35 5.49 6.20 11.53
CA THR A 35 6.61 5.27 11.74
C THR A 35 7.76 6.01 12.51
N GLY A 36 7.84 7.33 12.40
CA GLY A 36 8.90 8.09 13.15
C GLY A 36 9.94 8.68 12.19
N GLU A 37 10.00 8.23 10.95
CA GLU A 37 10.95 8.84 9.99
C GLU A 37 10.13 9.57 8.92
N THR A 38 10.48 10.77 8.60
CA THR A 38 9.75 11.47 7.50
C THR A 38 10.50 11.17 6.20
N ILE A 39 9.80 10.79 5.17
CA ILE A 39 10.47 10.40 3.89
C ILE A 39 9.99 11.34 2.80
N THR A 40 10.75 11.50 1.76
CA THR A 40 10.27 12.33 0.63
C THR A 40 9.32 11.47 -0.24
N GLU A 41 8.57 12.09 -1.12
CA GLU A 41 7.59 11.32 -1.97
C GLU A 41 8.36 10.23 -2.77
N ASP A 42 9.58 10.52 -3.14
CA ASP A 42 10.39 9.60 -4.02
C ASP A 42 10.51 8.21 -3.39
N ASP A 43 10.92 8.14 -2.12
CA ASP A 43 11.07 6.78 -1.47
C ASP A 43 9.71 6.08 -1.41
N ILE A 44 8.70 6.82 -1.02
CA ILE A 44 7.33 6.24 -0.94
C ILE A 44 6.88 5.79 -2.34
N GLU A 45 7.12 6.60 -3.36
CA GLU A 45 6.72 6.18 -4.74
C GLU A 45 7.48 4.89 -5.08
N GLU A 46 8.75 4.76 -4.71
CA GLU A 46 9.49 3.46 -4.97
C GLU A 46 8.86 2.31 -4.18
N LEU A 47 8.41 2.55 -2.97
CA LEU A 47 7.64 1.47 -2.23
C LEU A 47 6.42 1.10 -3.08
N MET A 48 5.77 2.11 -3.64
CA MET A 48 4.61 1.87 -4.55
C MET A 48 5.05 1.09 -5.81
N LYS A 49 6.25 1.34 -6.33
CA LYS A 49 6.72 0.64 -7.61
C LYS A 49 6.67 -0.88 -7.47
N ASP A 50 7.09 -1.43 -6.34
CA ASP A 50 7.08 -2.94 -6.23
C ASP A 50 5.65 -3.47 -6.33
N GLY A 51 4.73 -2.82 -5.67
CA GLY A 51 3.31 -3.27 -5.68
C GLY A 51 2.60 -2.81 -6.96
N ASP A 52 2.76 -1.56 -7.37
CA ASP A 52 2.02 -1.05 -8.59
C ASP A 52 2.61 -1.67 -9.85
N LYS A 53 2.36 -2.94 -10.08
CA LYS A 53 2.84 -3.62 -11.35
C LYS A 53 2.24 -2.92 -12.57
N ASN A 54 0.98 -2.53 -12.47
CA ASN A 54 0.32 -1.80 -13.60
C ASN A 54 1.04 -0.46 -13.85
N ASN A 55 1.71 0.09 -12.83
CA ASN A 55 2.34 1.47 -12.94
C ASN A 55 1.24 2.48 -13.24
N ASP A 56 0.11 2.35 -12.57
CA ASP A 56 -1.04 3.31 -12.77
C ASP A 56 -0.96 4.48 -11.77
N GLY A 57 0.04 4.52 -10.90
CA GLY A 57 0.17 5.67 -9.95
C GLY A 57 -0.41 5.36 -8.55
N ARG A 58 -1.23 4.34 -8.42
CA ARG A 58 -1.79 4.01 -7.05
C ARG A 58 -1.57 2.54 -6.77
N ILE A 59 -1.52 2.18 -5.50
CA ILE A 59 -1.47 0.75 -5.18
C ILE A 59 -2.91 0.28 -5.13
N ASP A 60 -3.25 -0.57 -6.02
CA ASP A 60 -4.64 -1.11 -6.13
C ASP A 60 -4.70 -2.34 -5.24
N TYR A 61 -5.86 -2.78 -4.84
CA TYR A 61 -5.91 -3.93 -3.87
C TYR A 61 -5.12 -5.15 -4.38
N ASP A 62 -5.25 -5.52 -5.63
CA ASP A 62 -4.43 -6.69 -6.16
C ASP A 62 -2.94 -6.38 -6.00
N GLU A 63 -2.54 -5.15 -6.25
CA GLU A 63 -1.10 -4.74 -6.03
C GLU A 63 -0.81 -4.79 -4.52
N PHE A 64 -1.77 -4.39 -3.71
CA PHE A 64 -1.60 -4.48 -2.22
C PHE A 64 -1.36 -5.94 -1.81
N LEU A 65 -2.05 -6.89 -2.44
CA LEU A 65 -1.82 -8.35 -2.10
C LEU A 65 -0.33 -8.69 -2.26
N GLU A 66 0.34 -8.10 -3.23
CA GLU A 66 1.81 -8.34 -3.43
C GLU A 66 2.60 -8.01 -2.15
N PHE A 67 2.25 -6.96 -1.45
CA PHE A 67 3.05 -6.56 -0.23
C PHE A 67 2.95 -7.62 0.88
N MET A 68 1.78 -8.17 1.15
CA MET A 68 1.63 -9.13 2.31
C MET A 68 1.30 -10.59 1.86
N LYS A 69 1.38 -10.90 0.58
CA LYS A 69 1.04 -12.32 0.11
C LYS A 69 1.90 -13.37 0.84
N ASP A 70 3.19 -13.16 0.89
CA ASP A 70 4.11 -14.15 1.52
C ASP A 70 4.58 -13.67 2.90
N VAL A 71 4.16 -14.36 3.94
CA VAL A 71 4.62 -14.04 5.33
C VAL A 71 4.93 -15.37 6.06
N GLU A 72 6.03 -15.41 6.80
CA GLU A 72 6.46 -16.65 7.57
C GLU A 72 6.37 -17.94 6.71
CA CA B . -1.68 0.29 -9.28
CA CA C . -7.00 5.93 -1.64
N MET A 1 -2.12 -12.69 7.46
CA MET A 1 -1.19 -13.78 7.90
C MET A 1 -0.93 -14.73 6.72
N GLY A 2 -1.96 -15.21 6.09
CA GLY A 2 -1.80 -16.07 4.91
C GLY A 2 -1.87 -15.18 3.69
N LYS A 3 -2.63 -15.58 2.71
CA LYS A 3 -2.84 -14.75 1.50
C LYS A 3 -4.32 -14.89 1.05
N SER A 4 -5.24 -14.74 1.96
CA SER A 4 -6.70 -14.86 1.60
C SER A 4 -7.27 -13.46 1.32
N GLU A 5 -8.28 -13.39 0.48
CA GLU A 5 -8.86 -12.04 0.08
C GLU A 5 -9.31 -11.24 1.31
N GLU A 6 -9.87 -11.90 2.30
CA GLU A 6 -10.29 -11.15 3.54
C GLU A 6 -9.05 -10.52 4.20
N GLU A 7 -7.95 -11.27 4.25
CA GLU A 7 -6.69 -10.70 4.86
C GLU A 7 -6.17 -9.55 3.99
N LEU A 8 -6.22 -9.71 2.67
CA LEU A 8 -5.71 -8.61 1.76
C LEU A 8 -6.50 -7.34 2.06
N SER A 9 -7.80 -7.47 2.16
CA SER A 9 -8.68 -6.31 2.48
C SER A 9 -8.36 -5.74 3.88
N ASP A 10 -8.13 -6.59 4.86
CA ASP A 10 -7.81 -6.06 6.24
C ASP A 10 -6.45 -5.38 6.26
N LEU A 11 -5.44 -5.98 5.66
CA LEU A 11 -4.09 -5.29 5.59
C LEU A 11 -4.25 -4.01 4.78
N PHE A 12 -5.03 -4.05 3.72
CA PHE A 12 -5.28 -2.82 2.88
C PHE A 12 -5.89 -1.73 3.77
N ARG A 13 -6.80 -2.13 4.65
CA ARG A 13 -7.51 -1.16 5.56
C ARG A 13 -6.48 -0.29 6.31
N MET A 14 -5.37 -0.89 6.76
CA MET A 14 -4.32 -0.08 7.47
C MET A 14 -3.72 0.95 6.50
N PHE A 15 -3.47 0.56 5.27
CA PHE A 15 -2.88 1.52 4.27
C PHE A 15 -3.88 2.59 3.80
N ASP A 16 -5.12 2.23 3.50
CA ASP A 16 -6.07 3.24 2.92
C ASP A 16 -6.77 4.06 3.99
N LYS A 17 -6.87 5.34 3.79
CA LYS A 17 -7.62 6.20 4.76
C LYS A 17 -8.88 6.84 4.13
N ASN A 18 -8.93 6.99 2.81
CA ASN A 18 -10.17 7.60 2.17
C ASN A 18 -11.26 6.53 1.92
N ALA A 19 -11.02 5.26 2.23
CA ALA A 19 -12.04 4.15 1.98
C ALA A 19 -12.39 4.01 0.46
N ASP A 20 -11.63 4.64 -0.43
CA ASP A 20 -11.88 4.51 -1.93
C ASP A 20 -11.60 3.08 -2.43
N GLY A 21 -10.77 2.32 -1.74
CA GLY A 21 -10.42 0.94 -2.20
C GLY A 21 -9.04 0.95 -2.89
N TYR A 22 -8.41 2.11 -3.02
CA TYR A 22 -7.04 2.20 -3.64
C TYR A 22 -6.14 2.94 -2.65
N ILE A 23 -4.94 2.50 -2.44
CA ILE A 23 -4.05 3.24 -1.51
C ILE A 23 -3.38 4.33 -2.33
N ASP A 24 -3.78 5.53 -2.15
CA ASP A 24 -3.18 6.66 -2.91
C ASP A 24 -1.89 7.04 -2.26
N LEU A 25 -0.93 7.53 -3.01
CA LEU A 25 0.33 8.02 -2.37
C LEU A 25 -0.06 9.08 -1.30
N ASP A 26 -1.08 9.89 -1.59
CA ASP A 26 -1.58 10.89 -0.58
C ASP A 26 -2.07 10.17 0.69
N GLU A 27 -2.78 9.05 0.54
CA GLU A 27 -3.20 8.25 1.76
C GLU A 27 -1.94 7.62 2.39
N LEU A 28 -1.07 7.09 1.55
CA LEU A 28 0.18 6.38 2.01
C LEU A 28 1.10 7.30 2.78
N LYS A 29 1.29 8.53 2.34
CA LYS A 29 2.25 9.43 3.07
C LYS A 29 1.82 9.60 4.53
N ILE A 30 0.52 9.65 4.80
CA ILE A 30 0.06 9.86 6.23
C ILE A 30 0.62 8.73 7.11
N MET A 31 0.57 7.49 6.65
CA MET A 31 1.16 6.37 7.44
C MET A 31 2.68 6.65 7.58
N LEU A 32 3.31 7.13 6.52
CA LEU A 32 4.77 7.53 6.63
C LEU A 32 4.92 8.71 7.59
N GLN A 33 4.04 9.69 7.53
CA GLN A 33 4.13 10.89 8.44
C GLN A 33 4.09 10.44 9.91
N ALA A 34 3.33 9.42 10.22
CA ALA A 34 3.33 8.92 11.64
C ALA A 34 4.75 8.40 12.00
N THR A 35 5.42 7.75 11.06
CA THR A 35 6.80 7.23 11.33
C THR A 35 7.91 8.30 11.06
N GLY A 36 7.70 9.24 10.18
CA GLY A 36 8.77 10.26 9.87
C GLY A 36 8.12 11.53 9.31
N GLU A 37 8.91 12.55 9.09
CA GLU A 37 8.33 13.85 8.60
C GLU A 37 8.00 13.78 7.08
N THR A 38 9.00 13.79 6.23
CA THR A 38 8.72 13.82 4.75
C THR A 38 9.26 12.56 4.00
N ILE A 39 9.86 11.60 4.71
CA ILE A 39 10.39 10.33 4.07
C ILE A 39 11.50 10.66 3.03
N THR A 40 12.16 9.65 2.51
CA THR A 40 13.26 9.86 1.51
C THR A 40 12.75 9.62 0.06
N GLU A 41 11.43 9.69 -0.17
CA GLU A 41 10.81 9.41 -1.54
C GLU A 41 11.06 7.94 -1.96
N ASP A 42 12.30 7.56 -2.17
CA ASP A 42 12.65 6.16 -2.58
C ASP A 42 12.01 5.14 -1.64
N ASP A 43 11.94 5.43 -0.34
CA ASP A 43 11.33 4.44 0.62
C ASP A 43 9.90 4.12 0.19
N ILE A 44 9.12 5.13 -0.11
CA ILE A 44 7.73 4.90 -0.59
C ILE A 44 7.77 4.24 -1.97
N GLU A 45 8.54 4.78 -2.88
CA GLU A 45 8.54 4.23 -4.28
C GLU A 45 9.07 2.80 -4.35
N GLU A 46 10.08 2.44 -3.58
CA GLU A 46 10.58 1.02 -3.64
C GLU A 46 9.41 0.10 -3.22
N LEU A 47 8.72 0.47 -2.15
CA LEU A 47 7.49 -0.31 -1.74
C LEU A 47 6.41 -0.15 -2.83
N MET A 48 6.18 1.06 -3.29
CA MET A 48 5.06 1.31 -4.23
C MET A 48 5.28 0.61 -5.57
N LYS A 49 6.49 0.59 -6.11
CA LYS A 49 6.70 -0.02 -7.48
C LYS A 49 6.33 -1.52 -7.54
N ASP A 50 6.62 -2.32 -6.53
CA ASP A 50 6.22 -3.79 -6.65
C ASP A 50 4.70 -3.90 -6.76
N GLY A 51 4.00 -3.13 -5.96
CA GLY A 51 2.52 -3.17 -5.98
C GLY A 51 1.98 -2.36 -7.15
N ASP A 52 2.35 -1.08 -7.28
CA ASP A 52 1.76 -0.22 -8.37
C ASP A 52 2.31 -0.66 -9.72
N LYS A 53 1.69 -1.64 -10.30
CA LYS A 53 2.18 -2.22 -11.61
C LYS A 53 2.22 -1.14 -12.69
N ASN A 54 1.22 -0.30 -12.76
CA ASN A 54 1.20 0.76 -13.83
C ASN A 54 1.88 2.06 -13.35
N ASN A 55 2.40 2.11 -12.12
CA ASN A 55 2.96 3.41 -11.58
C ASN A 55 1.88 4.50 -11.73
N ASP A 56 0.64 4.15 -11.47
CA ASP A 56 -0.50 5.14 -11.63
C ASP A 56 -0.60 6.10 -10.44
N GLY A 57 0.27 6.00 -9.46
CA GLY A 57 0.24 6.97 -8.32
C GLY A 57 -0.46 6.39 -7.10
N ARG A 58 -1.03 5.20 -7.18
CA ARG A 58 -1.67 4.60 -5.98
C ARG A 58 -1.52 3.09 -6.03
N ILE A 59 -1.56 2.45 -4.88
CA ILE A 59 -1.58 0.98 -4.88
C ILE A 59 -3.04 0.60 -4.95
N ASP A 60 -3.44 0.18 -6.07
CA ASP A 60 -4.84 -0.23 -6.30
C ASP A 60 -5.03 -1.55 -5.54
N TYR A 61 -6.22 -1.86 -5.09
CA TYR A 61 -6.36 -3.11 -4.23
C TYR A 61 -5.72 -4.33 -4.90
N ASP A 62 -5.95 -4.52 -6.16
CA ASP A 62 -5.30 -5.67 -6.92
C ASP A 62 -3.76 -5.52 -6.85
N GLU A 63 -3.24 -4.31 -6.93
CA GLU A 63 -1.75 -4.09 -6.76
C GLU A 63 -1.36 -4.41 -5.31
N PHE A 64 -2.20 -4.03 -4.36
CA PHE A 64 -1.90 -4.32 -2.92
C PHE A 64 -1.78 -5.83 -2.68
N LEU A 65 -2.61 -6.63 -3.35
CA LEU A 65 -2.57 -8.12 -3.15
C LEU A 65 -1.12 -8.63 -3.36
N GLU A 66 -0.38 -8.02 -4.27
CA GLU A 66 1.04 -8.44 -4.53
C GLU A 66 1.89 -8.35 -3.23
N PHE A 67 1.64 -7.40 -2.35
CA PHE A 67 2.50 -7.35 -1.09
C PHE A 67 2.28 -8.61 -0.23
N MET A 68 1.06 -9.10 -0.15
CA MET A 68 0.76 -10.31 0.70
C MET A 68 1.43 -11.61 0.18
N LYS A 69 1.65 -11.76 -1.12
CA LYS A 69 2.25 -13.07 -1.63
C LYS A 69 3.62 -13.37 -1.00
N ASP A 70 4.41 -12.34 -0.71
CA ASP A 70 5.77 -12.61 -0.13
C ASP A 70 5.63 -13.11 1.31
N VAL A 71 6.22 -14.24 1.60
CA VAL A 71 6.19 -14.80 2.98
C VAL A 71 7.59 -15.31 3.36
N GLU A 72 7.90 -15.37 4.64
CA GLU A 72 9.24 -15.87 5.11
C GLU A 72 9.04 -16.94 6.17
CA CA B . -1.69 1.49 -9.14
CA CA C . -7.46 4.70 -0.63
N MET A 1 3.44 -10.82 7.44
CA MET A 1 3.00 -12.24 7.24
C MET A 1 1.61 -12.21 6.59
N GLY A 2 1.43 -12.91 5.50
CA GLY A 2 0.10 -12.92 4.81
C GLY A 2 0.12 -14.04 3.78
N LYS A 3 -0.72 -15.04 3.94
CA LYS A 3 -0.74 -16.19 2.96
C LYS A 3 -2.05 -16.17 2.10
N SER A 4 -3.13 -15.62 2.62
CA SER A 4 -4.43 -15.67 1.89
C SER A 4 -4.86 -14.25 1.44
N GLU A 5 -5.48 -14.14 0.29
CA GLU A 5 -5.92 -12.82 -0.27
C GLU A 5 -6.85 -12.09 0.71
N GLU A 6 -7.70 -12.80 1.41
CA GLU A 6 -8.62 -12.12 2.38
C GLU A 6 -7.78 -11.42 3.47
N GLU A 7 -6.69 -12.03 3.90
CA GLU A 7 -5.80 -11.37 4.90
C GLU A 7 -5.15 -10.13 4.24
N LEU A 8 -4.74 -10.24 2.99
CA LEU A 8 -4.16 -9.04 2.28
C LEU A 8 -5.24 -7.95 2.22
N SER A 9 -6.45 -8.33 1.93
CA SER A 9 -7.59 -7.37 1.83
C SER A 9 -7.82 -6.62 3.16
N ASP A 10 -7.68 -7.30 4.29
CA ASP A 10 -7.99 -6.63 5.61
C ASP A 10 -7.04 -5.45 5.87
N LEU A 11 -5.78 -5.62 5.54
CA LEU A 11 -4.77 -4.50 5.74
C LEU A 11 -5.09 -3.28 4.85
N PHE A 12 -5.70 -3.49 3.70
CA PHE A 12 -5.95 -2.35 2.74
C PHE A 12 -6.61 -1.15 3.44
N ARG A 13 -7.61 -1.38 4.28
CA ARG A 13 -8.28 -0.21 4.99
C ARG A 13 -7.24 0.55 5.83
N MET A 14 -6.32 -0.16 6.46
CA MET A 14 -5.24 0.53 7.26
C MET A 14 -4.37 1.36 6.32
N PHE A 15 -4.09 0.84 5.14
CA PHE A 15 -3.23 1.59 4.18
C PHE A 15 -3.93 2.81 3.60
N ASP A 16 -5.17 2.67 3.18
CA ASP A 16 -5.84 3.85 2.52
C ASP A 16 -6.47 4.78 3.58
N LYS A 17 -5.92 5.95 3.75
CA LYS A 17 -6.49 6.94 4.76
C LYS A 17 -7.85 7.49 4.29
N ASN A 18 -7.95 7.87 3.04
CA ASN A 18 -9.21 8.54 2.52
C ASN A 18 -10.42 7.60 2.48
N ALA A 19 -10.20 6.31 2.28
CA ALA A 19 -11.32 5.32 1.99
C ALA A 19 -11.82 5.53 0.53
N ASP A 20 -11.01 6.17 -0.30
CA ASP A 20 -11.32 6.38 -1.76
C ASP A 20 -11.38 5.03 -2.54
N GLY A 21 -10.69 4.02 -2.07
CA GLY A 21 -10.63 2.70 -2.79
C GLY A 21 -9.27 2.52 -3.50
N TYR A 22 -8.48 3.57 -3.67
CA TYR A 22 -7.11 3.41 -4.29
C TYR A 22 -6.09 3.98 -3.32
N ILE A 23 -4.98 3.33 -3.10
CA ILE A 23 -3.99 3.92 -2.15
C ILE A 23 -3.11 4.89 -2.93
N ASP A 24 -3.01 6.06 -2.40
CA ASP A 24 -2.26 7.17 -3.03
C ASP A 24 -0.92 7.32 -2.31
N LEU A 25 0.04 7.93 -2.96
CA LEU A 25 1.37 8.18 -2.30
C LEU A 25 1.14 8.93 -0.97
N ASP A 26 0.27 9.91 -0.96
CA ASP A 26 -0.01 10.66 0.31
C ASP A 26 -0.68 9.77 1.36
N GLU A 27 -1.64 8.94 0.97
CA GLU A 27 -2.30 8.04 1.99
C GLU A 27 -1.25 7.09 2.58
N LEU A 28 -0.37 6.58 1.76
CA LEU A 28 0.76 5.75 2.26
C LEU A 28 1.72 6.65 3.09
N LYS A 29 1.95 7.86 2.61
CA LYS A 29 2.87 8.83 3.32
C LYS A 29 2.38 9.12 4.74
N ILE A 30 1.09 9.32 4.93
CA ILE A 30 0.59 9.59 6.34
C ILE A 30 0.96 8.37 7.23
N MET A 31 0.83 7.17 6.72
CA MET A 31 1.23 5.94 7.52
C MET A 31 2.73 6.02 7.78
N LEU A 32 3.49 6.39 6.77
CA LEU A 32 4.98 6.45 6.91
C LEU A 32 5.36 7.58 7.88
N GLN A 33 4.69 8.72 7.79
CA GLN A 33 4.97 9.83 8.79
C GLN A 33 4.72 9.34 10.22
N ALA A 34 3.79 8.42 10.41
CA ALA A 34 3.53 7.87 11.78
C ALA A 34 4.79 7.14 12.30
N THR A 35 5.64 6.60 11.43
CA THR A 35 6.87 5.88 11.94
C THR A 35 7.89 6.91 12.52
N GLY A 36 7.89 8.15 12.05
CA GLY A 36 8.83 9.16 12.64
C GLY A 36 9.17 10.24 11.61
N GLU A 37 10.40 10.28 11.17
CA GLU A 37 10.84 11.32 10.18
C GLU A 37 10.03 11.18 8.88
N THR A 38 9.73 12.30 8.25
CA THR A 38 8.95 12.26 6.98
C THR A 38 9.85 11.73 5.84
N ILE A 39 9.28 11.04 4.87
CA ILE A 39 10.11 10.49 3.74
C ILE A 39 9.87 11.35 2.50
N THR A 40 10.88 11.51 1.69
CA THR A 40 10.77 12.36 0.44
C THR A 40 9.82 11.69 -0.59
N GLU A 41 9.37 12.44 -1.57
CA GLU A 41 8.37 11.93 -2.57
C GLU A 41 9.06 10.92 -3.55
N ASP A 42 9.78 9.95 -3.05
CA ASP A 42 10.49 8.96 -3.95
C ASP A 42 10.48 7.60 -3.28
N ASP A 43 11.12 7.46 -2.14
CA ASP A 43 11.13 6.13 -1.42
C ASP A 43 9.69 5.66 -1.16
N ILE A 44 8.79 6.57 -0.84
CA ILE A 44 7.35 6.19 -0.65
C ILE A 44 6.83 5.56 -1.96
N GLU A 45 7.19 6.13 -3.11
CA GLU A 45 6.77 5.52 -4.40
C GLU A 45 7.43 4.12 -4.53
N GLU A 46 8.67 3.97 -4.11
CA GLU A 46 9.33 2.59 -4.18
C GLU A 46 8.49 1.62 -3.32
N LEU A 47 8.00 2.07 -2.18
CA LEU A 47 7.09 1.18 -1.36
C LEU A 47 5.83 0.89 -2.19
N MET A 48 5.31 1.87 -2.89
CA MET A 48 4.10 1.61 -3.77
C MET A 48 4.49 0.58 -4.87
N LYS A 49 5.70 0.71 -5.43
CA LYS A 49 6.21 -0.28 -6.48
C LYS A 49 6.23 -1.71 -5.92
N ASP A 50 6.47 -1.86 -4.62
CA ASP A 50 6.45 -3.24 -4.00
C ASP A 50 5.13 -3.94 -4.35
N GLY A 51 4.05 -3.19 -4.45
CA GLY A 51 2.75 -3.78 -4.84
C GLY A 51 2.46 -3.47 -6.31
N ASP A 52 2.56 -2.20 -6.70
CA ASP A 52 2.26 -1.82 -8.14
C ASP A 52 3.39 -2.31 -9.05
N LYS A 53 3.31 -3.54 -9.49
CA LYS A 53 4.39 -4.08 -10.42
C LYS A 53 4.42 -3.26 -11.73
N ASN A 54 3.27 -2.88 -12.22
CA ASN A 54 3.20 -1.99 -13.40
C ASN A 54 2.63 -0.68 -12.88
N ASN A 55 3.35 0.41 -13.04
CA ASN A 55 2.87 1.70 -12.43
C ASN A 55 1.64 2.24 -13.16
N ASP A 56 0.46 1.94 -12.64
CA ASP A 56 -0.78 2.59 -13.17
C ASP A 56 -1.05 3.92 -12.38
N GLY A 57 -0.09 4.39 -11.59
CA GLY A 57 -0.23 5.70 -10.86
C GLY A 57 -0.74 5.50 -9.44
N ARG A 58 -1.65 4.60 -9.21
CA ARG A 58 -2.19 4.38 -7.82
C ARG A 58 -2.11 2.92 -7.42
N ILE A 59 -2.43 2.62 -6.20
CA ILE A 59 -2.42 1.21 -5.77
C ILE A 59 -3.89 0.80 -5.60
N ASP A 60 -4.35 -0.09 -6.41
CA ASP A 60 -5.76 -0.56 -6.34
C ASP A 60 -5.86 -1.64 -5.28
N TYR A 61 -7.06 -2.02 -4.93
CA TYR A 61 -7.24 -3.14 -3.94
C TYR A 61 -6.51 -4.39 -4.47
N ASP A 62 -6.69 -4.73 -5.74
CA ASP A 62 -5.97 -5.91 -6.31
C ASP A 62 -4.46 -5.71 -6.27
N GLU A 63 -3.99 -4.52 -6.57
CA GLU A 63 -2.51 -4.26 -6.51
C GLU A 63 -2.06 -4.40 -5.04
N PHE A 64 -2.89 -3.99 -4.11
CA PHE A 64 -2.55 -4.16 -2.68
C PHE A 64 -2.39 -5.67 -2.36
N LEU A 65 -3.29 -6.50 -2.88
CA LEU A 65 -3.14 -7.99 -2.69
C LEU A 65 -1.75 -8.43 -3.23
N GLU A 66 -1.27 -7.77 -4.26
CA GLU A 66 0.04 -8.15 -4.89
C GLU A 66 1.27 -7.85 -4.01
N PHE A 67 1.23 -6.85 -3.12
CA PHE A 67 2.47 -6.55 -2.26
C PHE A 67 2.95 -7.83 -1.56
N MET A 68 2.06 -8.48 -0.83
CA MET A 68 2.43 -9.75 -0.13
C MET A 68 2.77 -10.89 -1.13
N LYS A 69 2.24 -10.87 -2.36
CA LYS A 69 2.61 -11.97 -3.34
C LYS A 69 4.13 -12.00 -3.51
N ASP A 70 4.76 -10.83 -3.60
CA ASP A 70 6.26 -10.79 -3.75
C ASP A 70 6.91 -11.03 -2.38
N VAL A 71 6.73 -12.20 -1.82
CA VAL A 71 7.41 -12.50 -0.51
C VAL A 71 8.94 -12.43 -0.74
N GLU A 72 9.40 -12.99 -1.84
CA GLU A 72 10.85 -12.96 -2.21
C GLU A 72 10.98 -12.89 -3.75
CA CA B . -1.23 0.56 -9.24
CA CA C . -6.89 6.03 -1.26
N MET A 1 -10.93 -13.30 7.80
CA MET A 1 -11.42 -14.17 8.89
C MET A 1 -10.50 -15.41 9.03
N GLY A 2 -9.23 -15.20 9.32
CA GLY A 2 -8.30 -16.34 9.56
C GLY A 2 -7.88 -17.02 8.26
N LYS A 3 -7.64 -16.29 7.19
CA LYS A 3 -7.12 -16.94 5.95
C LYS A 3 -5.95 -16.14 5.38
N SER A 4 -6.21 -15.06 4.70
CA SER A 4 -5.11 -14.22 4.13
C SER A 4 -5.70 -13.02 3.37
N GLU A 5 -6.43 -13.27 2.32
CA GLU A 5 -7.01 -12.18 1.47
C GLU A 5 -7.98 -11.30 2.31
N GLU A 6 -8.76 -11.89 3.17
CA GLU A 6 -9.67 -11.10 4.06
C GLU A 6 -8.81 -10.20 4.97
N GLU A 7 -7.72 -10.76 5.48
CA GLU A 7 -6.76 -9.96 6.30
C GLU A 7 -6.06 -8.92 5.39
N LEU A 8 -5.68 -9.31 4.18
CA LEU A 8 -5.06 -8.29 3.23
C LEU A 8 -6.04 -7.15 2.97
N SER A 9 -7.30 -7.45 2.85
CA SER A 9 -8.32 -6.36 2.62
C SER A 9 -8.28 -5.37 3.80
N ASP A 10 -8.17 -5.85 5.03
CA ASP A 10 -8.03 -4.92 6.21
C ASP A 10 -6.70 -4.16 6.07
N LEU A 11 -5.63 -4.86 5.75
CA LEU A 11 -4.30 -4.16 5.57
C LEU A 11 -4.40 -3.11 4.46
N PHE A 12 -5.07 -3.43 3.38
CA PHE A 12 -5.24 -2.42 2.27
C PHE A 12 -5.94 -1.19 2.83
N ARG A 13 -7.00 -1.38 3.61
CA ARG A 13 -7.71 -0.20 4.21
C ARG A 13 -6.75 0.62 5.10
N MET A 14 -5.83 -0.04 5.80
CA MET A 14 -4.81 0.73 6.62
C MET A 14 -4.02 1.65 5.64
N PHE A 15 -3.78 1.19 4.44
CA PHE A 15 -3.13 2.06 3.42
C PHE A 15 -4.16 3.02 2.81
N ASP A 16 -5.32 2.52 2.37
CA ASP A 16 -6.33 3.44 1.73
C ASP A 16 -7.10 4.25 2.78
N LYS A 17 -6.46 5.23 3.33
CA LYS A 17 -7.11 6.11 4.38
C LYS A 17 -8.29 6.92 3.81
N ASN A 18 -8.23 7.36 2.58
CA ASN A 18 -9.37 8.17 1.99
C ASN A 18 -10.54 7.25 1.58
N ALA A 19 -10.38 5.94 1.67
CA ALA A 19 -11.45 4.95 1.25
C ALA A 19 -11.83 5.12 -0.25
N ASP A 20 -10.96 5.71 -1.04
CA ASP A 20 -11.22 5.82 -2.53
C ASP A 20 -11.15 4.44 -3.20
N GLY A 21 -10.47 3.49 -2.58
CA GLY A 21 -10.33 2.12 -3.18
C GLY A 21 -8.89 1.88 -3.66
N TYR A 22 -8.06 2.91 -3.68
CA TYR A 22 -6.63 2.74 -4.12
C TYR A 22 -5.72 3.27 -3.00
N ILE A 23 -4.55 2.72 -2.85
CA ILE A 23 -3.59 3.30 -1.86
C ILE A 23 -2.97 4.51 -2.53
N ASP A 24 -3.08 5.63 -1.90
CA ASP A 24 -2.58 6.92 -2.47
C ASP A 24 -1.24 7.21 -1.83
N LEU A 25 -0.33 7.81 -2.56
CA LEU A 25 0.96 8.24 -1.92
C LEU A 25 0.64 9.15 -0.72
N ASP A 26 -0.37 10.01 -0.84
CA ASP A 26 -0.81 10.92 0.29
C ASP A 26 -1.24 10.09 1.51
N GLU A 27 -2.05 9.07 1.29
CA GLU A 27 -2.49 8.16 2.43
C GLU A 27 -1.25 7.51 3.04
N LEU A 28 -0.30 7.14 2.20
CA LEU A 28 0.96 6.51 2.69
C LEU A 28 1.76 7.55 3.54
N LYS A 29 1.79 8.81 3.11
CA LYS A 29 2.58 9.86 3.88
C LYS A 29 2.08 9.96 5.33
N ILE A 30 0.78 9.98 5.52
CA ILE A 30 0.21 10.12 6.90
C ILE A 30 0.71 8.97 7.79
N MET A 31 0.62 7.73 7.30
CA MET A 31 1.12 6.60 8.16
C MET A 31 2.65 6.61 8.23
N LEU A 32 3.33 6.89 7.14
CA LEU A 32 4.84 6.89 7.18
C LEU A 32 5.38 7.95 8.15
N GLN A 33 4.77 9.12 8.20
CA GLN A 33 5.28 10.15 9.19
C GLN A 33 5.20 9.59 10.62
N ALA A 34 4.17 8.83 10.93
CA ALA A 34 4.06 8.23 12.31
C ALA A 34 5.12 7.15 12.43
N THR A 35 5.33 6.44 11.36
CA THR A 35 6.33 5.35 11.33
C THR A 35 7.77 5.90 11.54
N GLY A 36 8.10 7.05 10.96
CA GLY A 36 9.50 7.57 11.16
C GLY A 36 9.65 8.98 10.60
N GLU A 37 9.53 9.98 11.46
CA GLU A 37 9.74 11.44 11.09
C GLU A 37 9.10 11.78 9.72
N THR A 38 9.88 12.07 8.70
CA THR A 38 9.31 12.41 7.38
C THR A 38 9.89 11.45 6.32
N ILE A 39 9.07 11.02 5.40
CA ILE A 39 9.54 10.15 4.28
C ILE A 39 9.42 10.93 2.98
N THR A 40 10.40 10.82 2.13
CA THR A 40 10.38 11.57 0.84
C THR A 40 9.46 10.86 -0.18
N GLU A 41 9.05 11.57 -1.21
CA GLU A 41 8.09 11.01 -2.22
C GLU A 41 8.67 9.73 -2.87
N ASP A 42 9.96 9.70 -3.10
CA ASP A 42 10.60 8.49 -3.75
C ASP A 42 10.48 7.25 -2.87
N ASP A 43 10.73 7.35 -1.58
CA ASP A 43 10.59 6.13 -0.69
C ASP A 43 9.14 5.64 -0.77
N ILE A 44 8.20 6.56 -0.72
CA ILE A 44 6.75 6.20 -0.87
C ILE A 44 6.55 5.57 -2.27
N GLU A 45 7.13 6.18 -3.29
CA GLU A 45 6.99 5.62 -4.68
C GLU A 45 7.62 4.23 -4.72
N GLU A 46 8.81 4.06 -4.14
CA GLU A 46 9.47 2.71 -4.16
C GLU A 46 8.57 1.67 -3.48
N LEU A 47 7.93 2.04 -2.39
CA LEU A 47 7.00 1.07 -1.73
C LEU A 47 5.87 0.71 -2.72
N MET A 48 5.33 1.69 -3.42
CA MET A 48 4.24 1.36 -4.40
C MET A 48 4.80 0.68 -5.67
N LYS A 49 5.94 1.11 -6.18
CA LYS A 49 6.52 0.46 -7.44
C LYS A 49 6.73 -1.04 -7.25
N ASP A 50 7.10 -1.47 -6.04
CA ASP A 50 7.36 -2.95 -5.82
C ASP A 50 6.14 -3.77 -6.26
N GLY A 51 4.94 -3.30 -6.04
CA GLY A 51 3.73 -4.08 -6.43
C GLY A 51 2.88 -3.37 -7.49
N ASP A 52 3.23 -2.15 -7.93
CA ASP A 52 2.35 -1.44 -8.93
C ASP A 52 2.60 -2.03 -10.31
N LYS A 53 1.67 -2.80 -10.80
CA LYS A 53 1.88 -3.46 -12.14
C LYS A 53 1.29 -2.65 -13.30
N ASN A 54 0.44 -1.68 -13.04
CA ASN A 54 -0.12 -0.87 -14.18
C ASN A 54 0.71 0.41 -14.40
N ASN A 55 1.78 0.61 -13.62
CA ASN A 55 2.58 1.91 -13.70
C ASN A 55 1.61 3.09 -13.43
N ASP A 56 0.68 2.90 -12.48
CA ASP A 56 -0.34 3.99 -12.17
C ASP A 56 0.06 4.85 -10.94
N GLY A 57 1.05 4.44 -10.18
CA GLY A 57 1.51 5.28 -9.01
C GLY A 57 0.64 5.03 -7.75
N ARG A 58 -0.39 4.22 -7.84
CA ARG A 58 -1.25 3.90 -6.65
C ARG A 58 -1.25 2.39 -6.46
N ILE A 59 -1.56 1.90 -5.30
CA ILE A 59 -1.70 0.43 -5.17
C ILE A 59 -3.18 0.10 -5.06
N ASP A 60 -3.68 -0.66 -5.98
CA ASP A 60 -5.09 -1.13 -5.95
C ASP A 60 -5.13 -2.38 -5.11
N TYR A 61 -6.29 -2.82 -4.74
CA TYR A 61 -6.42 -4.12 -4.01
C TYR A 61 -5.71 -5.23 -4.83
N ASP A 62 -5.91 -5.24 -6.15
CA ASP A 62 -5.21 -6.27 -7.02
C ASP A 62 -3.69 -6.12 -6.87
N GLU A 63 -3.19 -4.89 -6.94
CA GLU A 63 -1.69 -4.66 -6.80
C GLU A 63 -1.29 -5.02 -5.35
N PHE A 64 -2.12 -4.68 -4.39
CA PHE A 64 -1.79 -4.86 -2.94
C PHE A 64 -1.63 -6.33 -2.53
N LEU A 65 -2.51 -7.22 -2.97
CA LEU A 65 -2.43 -8.66 -2.45
C LEU A 65 -1.05 -9.28 -2.67
N GLU A 66 -0.39 -9.01 -3.79
CA GLU A 66 0.94 -9.64 -4.03
C GLU A 66 2.00 -9.19 -2.99
N PHE A 67 1.94 -7.94 -2.51
CA PHE A 67 2.98 -7.43 -1.51
C PHE A 67 3.17 -8.41 -0.36
N MET A 68 2.10 -8.95 0.16
CA MET A 68 2.20 -9.92 1.30
C MET A 68 1.74 -11.32 0.86
N LYS A 69 2.00 -11.69 -0.39
CA LYS A 69 1.52 -13.04 -0.88
C LYS A 69 2.11 -14.18 -0.02
N ASP A 70 3.39 -14.50 -0.18
CA ASP A 70 3.97 -15.69 0.58
C ASP A 70 5.30 -15.31 1.23
N VAL A 71 5.28 -14.82 2.44
CA VAL A 71 6.58 -14.50 3.13
C VAL A 71 6.65 -15.27 4.46
N GLU A 72 7.76 -15.95 4.70
CA GLU A 72 7.99 -16.71 5.97
C GLU A 72 9.49 -16.80 6.24
CA CA B . -1.01 0.88 -9.16
CA CA C . -6.68 5.77 -1.30
N MET A 1 -11.00 -14.35 7.47
CA MET A 1 -11.18 -14.37 8.95
C MET A 1 -9.92 -14.98 9.60
N GLY A 2 -9.19 -14.22 10.38
CA GLY A 2 -7.96 -14.76 11.02
C GLY A 2 -6.75 -14.50 10.11
N LYS A 3 -6.66 -15.20 9.00
CA LYS A 3 -5.49 -15.00 8.07
C LYS A 3 -5.97 -15.21 6.60
N SER A 4 -7.14 -14.76 6.28
CA SER A 4 -7.69 -14.96 4.91
C SER A 4 -7.53 -13.66 4.07
N GLU A 5 -8.12 -13.65 2.91
CA GLU A 5 -8.10 -12.44 2.01
C GLU A 5 -8.76 -11.25 2.73
N GLU A 6 -9.75 -11.50 3.57
CA GLU A 6 -10.44 -10.41 4.33
C GLU A 6 -9.41 -9.67 5.19
N GLU A 7 -8.51 -10.40 5.82
CA GLU A 7 -7.41 -9.77 6.61
C GLU A 7 -6.48 -8.97 5.69
N LEU A 8 -6.23 -9.47 4.48
CA LEU A 8 -5.43 -8.62 3.50
C LEU A 8 -6.24 -7.35 3.22
N SER A 9 -7.54 -7.48 3.07
CA SER A 9 -8.42 -6.28 2.88
C SER A 9 -8.33 -5.38 4.14
N ASP A 10 -8.25 -5.97 5.32
CA ASP A 10 -8.11 -5.17 6.59
C ASP A 10 -6.82 -4.37 6.53
N LEU A 11 -5.73 -5.00 6.11
CA LEU A 11 -4.42 -4.29 5.98
C LEU A 11 -4.52 -3.16 4.94
N PHE A 12 -5.28 -3.35 3.87
CA PHE A 12 -5.44 -2.25 2.83
C PHE A 12 -5.93 -0.97 3.53
N ARG A 13 -6.88 -1.11 4.45
CA ARG A 13 -7.39 0.09 5.22
C ARG A 13 -6.23 0.79 5.93
N MET A 14 -5.24 0.04 6.40
CA MET A 14 -4.08 0.70 7.07
C MET A 14 -3.35 1.57 6.03
N PHE A 15 -3.24 1.10 4.81
CA PHE A 15 -2.60 1.91 3.72
C PHE A 15 -3.54 2.99 3.17
N ASP A 16 -4.76 2.64 2.80
CA ASP A 16 -5.71 3.65 2.19
C ASP A 16 -6.35 4.51 3.26
N LYS A 17 -6.50 5.78 3.02
CA LYS A 17 -7.13 6.69 4.01
C LYS A 17 -8.55 7.10 3.56
N ASN A 18 -8.71 7.44 2.28
CA ASN A 18 -10.06 7.91 1.77
C ASN A 18 -11.12 6.79 1.83
N ALA A 19 -10.69 5.55 1.79
CA ALA A 19 -11.60 4.33 1.64
C ALA A 19 -12.19 4.33 0.22
N ASP A 20 -11.40 4.75 -0.77
CA ASP A 20 -11.87 4.79 -2.22
C ASP A 20 -11.58 3.46 -2.97
N GLY A 21 -10.81 2.56 -2.40
CA GLY A 21 -10.49 1.26 -3.11
C GLY A 21 -9.06 1.29 -3.72
N TYR A 22 -8.47 2.46 -3.89
CA TYR A 22 -7.07 2.55 -4.44
C TYR A 22 -6.19 3.21 -3.40
N ILE A 23 -5.02 2.69 -3.18
CA ILE A 23 -4.10 3.32 -2.18
C ILE A 23 -3.36 4.45 -2.90
N ASP A 24 -3.41 5.62 -2.33
CA ASP A 24 -2.77 6.81 -2.95
C ASP A 24 -1.57 7.22 -2.17
N LEU A 25 -0.62 7.82 -2.84
CA LEU A 25 0.59 8.35 -2.12
C LEU A 25 0.16 9.34 -1.02
N ASP A 26 -0.83 10.17 -1.28
CA ASP A 26 -1.28 11.14 -0.23
C ASP A 26 -1.80 10.37 1.00
N GLU A 27 -2.58 9.32 0.78
CA GLU A 27 -3.08 8.46 1.91
C GLU A 27 -1.86 7.83 2.64
N LEU A 28 -0.87 7.42 1.86
CA LEU A 28 0.36 6.81 2.47
C LEU A 28 1.14 7.80 3.35
N LYS A 29 1.11 9.09 3.07
CA LYS A 29 1.95 10.06 3.90
C LYS A 29 1.63 9.89 5.39
N ILE A 30 0.36 9.80 5.75
CA ILE A 30 0.00 9.62 7.20
C ILE A 30 0.62 8.29 7.71
N MET A 31 0.49 7.23 6.92
CA MET A 31 1.13 5.92 7.30
C MET A 31 2.67 6.10 7.34
N LEU A 32 3.22 6.83 6.39
CA LEU A 32 4.71 7.03 6.34
C LEU A 32 5.22 7.70 7.60
N GLN A 33 4.52 8.67 8.11
CA GLN A 33 4.98 9.35 9.38
C GLN A 33 5.10 8.30 10.49
N ALA A 34 4.22 7.30 10.50
CA ALA A 34 4.34 6.20 11.50
C ALA A 34 5.55 5.30 11.17
N THR A 35 5.79 5.03 9.89
CA THR A 35 6.92 4.10 9.51
C THR A 35 8.31 4.80 9.47
N GLY A 36 8.36 6.09 9.18
CA GLY A 36 9.69 6.77 9.08
C GLY A 36 9.60 8.19 9.61
N GLU A 37 10.63 8.65 10.28
CA GLU A 37 10.62 10.04 10.83
C GLU A 37 10.67 11.09 9.72
N THR A 38 11.39 10.84 8.67
CA THR A 38 11.46 11.80 7.56
C THR A 38 11.29 11.03 6.25
N ILE A 39 10.27 11.31 5.53
CA ILE A 39 10.04 10.61 4.24
C ILE A 39 10.21 11.63 3.10
N THR A 40 10.86 11.24 2.05
CA THR A 40 11.10 12.18 0.91
C THR A 40 9.98 12.11 -0.16
N GLU A 41 8.82 11.52 0.15
CA GLU A 41 7.72 11.30 -0.87
C GLU A 41 8.19 10.25 -1.91
N ASP A 42 9.32 10.49 -2.57
CA ASP A 42 9.87 9.44 -3.53
C ASP A 42 9.99 8.12 -2.77
N ASP A 43 10.41 8.18 -1.50
CA ASP A 43 10.47 6.95 -0.63
C ASP A 43 9.09 6.24 -0.64
N ILE A 44 8.00 7.01 -0.57
CA ILE A 44 6.63 6.42 -0.66
C ILE A 44 6.44 5.81 -2.05
N GLU A 45 6.83 6.54 -3.09
CA GLU A 45 6.67 6.05 -4.50
C GLU A 45 7.39 4.72 -4.67
N GLU A 46 8.58 4.57 -4.13
CA GLU A 46 9.30 3.28 -4.32
C GLU A 46 8.55 2.16 -3.59
N LEU A 47 8.02 2.43 -2.41
CA LEU A 47 7.20 1.41 -1.69
C LEU A 47 5.95 1.08 -2.52
N MET A 48 5.33 2.09 -3.12
CA MET A 48 4.13 1.81 -3.98
C MET A 48 4.51 0.89 -5.15
N LYS A 49 5.70 1.06 -5.70
CA LYS A 49 6.15 0.20 -6.87
C LYS A 49 6.14 -1.30 -6.56
N ASP A 50 6.39 -1.72 -5.33
CA ASP A 50 6.31 -3.22 -5.07
C ASP A 50 4.88 -3.68 -5.43
N GLY A 51 3.89 -2.89 -5.10
CA GLY A 51 2.50 -3.23 -5.52
C GLY A 51 2.33 -2.77 -6.98
N ASP A 52 2.65 -1.52 -7.26
CA ASP A 52 2.60 -1.00 -8.66
C ASP A 52 3.90 -1.38 -9.38
N LYS A 53 4.07 -2.62 -9.72
CA LYS A 53 5.33 -3.03 -10.46
C LYS A 53 5.33 -2.53 -11.94
N ASN A 54 4.19 -2.08 -12.46
CA ASN A 54 4.18 -1.47 -13.84
C ASN A 54 4.27 0.08 -13.68
N ASN A 55 3.36 0.87 -14.23
CA ASN A 55 3.46 2.37 -14.07
C ASN A 55 2.05 3.02 -13.90
N ASP A 56 1.10 2.34 -13.27
CA ASP A 56 -0.30 2.92 -13.14
C ASP A 56 -0.39 4.02 -12.04
N GLY A 57 0.65 4.29 -11.30
CA GLY A 57 0.63 5.42 -10.29
C GLY A 57 -0.06 5.06 -8.97
N ARG A 58 -1.13 4.30 -8.99
CA ARG A 58 -1.87 4.01 -7.71
C ARG A 58 -1.95 2.52 -7.49
N ILE A 59 -2.03 2.10 -6.26
CA ILE A 59 -2.15 0.64 -5.99
C ILE A 59 -3.62 0.35 -5.67
N ASP A 60 -4.26 -0.49 -6.44
CA ASP A 60 -5.67 -0.86 -6.13
C ASP A 60 -5.63 -2.06 -5.19
N TYR A 61 -6.77 -2.60 -4.86
CA TYR A 61 -6.80 -3.78 -3.94
C TYR A 61 -5.93 -4.92 -4.50
N ASP A 62 -6.05 -5.25 -5.78
CA ASP A 62 -5.22 -6.38 -6.36
C ASP A 62 -3.74 -6.05 -6.24
N GLU A 63 -3.35 -4.83 -6.55
CA GLU A 63 -1.91 -4.44 -6.40
C GLU A 63 -1.54 -4.50 -4.91
N PHE A 64 -2.46 -4.20 -4.03
CA PHE A 64 -2.16 -4.36 -2.57
C PHE A 64 -1.91 -5.85 -2.25
N LEU A 65 -2.68 -6.75 -2.84
CA LEU A 65 -2.47 -8.24 -2.57
C LEU A 65 -1.00 -8.61 -2.88
N GLU A 66 -0.40 -8.00 -3.89
CA GLU A 66 1.03 -8.29 -4.22
C GLU A 66 1.94 -8.06 -2.99
N PHE A 67 1.69 -7.02 -2.20
CA PHE A 67 2.56 -6.78 -0.97
C PHE A 67 2.46 -7.95 0.03
N MET A 68 1.26 -8.42 0.28
CA MET A 68 1.07 -9.43 1.39
C MET A 68 0.90 -10.87 0.93
N LYS A 69 0.84 -11.12 -0.36
CA LYS A 69 0.67 -12.55 -0.84
C LYS A 69 1.82 -13.46 -0.33
N ASP A 70 3.03 -12.94 -0.23
CA ASP A 70 4.21 -13.80 0.20
C ASP A 70 4.67 -13.52 1.64
N VAL A 71 3.93 -12.77 2.43
CA VAL A 71 4.39 -12.53 3.86
C VAL A 71 3.32 -13.04 4.83
N GLU A 72 3.73 -13.68 5.89
CA GLU A 72 2.75 -14.24 6.88
C GLU A 72 2.69 -13.38 8.12
CA CA B . -1.26 0.38 -9.41
CA CA C . -7.14 5.48 -1.56
N MET A 1 -2.23 -15.87 6.23
CA MET A 1 -1.27 -15.59 5.13
C MET A 1 -1.64 -16.44 3.90
N GLY A 2 -0.99 -16.23 2.79
CA GLY A 2 -1.31 -17.02 1.57
C GLY A 2 -2.59 -16.48 0.97
N LYS A 3 -3.73 -17.01 1.35
CA LYS A 3 -5.00 -16.48 0.81
C LYS A 3 -5.92 -15.94 1.91
N SER A 4 -5.37 -15.51 3.02
CA SER A 4 -6.22 -14.85 4.07
C SER A 4 -6.50 -13.42 3.56
N GLU A 5 -7.40 -13.29 2.64
CA GLU A 5 -7.65 -11.96 1.99
C GLU A 5 -8.09 -10.92 3.03
N GLU A 6 -8.73 -11.37 4.09
CA GLU A 6 -9.10 -10.42 5.18
C GLU A 6 -7.82 -9.76 5.73
N GLU A 7 -6.72 -10.51 5.82
CA GLU A 7 -5.42 -9.91 6.30
C GLU A 7 -4.92 -8.85 5.31
N LEU A 8 -4.97 -9.14 4.00
CA LEU A 8 -4.56 -8.08 3.00
C LEU A 8 -5.55 -6.94 3.06
N SER A 9 -6.82 -7.25 3.16
CA SER A 9 -7.85 -6.17 3.28
C SER A 9 -7.61 -5.34 4.54
N ASP A 10 -7.20 -5.96 5.64
CA ASP A 10 -6.95 -5.14 6.88
C ASP A 10 -5.78 -4.22 6.65
N LEU A 11 -4.69 -4.72 6.10
CA LEU A 11 -3.51 -3.85 5.81
C LEU A 11 -3.86 -2.82 4.74
N PHE A 12 -4.58 -3.22 3.70
CA PHE A 12 -4.94 -2.25 2.59
C PHE A 12 -5.73 -1.06 3.18
N ARG A 13 -6.68 -1.33 4.05
CA ARG A 13 -7.44 -0.20 4.73
C ARG A 13 -6.47 0.75 5.44
N MET A 14 -5.43 0.23 6.06
CA MET A 14 -4.42 1.16 6.70
C MET A 14 -3.77 2.04 5.60
N PHE A 15 -3.56 1.47 4.42
CA PHE A 15 -2.97 2.28 3.28
C PHE A 15 -3.96 3.33 2.75
N ASP A 16 -5.24 3.02 2.62
CA ASP A 16 -6.21 4.03 2.03
C ASP A 16 -6.71 4.99 3.13
N LYS A 17 -6.59 6.29 2.93
CA LYS A 17 -7.06 7.26 4.00
C LYS A 17 -8.49 7.77 3.77
N ASN A 18 -8.80 8.28 2.58
CA ASN A 18 -10.19 8.88 2.38
C ASN A 18 -11.22 7.87 1.86
N ALA A 19 -10.92 6.57 1.91
CA ALA A 19 -11.89 5.49 1.44
C ALA A 19 -12.08 5.51 -0.10
N ASP A 20 -11.15 6.09 -0.85
CA ASP A 20 -11.22 5.97 -2.37
C ASP A 20 -11.07 4.49 -2.78
N GLY A 21 -10.36 3.70 -2.00
CA GLY A 21 -10.17 2.24 -2.32
C GLY A 21 -8.84 2.01 -3.06
N TYR A 22 -8.08 3.05 -3.33
CA TYR A 22 -6.78 2.89 -4.04
C TYR A 22 -5.70 3.44 -3.11
N ILE A 23 -4.51 2.96 -3.16
CA ILE A 23 -3.48 3.55 -2.29
C ILE A 23 -2.74 4.65 -3.08
N ASP A 24 -2.75 5.82 -2.54
CA ASP A 24 -2.03 6.99 -3.13
C ASP A 24 -0.77 7.21 -2.30
N LEU A 25 0.28 7.71 -2.89
CA LEU A 25 1.53 7.97 -2.09
C LEU A 25 1.20 8.86 -0.87
N ASP A 26 0.32 9.85 -1.05
CA ASP A 26 -0.08 10.72 0.10
C ASP A 26 -0.84 9.91 1.15
N GLU A 27 -1.71 9.00 0.72
CA GLU A 27 -2.41 8.10 1.72
C GLU A 27 -1.34 7.26 2.46
N LEU A 28 -0.30 6.86 1.76
CA LEU A 28 0.76 6.01 2.39
C LEU A 28 1.70 6.87 3.30
N LYS A 29 2.13 8.06 2.85
CA LYS A 29 3.12 8.87 3.70
C LYS A 29 2.55 9.21 5.06
N ILE A 30 1.27 9.50 5.15
CA ILE A 30 0.67 9.82 6.48
C ILE A 30 0.92 8.65 7.45
N MET A 31 0.84 7.42 6.96
CA MET A 31 1.14 6.22 7.84
C MET A 31 2.62 6.27 8.27
N LEU A 32 3.51 6.56 7.35
CA LEU A 32 4.97 6.56 7.68
C LEU A 32 5.36 7.77 8.50
N GLN A 33 4.93 8.96 8.12
CA GLN A 33 5.27 10.17 8.95
C GLN A 33 4.70 10.00 10.38
N ALA A 34 3.55 9.36 10.51
CA ALA A 34 2.97 9.10 11.87
C ALA A 34 3.89 8.18 12.70
N THR A 35 4.62 7.26 12.06
CA THR A 35 5.50 6.33 12.86
C THR A 35 6.70 7.08 13.49
N GLY A 36 7.17 8.13 12.85
CA GLY A 36 8.34 8.89 13.40
C GLY A 36 9.36 9.13 12.29
N GLU A 37 9.74 8.09 11.56
CA GLU A 37 10.72 8.32 10.43
C GLU A 37 10.07 9.26 9.40
N THR A 38 10.82 10.19 8.89
CA THR A 38 10.21 11.19 7.97
C THR A 38 10.44 10.76 6.51
N ILE A 39 9.38 10.45 5.81
CA ILE A 39 9.47 10.14 4.35
C ILE A 39 8.23 10.72 3.68
N THR A 40 8.41 11.49 2.66
CA THR A 40 7.25 12.17 2.03
C THR A 40 6.62 11.27 0.95
N GLU A 41 7.44 10.70 0.08
CA GLU A 41 6.89 9.78 -0.99
C GLU A 41 8.01 9.07 -1.77
N ASP A 42 9.18 9.65 -1.88
CA ASP A 42 10.30 9.00 -2.65
C ASP A 42 10.61 7.60 -2.10
N ASP A 43 10.67 7.43 -0.79
CA ASP A 43 10.85 6.03 -0.23
C ASP A 43 9.61 5.21 -0.56
N ILE A 44 8.45 5.80 -0.39
CA ILE A 44 7.15 5.12 -0.71
C ILE A 44 7.12 4.74 -2.22
N GLU A 45 7.61 5.61 -3.09
CA GLU A 45 7.60 5.33 -4.57
C GLU A 45 8.26 3.98 -4.85
N GLU A 46 9.33 3.65 -4.16
CA GLU A 46 9.98 2.31 -4.40
C GLU A 46 9.02 1.19 -3.91
N LEU A 47 8.35 1.41 -2.79
CA LEU A 47 7.33 0.41 -2.30
C LEU A 47 6.16 0.35 -3.30
N MET A 48 5.72 1.51 -3.79
CA MET A 48 4.58 1.53 -4.76
C MET A 48 4.88 0.75 -6.03
N LYS A 49 6.11 0.79 -6.52
CA LYS A 49 6.44 0.04 -7.80
C LYS A 49 6.10 -1.44 -7.68
N ASP A 50 6.30 -2.06 -6.50
CA ASP A 50 5.91 -3.50 -6.39
C ASP A 50 4.39 -3.64 -6.55
N GLY A 51 3.62 -2.78 -5.91
CA GLY A 51 2.14 -2.85 -6.07
C GLY A 51 1.74 -2.39 -7.47
N ASP A 52 2.25 -1.26 -7.91
CA ASP A 52 1.90 -0.73 -9.26
C ASP A 52 2.90 -1.26 -10.30
N LYS A 53 2.82 -2.53 -10.62
CA LYS A 53 3.79 -3.16 -11.61
C LYS A 53 3.76 -2.48 -13.00
N ASN A 54 2.63 -2.01 -13.47
CA ASN A 54 2.61 -1.46 -14.87
C ASN A 54 2.46 0.08 -14.89
N ASN A 55 2.89 0.77 -13.85
CA ASN A 55 2.81 2.29 -13.80
C ASN A 55 1.37 2.77 -14.12
N ASP A 56 0.37 2.05 -13.64
CA ASP A 56 -1.04 2.51 -13.84
C ASP A 56 -1.28 3.80 -13.02
N GLY A 57 -0.55 4.01 -11.93
CA GLY A 57 -0.68 5.28 -11.15
C GLY A 57 -1.40 5.10 -9.82
N ARG A 58 -2.21 4.08 -9.65
CA ARG A 58 -2.90 3.91 -8.31
C ARG A 58 -2.69 2.47 -7.84
N ILE A 59 -2.63 2.20 -6.57
CA ILE A 59 -2.50 0.77 -6.15
C ILE A 59 -3.85 0.32 -5.63
N ASP A 60 -4.39 -0.70 -6.22
CA ASP A 60 -5.73 -1.23 -5.79
C ASP A 60 -5.50 -2.43 -4.89
N TYR A 61 -6.55 -3.00 -4.36
CA TYR A 61 -6.38 -4.22 -3.51
C TYR A 61 -5.66 -5.30 -4.33
N ASP A 62 -6.04 -5.48 -5.59
CA ASP A 62 -5.31 -6.49 -6.46
C ASP A 62 -3.84 -6.16 -6.54
N GLU A 63 -3.49 -4.89 -6.68
CA GLU A 63 -2.02 -4.52 -6.68
C GLU A 63 -1.46 -4.77 -5.26
N PHE A 64 -2.27 -4.54 -4.23
CA PHE A 64 -1.85 -4.83 -2.83
C PHE A 64 -1.51 -6.34 -2.69
N LEU A 65 -2.25 -7.20 -3.40
CA LEU A 65 -1.96 -8.69 -3.33
C LEU A 65 -0.49 -8.95 -3.73
N GLU A 66 0.07 -8.18 -4.64
CA GLU A 66 1.52 -8.35 -5.03
C GLU A 66 2.45 -8.18 -3.83
N PHE A 67 2.13 -7.31 -2.89
CA PHE A 67 3.03 -7.14 -1.70
C PHE A 67 3.16 -8.48 -0.95
N MET A 68 2.08 -9.25 -0.85
CA MET A 68 2.22 -10.61 -0.19
C MET A 68 2.33 -11.75 -1.22
N LYS A 69 2.75 -11.51 -2.45
CA LYS A 69 2.87 -12.68 -3.42
C LYS A 69 3.89 -13.70 -2.87
N ASP A 70 4.96 -13.22 -2.25
CA ASP A 70 6.01 -14.14 -1.68
C ASP A 70 5.61 -14.60 -0.28
N VAL A 71 4.46 -15.19 -0.14
CA VAL A 71 4.00 -15.71 1.19
C VAL A 71 3.60 -17.18 1.02
N GLU A 72 3.74 -17.98 2.06
CA GLU A 72 3.33 -19.41 1.98
C GLU A 72 1.79 -19.52 1.98
CA CA B . -1.67 0.56 -9.88
CA CA C . -6.97 5.69 -1.37
N MET A 1 -7.77 -16.25 6.46
CA MET A 1 -7.30 -16.87 7.73
C MET A 1 -6.13 -17.79 7.41
N GLY A 2 -4.93 -17.38 7.68
CA GLY A 2 -3.73 -18.18 7.31
C GLY A 2 -3.08 -17.50 6.11
N LYS A 3 -3.74 -17.51 4.98
CA LYS A 3 -3.21 -16.78 3.79
C LYS A 3 -4.40 -16.42 2.88
N SER A 4 -5.32 -15.63 3.39
CA SER A 4 -6.53 -15.26 2.59
C SER A 4 -6.48 -13.75 2.30
N GLU A 5 -7.07 -13.31 1.20
CA GLU A 5 -7.01 -11.83 0.85
C GLU A 5 -7.62 -11.01 1.99
N GLU A 6 -8.64 -11.53 2.67
CA GLU A 6 -9.30 -10.76 3.78
C GLU A 6 -8.26 -10.27 4.81
N GLU A 7 -7.28 -11.10 5.13
CA GLU A 7 -6.19 -10.65 6.06
C GLU A 7 -5.38 -9.54 5.38
N LEU A 8 -5.09 -9.71 4.10
CA LEU A 8 -4.36 -8.62 3.33
C LEU A 8 -5.30 -7.40 3.23
N SER A 9 -6.58 -7.64 3.05
CA SER A 9 -7.61 -6.55 2.96
C SER A 9 -7.60 -5.75 4.26
N ASP A 10 -7.49 -6.42 5.40
CA ASP A 10 -7.47 -5.68 6.70
C ASP A 10 -6.32 -4.66 6.68
N LEU A 11 -5.15 -5.09 6.20
CA LEU A 11 -4.00 -4.13 6.06
C LEU A 11 -4.35 -3.07 5.01
N PHE A 12 -5.03 -3.46 3.94
CA PHE A 12 -5.41 -2.47 2.86
C PHE A 12 -6.27 -1.35 3.45
N ARG A 13 -7.23 -1.69 4.31
CA ARG A 13 -8.10 -0.61 4.89
C ARG A 13 -7.22 0.44 5.60
N MET A 14 -6.14 0.00 6.25
CA MET A 14 -5.20 0.98 6.90
C MET A 14 -4.56 1.84 5.79
N PHE A 15 -4.24 1.24 4.66
CA PHE A 15 -3.61 1.99 3.53
C PHE A 15 -4.62 2.91 2.84
N ASP A 16 -5.81 2.43 2.58
CA ASP A 16 -6.82 3.30 1.88
C ASP A 16 -7.40 4.29 2.89
N LYS A 17 -6.68 5.35 3.15
CA LYS A 17 -7.13 6.38 4.14
C LYS A 17 -8.51 6.97 3.76
N ASN A 18 -8.75 7.23 2.49
CA ASN A 18 -10.08 7.88 2.12
C ASN A 18 -11.19 6.83 1.81
N ALA A 19 -10.96 5.54 2.08
CA ALA A 19 -12.00 4.47 1.75
C ALA A 19 -12.38 4.52 0.24
N ASP A 20 -11.44 4.92 -0.60
CA ASP A 20 -11.70 5.03 -2.09
C ASP A 20 -11.33 3.73 -2.84
N GLY A 21 -10.90 2.70 -2.16
CA GLY A 21 -10.55 1.40 -2.84
C GLY A 21 -9.12 1.44 -3.41
N TYR A 22 -8.43 2.55 -3.33
CA TYR A 22 -7.02 2.65 -3.86
C TYR A 22 -6.12 3.24 -2.78
N ILE A 23 -4.87 2.99 -2.85
CA ILE A 23 -3.93 3.65 -1.92
C ILE A 23 -3.13 4.64 -2.77
N ASP A 24 -3.25 5.91 -2.48
CA ASP A 24 -2.55 6.96 -3.30
C ASP A 24 -1.43 7.57 -2.48
N LEU A 25 -0.52 8.26 -3.13
CA LEU A 25 0.58 8.97 -2.40
C LEU A 25 -0.03 9.89 -1.32
N ASP A 26 -1.13 10.56 -1.64
CA ASP A 26 -1.80 11.45 -0.61
C ASP A 26 -2.22 10.60 0.60
N GLU A 27 -2.75 9.42 0.37
CA GLU A 27 -3.13 8.51 1.51
C GLU A 27 -1.81 7.97 2.14
N LEU A 28 -0.85 7.58 1.32
CA LEU A 28 0.46 7.02 1.84
C LEU A 28 1.25 8.03 2.66
N LYS A 29 1.29 9.28 2.27
CA LYS A 29 2.15 10.24 3.06
C LYS A 29 1.66 10.33 4.52
N ILE A 30 0.35 10.32 4.73
CA ILE A 30 -0.20 10.39 6.14
C ILE A 30 0.24 9.15 6.95
N MET A 31 0.11 7.95 6.39
CA MET A 31 0.55 6.73 7.17
C MET A 31 2.07 6.80 7.43
N LEU A 32 2.84 7.26 6.46
CA LEU A 32 4.32 7.40 6.70
C LEU A 32 4.57 8.38 7.85
N GLN A 33 3.84 9.49 7.89
CA GLN A 33 3.99 10.46 9.04
C GLN A 33 3.64 9.72 10.37
N ALA A 34 2.63 8.86 10.34
CA ALA A 34 2.23 8.10 11.59
C ALA A 34 3.27 7.05 11.99
N THR A 35 3.98 6.48 11.03
CA THR A 35 4.94 5.39 11.39
C THR A 35 6.11 5.33 10.40
N GLY A 36 6.97 6.31 10.44
CA GLY A 36 8.16 6.30 9.54
C GLY A 36 9.27 7.12 10.17
N GLU A 37 10.44 7.13 9.56
CA GLU A 37 11.56 7.96 10.09
C GLU A 37 11.51 9.31 9.32
N THR A 38 12.21 9.43 8.23
CA THR A 38 12.05 10.60 7.35
C THR A 38 11.66 10.02 5.98
N ILE A 39 10.61 10.48 5.38
CA ILE A 39 10.18 9.88 4.09
C ILE A 39 10.31 10.91 2.99
N THR A 40 10.80 10.50 1.88
CA THR A 40 10.88 11.38 0.70
C THR A 40 9.90 10.81 -0.34
N GLU A 41 9.55 11.57 -1.34
CA GLU A 41 8.65 11.01 -2.40
C GLU A 41 9.36 9.76 -2.99
N ASP A 42 10.68 9.82 -3.10
CA ASP A 42 11.50 8.64 -3.56
C ASP A 42 11.29 7.43 -2.61
N ASP A 43 11.33 7.65 -1.30
CA ASP A 43 11.07 6.50 -0.33
C ASP A 43 9.68 5.93 -0.58
N ILE A 44 8.69 6.79 -0.75
CA ILE A 44 7.31 6.31 -1.03
C ILE A 44 7.26 5.65 -2.44
N GLU A 45 7.87 6.27 -3.44
CA GLU A 45 7.82 5.70 -4.83
C GLU A 45 8.43 4.32 -4.88
N GLU A 46 9.58 4.13 -4.30
CA GLU A 46 10.19 2.78 -4.39
C GLU A 46 9.30 1.74 -3.70
N LEU A 47 8.66 2.11 -2.60
CA LEU A 47 7.66 1.18 -1.97
C LEU A 47 6.54 0.91 -2.99
N MET A 48 6.09 1.95 -3.68
CA MET A 48 5.01 1.76 -4.72
C MET A 48 5.55 0.92 -5.89
N LYS A 49 6.72 1.25 -6.38
CA LYS A 49 7.29 0.52 -7.57
C LYS A 49 7.48 -0.98 -7.30
N ASP A 50 7.83 -1.35 -6.09
CA ASP A 50 8.08 -2.81 -5.80
C ASP A 50 6.80 -3.65 -6.06
N GLY A 51 5.65 -3.17 -5.63
CA GLY A 51 4.40 -4.00 -5.77
C GLY A 51 3.33 -3.36 -6.68
N ASP A 52 3.43 -2.08 -7.03
CA ASP A 52 2.33 -1.50 -7.88
C ASP A 52 2.48 -2.04 -9.30
N LYS A 53 1.77 -3.09 -9.60
CA LYS A 53 1.88 -3.77 -10.96
C LYS A 53 1.63 -2.77 -12.09
N ASN A 54 0.73 -1.85 -11.90
CA ASN A 54 0.46 -0.87 -13.01
C ASN A 54 1.44 0.31 -12.93
N ASN A 55 2.20 0.46 -11.83
CA ASN A 55 3.12 1.65 -11.63
C ASN A 55 2.33 2.94 -11.96
N ASP A 56 1.08 2.98 -11.53
CA ASP A 56 0.17 4.13 -11.86
C ASP A 56 0.22 5.22 -10.76
N GLY A 57 1.05 5.07 -9.75
CA GLY A 57 1.12 6.10 -8.66
C GLY A 57 0.22 5.69 -7.49
N ARG A 58 -0.79 4.87 -7.73
CA ARG A 58 -1.70 4.42 -6.62
C ARG A 58 -1.73 2.89 -6.60
N ILE A 59 -2.01 2.32 -5.48
CA ILE A 59 -2.14 0.83 -5.43
C ILE A 59 -3.62 0.53 -5.24
N ASP A 60 -4.20 -0.26 -6.12
CA ASP A 60 -5.62 -0.65 -5.91
C ASP A 60 -5.62 -1.87 -4.99
N TYR A 61 -6.77 -2.36 -4.65
CA TYR A 61 -6.84 -3.54 -3.74
C TYR A 61 -6.00 -4.70 -4.35
N ASP A 62 -6.17 -4.96 -5.63
CA ASP A 62 -5.41 -6.06 -6.30
C ASP A 62 -3.88 -5.81 -6.30
N GLU A 63 -3.42 -4.57 -6.56
CA GLU A 63 -1.94 -4.28 -6.49
C GLU A 63 -1.46 -4.46 -5.04
N PHE A 64 -2.26 -4.04 -4.09
CA PHE A 64 -1.87 -4.20 -2.66
C PHE A 64 -1.77 -5.67 -2.29
N LEU A 65 -2.71 -6.49 -2.77
CA LEU A 65 -2.63 -7.96 -2.48
C LEU A 65 -1.29 -8.52 -2.99
N GLU A 66 -0.77 -7.98 -4.08
CA GLU A 66 0.54 -8.50 -4.61
C GLU A 66 1.65 -8.31 -3.55
N PHE A 67 1.67 -7.17 -2.87
CA PHE A 67 2.72 -6.93 -1.78
C PHE A 67 2.51 -7.96 -0.67
N MET A 68 1.28 -8.06 -0.21
CA MET A 68 0.97 -8.92 0.97
C MET A 68 1.00 -10.42 0.65
N LYS A 69 0.61 -10.81 -0.55
CA LYS A 69 0.48 -12.29 -0.82
C LYS A 69 1.84 -13.01 -0.88
N ASP A 70 2.86 -12.42 -1.49
CA ASP A 70 4.14 -13.18 -1.66
C ASP A 70 5.15 -12.82 -0.59
N VAL A 71 5.28 -13.67 0.38
CA VAL A 71 6.32 -13.53 1.43
C VAL A 71 7.05 -14.89 1.47
N GLU A 72 8.35 -14.90 1.61
CA GLU A 72 9.08 -16.21 1.62
C GLU A 72 9.69 -16.45 3.01
CA CA B . -0.93 0.92 -8.80
CA CA C . -7.57 5.32 -1.15
N MET A 1 -10.49 -16.28 8.52
CA MET A 1 -9.34 -16.49 9.47
C MET A 1 -8.45 -17.65 8.95
N GLY A 2 -7.48 -17.35 8.12
CA GLY A 2 -6.61 -18.41 7.51
C GLY A 2 -7.44 -19.23 6.52
N LYS A 3 -8.44 -18.63 5.90
CA LYS A 3 -9.34 -19.39 4.97
C LYS A 3 -9.65 -18.59 3.70
N SER A 4 -9.81 -17.29 3.80
CA SER A 4 -10.20 -16.49 2.61
C SER A 4 -9.10 -15.46 2.29
N GLU A 5 -8.86 -15.21 1.03
CA GLU A 5 -7.86 -14.15 0.63
C GLU A 5 -8.37 -12.76 1.05
N GLU A 6 -9.68 -12.58 1.10
CA GLU A 6 -10.28 -11.25 1.49
C GLU A 6 -9.80 -10.80 2.87
N GLU A 7 -9.37 -11.70 3.74
CA GLU A 7 -8.85 -11.27 5.08
C GLU A 7 -7.70 -10.24 4.85
N LEU A 8 -6.95 -10.40 3.78
CA LEU A 8 -5.84 -9.43 3.43
C LEU A 8 -6.43 -8.00 3.24
N SER A 9 -7.65 -7.89 2.75
CA SER A 9 -8.26 -6.53 2.47
C SER A 9 -8.26 -5.64 3.72
N ASP A 10 -8.46 -6.20 4.90
CA ASP A 10 -8.47 -5.33 6.13
C ASP A 10 -7.11 -4.62 6.26
N LEU A 11 -6.03 -5.31 5.94
CA LEU A 11 -4.68 -4.64 5.95
C LEU A 11 -4.66 -3.49 4.93
N PHE A 12 -5.31 -3.67 3.78
CA PHE A 12 -5.40 -2.55 2.75
C PHE A 12 -6.03 -1.31 3.39
N ARG A 13 -7.07 -1.50 4.22
CA ARG A 13 -7.74 -0.34 4.92
C ARG A 13 -6.68 0.47 5.71
N MET A 14 -5.74 -0.21 6.34
CA MET A 14 -4.67 0.52 7.11
C MET A 14 -3.85 1.38 6.13
N PHE A 15 -3.60 0.89 4.93
CA PHE A 15 -2.82 1.67 3.94
C PHE A 15 -3.66 2.75 3.25
N ASP A 16 -4.79 2.40 2.69
CA ASP A 16 -5.61 3.45 1.96
C ASP A 16 -6.39 4.29 2.97
N LYS A 17 -5.96 5.52 3.19
CA LYS A 17 -6.68 6.39 4.20
C LYS A 17 -8.09 6.73 3.72
N ASN A 18 -8.22 7.11 2.47
CA ASN A 18 -9.57 7.53 1.95
C ASN A 18 -10.49 6.33 1.67
N ALA A 19 -9.95 5.12 1.54
CA ALA A 19 -10.76 3.91 1.15
C ALA A 19 -11.28 4.11 -0.29
N ASP A 20 -10.46 4.71 -1.14
CA ASP A 20 -10.83 4.90 -2.59
C ASP A 20 -10.47 3.66 -3.44
N GLY A 21 -9.91 2.63 -2.85
CA GLY A 21 -9.53 1.41 -3.64
C GLY A 21 -8.03 1.44 -3.95
N TYR A 22 -7.37 2.57 -3.80
CA TYR A 22 -5.90 2.64 -4.04
C TYR A 22 -5.19 3.18 -2.81
N ILE A 23 -4.03 2.66 -2.55
CA ILE A 23 -3.16 3.25 -1.51
C ILE A 23 -2.30 4.26 -2.28
N ASP A 24 -2.31 5.49 -1.86
CA ASP A 24 -1.61 6.57 -2.59
C ASP A 24 -0.32 6.90 -1.90
N LEU A 25 0.61 7.50 -2.63
CA LEU A 25 1.88 7.94 -1.97
C LEU A 25 1.55 8.88 -0.80
N ASP A 26 0.64 9.80 -1.02
CA ASP A 26 0.24 10.77 0.07
C ASP A 26 -0.36 9.99 1.24
N GLU A 27 -1.21 9.01 0.97
CA GLU A 27 -1.78 8.16 2.08
C GLU A 27 -0.63 7.41 2.76
N LEU A 28 0.36 6.96 2.00
CA LEU A 28 1.53 6.27 2.62
C LEU A 28 2.31 7.28 3.50
N LYS A 29 2.43 8.53 3.05
CA LYS A 29 3.16 9.56 3.90
C LYS A 29 2.50 9.67 5.26
N ILE A 30 1.17 9.70 5.31
CA ILE A 30 0.46 9.82 6.64
C ILE A 30 0.88 8.63 7.52
N MET A 31 0.94 7.43 6.96
CA MET A 31 1.43 6.23 7.76
C MET A 31 2.89 6.49 8.16
N LEU A 32 3.68 7.01 7.24
CA LEU A 32 5.13 7.30 7.52
C LEU A 32 5.30 8.38 8.59
N GLN A 33 4.47 9.42 8.59
CA GLN A 33 4.62 10.51 9.64
C GLN A 33 4.54 9.89 11.04
N ALA A 34 3.72 8.88 11.22
CA ALA A 34 3.65 8.22 12.56
C ALA A 34 5.01 7.55 12.87
N THR A 35 5.63 6.94 11.89
CA THR A 35 6.95 6.26 12.13
C THR A 35 8.18 7.21 12.00
N GLY A 36 8.11 8.25 11.19
CA GLY A 36 9.30 9.16 11.02
C GLY A 36 8.85 10.61 10.93
N GLU A 37 9.74 11.54 11.16
CA GLU A 37 9.37 12.99 11.14
C GLU A 37 8.95 13.44 9.72
N THR A 38 9.78 13.20 8.72
CA THR A 38 9.45 13.64 7.33
C THR A 38 9.96 12.61 6.31
N ILE A 39 9.16 12.25 5.33
CA ILE A 39 9.63 11.30 4.28
C ILE A 39 9.61 11.99 2.92
N THR A 40 10.58 11.71 2.11
CA THR A 40 10.64 12.31 0.74
C THR A 40 9.83 11.41 -0.23
N GLU A 41 9.30 11.97 -1.30
CA GLU A 41 8.41 11.19 -2.24
C GLU A 41 9.10 9.89 -2.74
N ASP A 42 10.39 9.94 -2.99
CA ASP A 42 11.11 8.71 -3.53
C ASP A 42 10.97 7.52 -2.57
N ASP A 43 11.04 7.75 -1.27
CA ASP A 43 10.85 6.63 -0.30
C ASP A 43 9.43 6.09 -0.45
N ILE A 44 8.47 6.98 -0.63
CA ILE A 44 7.04 6.55 -0.84
C ILE A 44 6.95 5.78 -2.19
N GLU A 45 7.61 6.29 -3.23
CA GLU A 45 7.56 5.62 -4.58
C GLU A 45 8.11 4.21 -4.51
N GLU A 46 9.19 3.98 -3.75
CA GLU A 46 9.78 2.61 -3.68
C GLU A 46 8.79 1.57 -3.17
N LEU A 47 7.98 1.91 -2.19
CA LEU A 47 6.99 0.90 -1.68
C LEU A 47 5.93 0.61 -2.77
N MET A 48 5.39 1.63 -3.38
CA MET A 48 4.30 1.42 -4.39
C MET A 48 4.77 0.75 -5.69
N LYS A 49 5.96 1.07 -6.16
CA LYS A 49 6.40 0.56 -7.54
C LYS A 49 6.35 -0.98 -7.61
N ASP A 50 6.76 -1.65 -6.56
CA ASP A 50 6.85 -3.15 -6.58
C ASP A 50 5.46 -3.78 -6.78
N GLY A 51 4.45 -3.21 -6.18
CA GLY A 51 3.07 -3.79 -6.34
C GLY A 51 2.24 -2.99 -7.36
N ASP A 52 2.75 -1.90 -7.94
CA ASP A 52 1.91 -1.13 -8.93
C ASP A 52 1.87 -1.91 -10.25
N LYS A 53 1.14 -3.01 -10.27
CA LYS A 53 1.06 -3.88 -11.50
C LYS A 53 0.52 -3.11 -12.70
N ASN A 54 -0.44 -2.23 -12.47
CA ASN A 54 -1.08 -1.51 -13.62
C ASN A 54 -0.33 -0.21 -13.97
N ASN A 55 0.80 0.08 -13.32
CA ASN A 55 1.58 1.35 -13.61
C ASN A 55 0.66 2.58 -13.41
N ASP A 56 -0.15 2.56 -12.39
CA ASP A 56 -1.08 3.73 -12.09
C ASP A 56 -0.48 4.67 -11.00
N GLY A 57 0.73 4.42 -10.54
CA GLY A 57 1.38 5.31 -9.52
C GLY A 57 0.77 5.09 -8.12
N ARG A 58 -0.05 4.08 -7.93
CA ARG A 58 -0.70 3.83 -6.60
C ARG A 58 -0.92 2.32 -6.43
N ILE A 59 -1.32 1.88 -5.28
CA ILE A 59 -1.59 0.44 -5.12
C ILE A 59 -3.10 0.21 -4.99
N ASP A 60 -3.67 -0.39 -5.99
CA ASP A 60 -5.11 -0.79 -6.00
C ASP A 60 -5.26 -1.96 -5.06
N TYR A 61 -6.45 -2.27 -4.68
CA TYR A 61 -6.69 -3.47 -3.83
C TYR A 61 -6.04 -4.71 -4.48
N ASP A 62 -6.23 -4.90 -5.77
CA ASP A 62 -5.55 -6.05 -6.49
C ASP A 62 -4.02 -5.89 -6.46
N GLU A 63 -3.52 -4.68 -6.62
CA GLU A 63 -2.02 -4.48 -6.56
C GLU A 63 -1.54 -4.77 -5.13
N PHE A 64 -2.31 -4.36 -4.14
CA PHE A 64 -1.96 -4.67 -2.71
C PHE A 64 -1.95 -6.19 -2.51
N LEU A 65 -2.95 -6.87 -3.03
CA LEU A 65 -2.96 -8.38 -2.90
C LEU A 65 -1.71 -9.00 -3.53
N GLU A 66 -1.20 -8.42 -4.61
CA GLU A 66 0.03 -9.01 -5.26
C GLU A 66 1.20 -9.03 -4.26
N PHE A 67 1.37 -7.97 -3.45
CA PHE A 67 2.48 -8.00 -2.41
C PHE A 67 2.31 -9.25 -1.54
N MET A 68 1.11 -9.44 -1.02
CA MET A 68 0.82 -10.61 -0.15
C MET A 68 0.88 -11.93 -0.94
N LYS A 69 0.48 -11.92 -2.18
CA LYS A 69 0.47 -13.17 -3.02
C LYS A 69 1.87 -13.81 -3.07
N ASP A 70 2.92 -13.02 -3.16
CA ASP A 70 4.29 -13.63 -3.27
C ASP A 70 5.09 -13.44 -1.98
N VAL A 71 4.59 -13.96 -0.88
CA VAL A 71 5.33 -13.85 0.43
C VAL A 71 5.64 -15.26 0.96
N GLU A 72 6.84 -15.45 1.46
CA GLU A 72 7.24 -16.79 2.04
C GLU A 72 7.04 -16.76 3.59
CA CA B . -1.23 0.78 -9.14
CA CA C . -6.26 5.75 -1.38
N MET A 1 -2.38 -15.53 8.43
CA MET A 1 -1.94 -16.94 8.20
C MET A 1 -2.25 -17.35 6.74
N GLY A 2 -1.26 -17.76 5.99
CA GLY A 2 -1.48 -18.10 4.54
C GLY A 2 -1.70 -16.79 3.79
N LYS A 3 -2.62 -16.75 2.88
CA LYS A 3 -2.97 -15.47 2.18
C LYS A 3 -4.47 -15.43 2.03
N SER A 4 -5.11 -14.65 2.82
CA SER A 4 -6.59 -14.62 2.80
C SER A 4 -7.04 -13.20 2.43
N GLU A 5 -8.11 -13.07 1.68
CA GLU A 5 -8.61 -11.71 1.28
C GLU A 5 -8.96 -10.87 2.53
N GLU A 6 -9.47 -11.50 3.57
CA GLU A 6 -9.78 -10.72 4.82
C GLU A 6 -8.48 -10.08 5.34
N GLU A 7 -7.38 -10.81 5.28
CA GLU A 7 -6.05 -10.26 5.72
C GLU A 7 -5.61 -9.16 4.75
N LEU A 8 -5.75 -9.40 3.45
CA LEU A 8 -5.32 -8.37 2.43
C LEU A 8 -6.18 -7.10 2.61
N SER A 9 -7.46 -7.26 2.79
CA SER A 9 -8.37 -6.08 2.98
C SER A 9 -8.01 -5.32 4.24
N ASP A 10 -7.72 -5.99 5.35
CA ASP A 10 -7.35 -5.22 6.60
C ASP A 10 -6.04 -4.47 6.35
N LEU A 11 -5.05 -5.12 5.79
CA LEU A 11 -3.75 -4.43 5.49
C LEU A 11 -4.00 -3.29 4.51
N PHE A 12 -4.76 -3.51 3.46
CA PHE A 12 -5.03 -2.40 2.47
C PHE A 12 -5.72 -1.23 3.19
N ARG A 13 -6.70 -1.53 4.03
CA ARG A 13 -7.45 -0.47 4.78
C ARG A 13 -6.45 0.43 5.53
N MET A 14 -5.38 -0.13 6.09
CA MET A 14 -4.38 0.74 6.81
C MET A 14 -3.71 1.68 5.79
N PHE A 15 -3.36 1.15 4.63
CA PHE A 15 -2.65 1.96 3.58
C PHE A 15 -3.54 3.05 2.95
N ASP A 16 -4.77 2.73 2.61
CA ASP A 16 -5.63 3.75 1.91
C ASP A 16 -6.28 4.68 2.95
N LYS A 17 -5.68 5.85 3.21
CA LYS A 17 -6.27 6.79 4.25
C LYS A 17 -7.68 7.21 3.84
N ASN A 18 -7.89 7.50 2.57
CA ASN A 18 -9.22 8.02 2.11
C ASN A 18 -10.15 6.88 1.71
N ALA A 19 -9.73 5.62 1.89
CA ALA A 19 -10.58 4.44 1.47
C ALA A 19 -11.16 4.67 0.06
N ASP A 20 -10.39 5.24 -0.84
CA ASP A 20 -10.88 5.47 -2.25
C ASP A 20 -10.68 4.20 -3.11
N GLY A 21 -10.17 3.13 -2.55
CA GLY A 21 -9.94 1.90 -3.34
C GLY A 21 -8.46 1.79 -3.72
N TYR A 22 -7.71 2.89 -3.67
CA TYR A 22 -6.26 2.83 -4.01
C TYR A 22 -5.44 3.44 -2.89
N ILE A 23 -4.26 2.92 -2.68
CA ILE A 23 -3.33 3.54 -1.71
C ILE A 23 -2.64 4.65 -2.48
N ASP A 24 -2.73 5.84 -2.00
CA ASP A 24 -2.21 7.04 -2.71
C ASP A 24 -0.83 7.36 -2.17
N LEU A 25 -0.02 8.03 -2.97
CA LEU A 25 1.39 8.40 -2.53
C LEU A 25 1.30 9.09 -1.16
N ASP A 26 0.40 10.06 -1.03
CA ASP A 26 0.20 10.76 0.26
C ASP A 26 -0.30 9.81 1.35
N GLU A 27 -1.15 8.86 1.02
CA GLU A 27 -1.64 7.91 2.08
C GLU A 27 -0.46 7.10 2.63
N LEU A 28 0.41 6.68 1.76
CA LEU A 28 1.62 5.91 2.21
C LEU A 28 2.53 6.78 3.10
N LYS A 29 2.84 8.00 2.70
CA LYS A 29 3.79 8.84 3.56
C LYS A 29 3.16 9.19 4.93
N ILE A 30 1.90 9.58 4.96
CA ILE A 30 1.29 10.00 6.27
C ILE A 30 1.27 8.87 7.32
N MET A 31 1.06 7.62 6.94
CA MET A 31 1.14 6.52 8.01
C MET A 31 2.53 6.56 8.63
N LEU A 32 3.53 6.77 7.81
CA LEU A 32 4.93 6.89 8.33
C LEU A 32 5.09 8.22 9.10
N GLN A 33 4.44 9.28 8.66
CA GLN A 33 4.49 10.54 9.48
C GLN A 33 3.81 10.30 10.85
N ALA A 34 2.75 9.49 10.88
CA ALA A 34 2.13 9.12 12.20
C ALA A 34 3.13 8.23 12.95
N THR A 35 3.85 7.42 12.22
CA THR A 35 4.92 6.57 12.79
C THR A 35 6.03 7.47 13.45
N GLY A 36 6.34 8.62 12.87
CA GLY A 36 7.40 9.49 13.50
C GLY A 36 7.71 10.72 12.64
N GLU A 37 8.80 10.68 11.91
CA GLU A 37 9.22 11.88 11.08
C GLU A 37 8.43 11.89 9.74
N THR A 38 9.08 11.92 8.60
CA THR A 38 8.33 11.94 7.31
C THR A 38 9.06 11.06 6.28
N ILE A 39 8.36 10.58 5.29
CA ILE A 39 9.02 9.75 4.22
C ILE A 39 8.91 10.54 2.94
N THR A 40 9.93 10.62 2.17
CA THR A 40 9.80 11.32 0.88
C THR A 40 9.09 10.34 -0.10
N GLU A 41 8.32 10.87 -1.01
CA GLU A 41 7.52 9.98 -1.93
C GLU A 41 8.39 8.97 -2.69
N ASP A 42 9.62 9.29 -3.01
CA ASP A 42 10.49 8.30 -3.75
C ASP A 42 10.59 6.96 -2.98
N ASP A 43 10.72 6.99 -1.66
CA ASP A 43 10.75 5.70 -0.88
C ASP A 43 9.43 4.99 -1.10
N ILE A 44 8.35 5.73 -1.02
CA ILE A 44 6.99 5.16 -1.27
C ILE A 44 6.94 4.62 -2.72
N GLU A 45 7.43 5.39 -3.68
CA GLU A 45 7.39 4.94 -5.11
C GLU A 45 8.15 3.61 -5.27
N GLU A 46 9.26 3.42 -4.58
CA GLU A 46 9.97 2.09 -4.71
C GLU A 46 9.09 0.98 -4.16
N LEU A 47 8.45 1.18 -3.01
CA LEU A 47 7.52 0.13 -2.48
C LEU A 47 6.35 -0.03 -3.44
N MET A 48 5.78 1.06 -3.92
CA MET A 48 4.66 0.95 -4.90
C MET A 48 5.14 0.23 -6.17
N LYS A 49 6.33 0.54 -6.62
CA LYS A 49 6.91 -0.16 -7.83
C LYS A 49 6.97 -1.68 -7.59
N ASP A 50 7.31 -2.11 -6.40
CA ASP A 50 7.43 -3.60 -6.12
C ASP A 50 6.09 -4.31 -6.37
N GLY A 51 4.97 -3.69 -6.05
CA GLY A 51 3.65 -4.42 -6.18
C GLY A 51 2.62 -3.69 -7.08
N ASP A 52 2.91 -2.52 -7.62
CA ASP A 52 1.86 -1.85 -8.46
C ASP A 52 1.93 -2.45 -9.86
N LYS A 53 0.90 -3.14 -10.26
CA LYS A 53 0.87 -3.79 -11.62
C LYS A 53 0.45 -2.78 -12.72
N ASN A 54 0.29 -1.52 -12.41
CA ASN A 54 -0.18 -0.54 -13.44
C ASN A 54 0.67 0.74 -13.34
N ASN A 55 0.55 1.61 -14.29
CA ASN A 55 1.23 2.95 -14.21
C ASN A 55 0.28 3.98 -13.57
N ASP A 56 -0.77 3.51 -12.90
CA ASP A 56 -1.83 4.38 -12.29
C ASP A 56 -1.27 5.43 -11.29
N GLY A 57 -0.23 5.13 -10.57
CA GLY A 57 0.30 6.13 -9.56
C GLY A 57 -0.24 5.82 -8.14
N ARG A 58 -1.15 4.87 -8.01
CA ARG A 58 -1.65 4.48 -6.64
C ARG A 58 -1.62 2.95 -6.54
N ILE A 59 -1.63 2.41 -5.34
CA ILE A 59 -1.70 0.93 -5.25
C ILE A 59 -3.16 0.53 -5.17
N ASP A 60 -3.59 -0.22 -6.14
CA ASP A 60 -4.98 -0.76 -6.17
C ASP A 60 -5.00 -2.00 -5.28
N TYR A 61 -6.14 -2.40 -4.83
CA TYR A 61 -6.19 -3.61 -3.95
C TYR A 61 -5.55 -4.81 -4.68
N ASP A 62 -5.88 -5.00 -5.95
CA ASP A 62 -5.23 -6.10 -6.77
C ASP A 62 -3.70 -5.92 -6.78
N GLU A 63 -3.22 -4.70 -6.87
CA GLU A 63 -1.73 -4.46 -6.82
C GLU A 63 -1.26 -4.75 -5.39
N PHE A 64 -2.03 -4.34 -4.40
CA PHE A 64 -1.67 -4.60 -2.97
C PHE A 64 -1.55 -6.11 -2.72
N LEU A 65 -2.42 -6.91 -3.32
CA LEU A 65 -2.33 -8.42 -3.13
C LEU A 65 -0.94 -8.91 -3.57
N GLU A 66 -0.36 -8.29 -4.59
CA GLU A 66 1.01 -8.71 -5.05
C GLU A 66 2.03 -8.55 -3.92
N PHE A 67 1.87 -7.56 -3.07
CA PHE A 67 2.84 -7.40 -1.92
C PHE A 67 2.67 -8.57 -0.96
N MET A 68 1.43 -8.93 -0.63
CA MET A 68 1.21 -10.01 0.37
C MET A 68 1.74 -11.37 -0.11
N LYS A 69 1.59 -11.69 -1.39
CA LYS A 69 2.07 -13.05 -1.86
C LYS A 69 3.58 -13.25 -1.63
N ASP A 70 4.37 -12.23 -1.87
CA ASP A 70 5.85 -12.39 -1.73
C ASP A 70 6.25 -12.73 -0.30
N VAL A 71 5.56 -12.16 0.67
CA VAL A 71 5.90 -12.45 2.11
C VAL A 71 5.68 -13.97 2.38
N GLU A 72 4.55 -14.50 1.95
CA GLU A 72 4.26 -15.97 2.11
C GLU A 72 3.30 -16.37 0.97
CA CA B . -1.15 1.02 -9.20
CA CA C . -6.28 6.01 -1.28
N MET A 1 0.70 -13.53 10.89
CA MET A 1 -0.43 -13.79 9.96
C MET A 1 -0.49 -12.67 8.91
N GLY A 2 -1.60 -12.48 8.25
CA GLY A 2 -1.69 -11.44 7.17
C GLY A 2 -1.23 -12.06 5.84
N LYS A 3 -1.51 -13.34 5.62
CA LYS A 3 -1.09 -14.03 4.36
C LYS A 3 -2.32 -14.27 3.45
N SER A 4 -3.45 -14.71 4.02
CA SER A 4 -4.66 -15.03 3.18
C SER A 4 -5.16 -13.77 2.47
N GLU A 5 -5.78 -13.94 1.33
CA GLU A 5 -6.30 -12.74 0.56
C GLU A 5 -7.28 -11.94 1.45
N GLU A 6 -8.06 -12.61 2.27
CA GLU A 6 -8.98 -11.87 3.20
C GLU A 6 -8.13 -11.04 4.20
N GLU A 7 -7.04 -11.61 4.70
CA GLU A 7 -6.14 -10.82 5.62
C GLU A 7 -5.51 -9.66 4.82
N LEU A 8 -5.10 -9.92 3.59
CA LEU A 8 -4.52 -8.84 2.72
C LEU A 8 -5.55 -7.72 2.56
N SER A 9 -6.79 -8.08 2.39
CA SER A 9 -7.87 -7.05 2.22
C SER A 9 -7.97 -6.16 3.48
N ASP A 10 -7.88 -6.73 4.68
CA ASP A 10 -7.94 -5.84 5.92
C ASP A 10 -6.75 -4.88 5.90
N LEU A 11 -5.59 -5.38 5.56
CA LEU A 11 -4.38 -4.48 5.48
C LEU A 11 -4.62 -3.40 4.42
N PHE A 12 -5.23 -3.76 3.31
CA PHE A 12 -5.56 -2.74 2.25
C PHE A 12 -6.44 -1.64 2.88
N ARG A 13 -7.41 -2.02 3.71
CA ARG A 13 -8.24 -1.00 4.41
C ARG A 13 -7.30 -0.10 5.27
N MET A 14 -6.30 -0.68 5.92
CA MET A 14 -5.33 0.15 6.73
C MET A 14 -4.53 1.10 5.81
N PHE A 15 -4.13 0.64 4.64
CA PHE A 15 -3.32 1.50 3.71
C PHE A 15 -4.11 2.67 3.14
N ASP A 16 -5.40 2.53 2.93
CA ASP A 16 -6.19 3.69 2.37
C ASP A 16 -6.68 4.56 3.52
N LYS A 17 -6.44 5.84 3.50
CA LYS A 17 -6.93 6.70 4.64
C LYS A 17 -8.14 7.56 4.24
N ASN A 18 -8.35 7.81 2.96
CA ASN A 18 -9.52 8.69 2.54
C ASN A 18 -10.79 7.86 2.25
N ALA A 19 -10.75 6.54 2.44
CA ALA A 19 -11.93 5.62 2.09
C ALA A 19 -12.23 5.69 0.57
N ASP A 20 -11.28 6.17 -0.22
CA ASP A 20 -11.43 6.23 -1.72
C ASP A 20 -11.35 4.82 -2.35
N GLY A 21 -10.66 3.90 -1.71
CA GLY A 21 -10.53 2.50 -2.28
C GLY A 21 -9.19 2.28 -2.97
N TYR A 22 -8.39 3.32 -3.15
CA TYR A 22 -7.05 3.14 -3.80
C TYR A 22 -5.97 3.57 -2.82
N ILE A 23 -4.89 2.85 -2.73
CA ILE A 23 -3.81 3.33 -1.83
C ILE A 23 -2.94 4.25 -2.68
N ASP A 24 -2.87 5.48 -2.31
CA ASP A 24 -2.06 6.46 -3.07
C ASP A 24 -0.79 6.73 -2.30
N LEU A 25 0.24 7.13 -2.96
CA LEU A 25 1.52 7.47 -2.25
C LEU A 25 1.26 8.58 -1.20
N ASP A 26 0.40 9.55 -1.51
CA ASP A 26 0.05 10.62 -0.51
C ASP A 26 -0.72 9.99 0.66
N GLU A 27 -1.64 9.07 0.40
CA GLU A 27 -2.32 8.36 1.55
C GLU A 27 -1.24 7.57 2.31
N LEU A 28 -0.32 6.96 1.59
CA LEU A 28 0.74 6.13 2.24
C LEU A 28 1.64 7.02 3.13
N LYS A 29 2.01 8.22 2.68
CA LYS A 29 2.90 9.08 3.53
C LYS A 29 2.24 9.48 4.85
N ILE A 30 0.94 9.75 4.85
CA ILE A 30 0.25 10.15 6.13
C ILE A 30 0.46 9.06 7.20
N MET A 31 0.31 7.80 6.84
CA MET A 31 0.54 6.72 7.84
C MET A 31 2.05 6.66 8.21
N LEU A 32 2.93 6.90 7.25
CA LEU A 32 4.40 6.84 7.54
C LEU A 32 4.83 8.06 8.39
N GLN A 33 4.45 9.26 8.00
CA GLN A 33 4.86 10.49 8.79
C GLN A 33 4.33 10.43 10.23
N ALA A 34 3.16 9.85 10.43
CA ALA A 34 2.60 9.76 11.82
C ALA A 34 3.47 8.82 12.69
N THR A 35 4.22 7.92 12.10
CA THR A 35 5.01 6.93 12.92
C THR A 35 6.19 6.36 12.08
N GLY A 36 7.07 7.20 11.59
CA GLY A 36 8.22 6.69 10.76
C GLY A 36 9.28 7.78 10.58
N GLU A 37 10.13 7.64 9.58
CA GLU A 37 11.18 8.69 9.32
C GLU A 37 10.60 9.71 8.33
N THR A 38 11.15 10.90 8.28
CA THR A 38 10.64 11.93 7.30
C THR A 38 11.17 11.52 5.90
N ILE A 39 10.31 11.47 4.92
CA ILE A 39 10.77 11.06 3.55
C ILE A 39 10.41 12.10 2.49
N THR A 40 11.17 12.14 1.45
CA THR A 40 10.85 13.03 0.31
C THR A 40 9.99 12.20 -0.70
N GLU A 41 9.63 12.76 -1.83
CA GLU A 41 8.75 12.00 -2.79
C GLU A 41 9.56 10.90 -3.51
N ASP A 42 10.08 9.94 -2.77
CA ASP A 42 10.89 8.82 -3.38
C ASP A 42 10.66 7.51 -2.61
N ASP A 43 11.03 7.48 -1.34
CA ASP A 43 10.91 6.22 -0.49
C ASP A 43 9.47 5.70 -0.57
N ILE A 44 8.51 6.59 -0.49
CA ILE A 44 7.05 6.19 -0.60
C ILE A 44 6.85 5.54 -1.98
N GLU A 45 7.38 6.16 -3.03
CA GLU A 45 7.23 5.58 -4.38
C GLU A 45 7.90 4.21 -4.44
N GLU A 46 9.07 4.05 -3.83
CA GLU A 46 9.75 2.71 -3.87
C GLU A 46 8.86 1.66 -3.23
N LEU A 47 8.21 1.99 -2.13
CA LEU A 47 7.22 1.03 -1.52
C LEU A 47 6.06 0.82 -2.51
N MET A 48 5.61 1.88 -3.16
CA MET A 48 4.49 1.72 -4.15
C MET A 48 4.98 0.89 -5.36
N LYS A 49 6.18 1.16 -5.87
CA LYS A 49 6.71 0.38 -7.07
C LYS A 49 6.79 -1.11 -6.75
N ASP A 50 7.11 -1.47 -5.52
CA ASP A 50 7.20 -2.92 -5.14
C ASP A 50 5.86 -3.62 -5.45
N GLY A 51 4.76 -2.94 -5.24
CA GLY A 51 3.43 -3.58 -5.50
C GLY A 51 2.73 -2.98 -6.75
N ASP A 52 3.10 -1.77 -7.19
CA ASP A 52 2.35 -1.13 -8.34
C ASP A 52 2.53 -1.90 -9.63
N LYS A 53 1.49 -2.00 -10.41
CA LYS A 53 1.52 -2.75 -11.67
C LYS A 53 0.99 -1.84 -12.77
N ASN A 54 1.51 -1.96 -13.95
CA ASN A 54 1.11 -1.08 -15.12
C ASN A 54 1.36 0.42 -14.81
N ASN A 55 2.31 0.71 -13.92
CA ASN A 55 2.72 2.12 -13.61
C ASN A 55 1.48 3.02 -13.32
N ASP A 56 0.51 2.54 -12.56
CA ASP A 56 -0.67 3.44 -12.22
C ASP A 56 -0.34 4.31 -10.98
N GLY A 57 0.83 4.12 -10.36
CA GLY A 57 1.26 5.00 -9.19
C GLY A 57 0.46 4.72 -7.89
N ARG A 58 -0.60 3.97 -7.95
CA ARG A 58 -1.43 3.70 -6.72
C ARG A 58 -1.36 2.22 -6.45
N ILE A 59 -1.66 1.81 -5.25
CA ILE A 59 -1.84 0.36 -5.05
C ILE A 59 -3.33 0.14 -4.96
N ASP A 60 -3.87 -0.53 -5.93
CA ASP A 60 -5.32 -0.82 -5.94
C ASP A 60 -5.52 -2.09 -5.13
N TYR A 61 -6.73 -2.44 -4.85
CA TYR A 61 -6.97 -3.68 -4.02
C TYR A 61 -6.21 -4.87 -4.64
N ASP A 62 -6.34 -5.07 -5.93
CA ASP A 62 -5.62 -6.21 -6.62
C ASP A 62 -4.10 -6.07 -6.47
N GLU A 63 -3.57 -4.86 -6.59
CA GLU A 63 -2.08 -4.67 -6.45
C GLU A 63 -1.67 -4.94 -5.01
N PHE A 64 -2.48 -4.50 -4.07
CA PHE A 64 -2.13 -4.67 -2.64
C PHE A 64 -2.06 -6.14 -2.23
N LEU A 65 -2.98 -6.98 -2.71
CA LEU A 65 -2.97 -8.44 -2.29
C LEU A 65 -1.59 -9.05 -2.51
N GLU A 66 -0.86 -8.61 -3.50
CA GLU A 66 0.51 -9.18 -3.80
C GLU A 66 1.52 -8.89 -2.65
N PHE A 67 1.45 -7.73 -2.03
CA PHE A 67 2.51 -7.30 -1.00
C PHE A 67 2.69 -8.32 0.13
N MET A 68 1.63 -8.75 0.77
CA MET A 68 1.79 -9.62 1.99
C MET A 68 1.56 -11.12 1.72
N LYS A 69 1.62 -11.58 0.49
CA LYS A 69 1.43 -13.06 0.23
C LYS A 69 2.52 -13.90 0.93
N ASP A 70 3.76 -13.43 0.98
CA ASP A 70 4.83 -14.24 1.68
C ASP A 70 4.98 -13.75 3.14
N VAL A 71 3.93 -13.85 3.90
CA VAL A 71 3.98 -13.42 5.33
C VAL A 71 3.55 -14.60 6.20
N GLU A 72 4.21 -14.83 7.30
CA GLU A 72 3.84 -15.99 8.15
C GLU A 72 2.68 -15.55 9.09
CA CA B . -1.00 0.60 -9.01
CA CA C . -7.06 5.74 -1.11
N MET A 1 -7.71 -16.85 8.63
CA MET A 1 -7.18 -17.49 7.38
C MET A 1 -8.29 -18.34 6.77
N GLY A 2 -8.74 -18.03 5.59
CA GLY A 2 -9.85 -18.81 4.97
C GLY A 2 -9.90 -18.56 3.47
N LYS A 3 -10.95 -18.99 2.83
CA LYS A 3 -11.09 -18.77 1.34
C LYS A 3 -11.51 -17.31 1.04
N SER A 4 -11.76 -16.49 2.03
CA SER A 4 -12.23 -15.10 1.73
C SER A 4 -11.05 -14.26 1.19
N GLU A 5 -11.10 -13.90 -0.08
CA GLU A 5 -10.04 -12.98 -0.69
C GLU A 5 -10.09 -11.63 0.06
N GLU A 6 -11.24 -11.28 0.57
CA GLU A 6 -11.44 -9.98 1.30
C GLU A 6 -10.53 -9.95 2.55
N GLU A 7 -10.28 -11.10 3.17
CA GLU A 7 -9.47 -11.12 4.46
C GLU A 7 -8.07 -10.47 4.23
N LEU A 8 -7.47 -10.65 3.07
CA LEU A 8 -6.14 -9.97 2.79
C LEU A 8 -6.35 -8.42 2.80
N SER A 9 -7.52 -7.97 2.42
CA SER A 9 -7.85 -6.50 2.39
C SER A 9 -7.72 -5.87 3.80
N ASP A 10 -7.91 -6.65 4.87
CA ASP A 10 -7.75 -6.05 6.26
C ASP A 10 -6.39 -5.33 6.35
N LEU A 11 -5.36 -5.84 5.71
CA LEU A 11 -4.04 -5.12 5.70
C LEU A 11 -4.17 -3.84 4.81
N PHE A 12 -4.90 -3.93 3.70
CA PHE A 12 -5.07 -2.75 2.72
C PHE A 12 -5.69 -1.52 3.40
N ARG A 13 -6.75 -1.71 4.17
CA ARG A 13 -7.47 -0.52 4.81
C ARG A 13 -6.49 0.40 5.57
N MET A 14 -5.48 -0.17 6.24
CA MET A 14 -4.47 0.70 6.97
C MET A 14 -3.73 1.57 5.94
N PHE A 15 -3.48 1.03 4.76
CA PHE A 15 -2.78 1.80 3.70
C PHE A 15 -3.75 2.81 3.05
N ASP A 16 -4.97 2.40 2.75
CA ASP A 16 -5.90 3.37 2.08
C ASP A 16 -6.52 4.30 3.13
N LYS A 17 -5.86 5.38 3.44
CA LYS A 17 -6.38 6.35 4.48
C LYS A 17 -7.77 6.88 4.09
N ASN A 18 -8.04 7.08 2.82
CA ASN A 18 -9.37 7.66 2.41
C ASN A 18 -10.39 6.59 2.11
N ALA A 19 -10.06 5.30 2.28
CA ALA A 19 -11.04 4.18 1.93
C ALA A 19 -11.64 4.39 0.53
N ASP A 20 -10.85 4.94 -0.40
CA ASP A 20 -11.36 5.16 -1.80
C ASP A 20 -11.18 3.88 -2.66
N GLY A 21 -10.63 2.82 -2.11
CA GLY A 21 -10.41 1.58 -2.91
C GLY A 21 -8.95 1.49 -3.34
N TYR A 22 -8.20 2.58 -3.29
CA TYR A 22 -6.75 2.56 -3.66
C TYR A 22 -5.92 3.13 -2.53
N ILE A 23 -4.73 2.61 -2.35
CA ILE A 23 -3.80 3.26 -1.38
C ILE A 23 -3.16 4.39 -2.17
N ASP A 24 -3.26 5.59 -1.69
CA ASP A 24 -2.79 6.77 -2.46
C ASP A 24 -1.38 7.07 -2.02
N LEU A 25 -0.54 7.52 -2.92
CA LEU A 25 0.86 7.91 -2.52
C LEU A 25 0.77 8.90 -1.33
N ASP A 26 -0.15 9.84 -1.40
CA ASP A 26 -0.36 10.81 -0.27
C ASP A 26 -0.84 10.09 1.00
N GLU A 27 -1.71 9.09 0.87
CA GLU A 27 -2.14 8.30 2.11
C GLU A 27 -0.90 7.64 2.70
N LEU A 28 0.00 7.13 1.85
CA LEU A 28 1.26 6.55 2.40
C LEU A 28 2.05 7.64 3.13
N LYS A 29 2.10 8.86 2.59
CA LYS A 29 2.86 9.97 3.29
C LYS A 29 2.32 10.14 4.71
N ILE A 30 1.01 10.10 4.87
CA ILE A 30 0.42 10.22 6.25
C ILE A 30 0.92 9.02 7.10
N MET A 31 0.93 7.82 6.52
CA MET A 31 1.43 6.61 7.27
C MET A 31 2.90 6.82 7.67
N LEU A 32 3.70 7.35 6.76
CA LEU A 32 5.16 7.59 7.08
C LEU A 32 5.32 8.65 8.17
N GLN A 33 4.51 9.68 8.14
CA GLN A 33 4.59 10.70 9.26
C GLN A 33 4.25 9.97 10.58
N ALA A 34 3.32 9.03 10.56
CA ALA A 34 3.01 8.24 11.80
C ALA A 34 4.24 7.36 12.16
N THR A 35 4.91 6.78 11.18
CA THR A 35 6.09 5.91 11.50
C THR A 35 7.33 6.73 11.92
N GLY A 36 7.56 7.90 11.36
CA GLY A 36 8.74 8.70 11.81
C GLY A 36 9.29 9.60 10.69
N GLU A 37 10.22 9.10 9.90
CA GLU A 37 10.90 9.95 8.84
C GLU A 37 9.91 10.44 7.78
N THR A 38 10.17 11.59 7.22
CA THR A 38 9.33 12.11 6.11
C THR A 38 10.12 11.88 4.80
N ILE A 39 9.46 11.41 3.77
CA ILE A 39 10.16 11.16 2.47
C ILE A 39 9.51 11.94 1.33
N THR A 40 10.24 12.12 0.27
CA THR A 40 9.75 12.86 -0.92
C THR A 40 8.77 11.95 -1.74
N GLU A 41 8.45 12.35 -2.95
CA GLU A 41 7.51 11.55 -3.81
C GLU A 41 8.24 10.30 -4.43
N ASP A 42 9.39 9.91 -3.91
CA ASP A 42 10.17 8.77 -4.54
C ASP A 42 10.24 7.58 -3.60
N ASP A 43 10.76 7.76 -2.41
CA ASP A 43 10.92 6.60 -1.43
C ASP A 43 9.58 5.85 -1.28
N ILE A 44 8.50 6.60 -1.18
CA ILE A 44 7.15 5.94 -1.06
C ILE A 44 6.90 5.10 -2.33
N GLU A 45 7.20 5.64 -3.51
CA GLU A 45 6.96 4.85 -4.74
C GLU A 45 7.82 3.60 -4.78
N GLU A 46 9.04 3.63 -4.29
CA GLU A 46 9.85 2.35 -4.30
C GLU A 46 9.13 1.30 -3.44
N LEU A 47 8.61 1.71 -2.29
CA LEU A 47 7.82 0.73 -1.45
C LEU A 47 6.54 0.36 -2.22
N MET A 48 5.85 1.35 -2.76
CA MET A 48 4.60 1.04 -3.58
C MET A 48 4.99 0.16 -4.77
N LYS A 49 6.12 0.42 -5.38
CA LYS A 49 6.60 -0.38 -6.57
C LYS A 49 6.68 -1.87 -6.22
N ASP A 50 6.97 -2.23 -4.98
CA ASP A 50 7.04 -3.70 -4.62
C ASP A 50 5.72 -4.39 -4.99
N GLY A 51 4.59 -3.73 -4.80
CA GLY A 51 3.26 -4.38 -5.13
C GLY A 51 2.44 -3.56 -6.15
N ASP A 52 2.67 -2.25 -6.27
CA ASP A 52 1.88 -1.45 -7.26
C ASP A 52 2.40 -1.84 -8.64
N LYS A 53 1.59 -2.56 -9.37
CA LYS A 53 2.05 -3.16 -10.68
C LYS A 53 2.59 -2.09 -11.65
N ASN A 54 2.02 -0.91 -11.66
CA ASN A 54 2.47 0.12 -12.69
C ASN A 54 3.18 1.33 -12.06
N ASN A 55 3.42 1.35 -10.74
CA ASN A 55 3.99 2.60 -10.07
C ASN A 55 3.13 3.81 -10.46
N ASP A 56 1.85 3.63 -10.36
CA ASP A 56 0.82 4.67 -10.83
C ASP A 56 0.41 5.69 -9.73
N GLY A 57 0.96 5.61 -8.55
CA GLY A 57 0.61 6.61 -7.49
C GLY A 57 -0.57 6.09 -6.63
N ARG A 58 -1.28 5.07 -7.05
CA ARG A 58 -2.40 4.50 -6.23
C ARG A 58 -2.32 2.98 -6.25
N ILE A 59 -2.36 2.33 -5.11
CA ILE A 59 -2.31 0.85 -5.15
C ILE A 59 -3.73 0.31 -5.13
N ASP A 60 -4.09 -0.38 -6.19
CA ASP A 60 -5.41 -1.08 -6.28
C ASP A 60 -5.34 -2.26 -5.33
N TYR A 61 -6.47 -2.77 -4.89
CA TYR A 61 -6.40 -3.97 -4.00
C TYR A 61 -5.61 -5.09 -4.72
N ASP A 62 -5.83 -5.26 -6.01
CA ASP A 62 -5.02 -6.24 -6.84
C ASP A 62 -3.51 -5.87 -6.77
N GLU A 63 -3.17 -4.59 -6.77
CA GLU A 63 -1.73 -4.21 -6.61
C GLU A 63 -1.30 -4.56 -5.16
N PHE A 64 -2.17 -4.34 -4.20
CA PHE A 64 -1.86 -4.74 -2.78
C PHE A 64 -1.71 -6.29 -2.71
N LEU A 65 -2.59 -7.02 -3.36
CA LEU A 65 -2.47 -8.54 -3.38
C LEU A 65 -1.10 -8.95 -3.98
N GLU A 66 -0.57 -8.19 -4.92
CA GLU A 66 0.75 -8.55 -5.53
C GLU A 66 1.82 -8.71 -4.41
N PHE A 67 1.79 -7.83 -3.38
CA PHE A 67 2.80 -7.99 -2.23
C PHE A 67 2.62 -9.39 -1.61
N MET A 68 1.38 -9.78 -1.34
CA MET A 68 1.11 -11.12 -0.72
C MET A 68 1.43 -12.26 -1.72
N LYS A 69 1.16 -12.05 -2.98
CA LYS A 69 1.35 -13.13 -4.01
C LYS A 69 2.82 -13.60 -4.11
N ASP A 70 3.76 -12.71 -4.07
CA ASP A 70 5.18 -13.15 -4.30
C ASP A 70 5.88 -13.56 -3.02
N VAL A 71 6.52 -14.71 -3.07
CA VAL A 71 7.32 -15.23 -1.91
C VAL A 71 8.70 -15.67 -2.44
N GLU A 72 9.62 -15.92 -1.56
CA GLU A 72 10.99 -16.36 -2.00
C GLU A 72 10.97 -17.88 -2.27
CA CA B . -1.02 1.25 -8.69
CA CA C . -6.70 5.70 -0.96
N MET A 1 1.53 -16.17 4.30
CA MET A 1 0.29 -16.45 3.50
C MET A 1 -0.94 -16.08 4.35
N GLY A 2 -1.93 -15.44 3.76
CA GLY A 2 -3.16 -15.10 4.53
C GLY A 2 -4.09 -16.31 4.50
N LYS A 3 -5.08 -16.33 5.35
CA LYS A 3 -6.11 -17.42 5.30
C LYS A 3 -6.89 -17.28 3.97
N SER A 4 -7.18 -16.04 3.61
CA SER A 4 -7.97 -15.76 2.38
C SER A 4 -7.40 -14.47 1.76
N GLU A 5 -7.53 -14.30 0.46
CA GLU A 5 -6.99 -13.05 -0.20
C GLU A 5 -7.66 -11.80 0.40
N GLU A 6 -8.93 -11.88 0.74
CA GLU A 6 -9.68 -10.70 1.30
C GLU A 6 -9.15 -10.28 2.69
N GLU A 7 -8.55 -11.18 3.45
CA GLU A 7 -8.01 -10.81 4.82
C GLU A 7 -7.04 -9.61 4.66
N LEU A 8 -6.30 -9.57 3.57
CA LEU A 8 -5.36 -8.41 3.31
C LEU A 8 -6.15 -7.08 3.22
N SER A 9 -7.40 -7.10 2.80
CA SER A 9 -8.17 -5.81 2.60
C SER A 9 -8.25 -5.00 3.90
N ASP A 10 -8.34 -5.65 5.05
CA ASP A 10 -8.33 -4.86 6.34
C ASP A 10 -7.02 -4.08 6.43
N LEU A 11 -5.91 -4.74 6.08
CA LEU A 11 -4.59 -4.02 6.06
C LEU A 11 -4.62 -2.94 4.98
N PHE A 12 -5.24 -3.23 3.83
CA PHE A 12 -5.37 -2.18 2.73
C PHE A 12 -6.09 -0.96 3.30
N ARG A 13 -7.16 -1.19 4.06
CA ARG A 13 -7.94 -0.05 4.69
C ARG A 13 -6.97 0.83 5.52
N MET A 14 -5.99 0.21 6.18
CA MET A 14 -4.99 1.03 6.97
C MET A 14 -4.17 1.89 5.97
N PHE A 15 -3.81 1.32 4.83
CA PHE A 15 -3.03 2.09 3.78
C PHE A 15 -3.91 3.10 3.04
N ASP A 16 -5.08 2.70 2.59
CA ASP A 16 -5.96 3.68 1.86
C ASP A 16 -6.60 4.58 2.90
N LYS A 17 -5.95 5.65 3.22
CA LYS A 17 -6.48 6.56 4.28
C LYS A 17 -7.85 7.12 3.93
N ASN A 18 -8.14 7.36 2.68
CA ASN A 18 -9.48 7.97 2.31
C ASN A 18 -10.53 6.89 1.96
N ALA A 19 -10.21 5.60 2.08
CA ALA A 19 -11.20 4.50 1.73
C ALA A 19 -11.72 4.69 0.28
N ASP A 20 -10.87 5.14 -0.62
CA ASP A 20 -11.28 5.32 -2.08
C ASP A 20 -11.04 4.04 -2.90
N GLY A 21 -10.55 2.99 -2.30
CA GLY A 21 -10.28 1.72 -3.06
C GLY A 21 -8.81 1.69 -3.54
N TYR A 22 -8.06 2.76 -3.36
CA TYR A 22 -6.63 2.78 -3.81
C TYR A 22 -5.76 3.32 -2.68
N ILE A 23 -4.55 2.85 -2.59
CA ILE A 23 -3.62 3.48 -1.62
C ILE A 23 -2.81 4.52 -2.41
N ASP A 24 -2.82 5.71 -1.92
CA ASP A 24 -2.11 6.84 -2.61
C ASP A 24 -0.79 7.09 -1.92
N LEU A 25 0.16 7.64 -2.62
CA LEU A 25 1.49 7.97 -1.99
C LEU A 25 1.27 8.88 -0.77
N ASP A 26 0.39 9.86 -0.83
CA ASP A 26 0.16 10.72 0.39
C ASP A 26 -0.50 9.92 1.50
N GLU A 27 -1.46 9.05 1.19
CA GLU A 27 -2.06 8.18 2.27
C GLU A 27 -0.94 7.34 2.90
N LEU A 28 -0.05 6.82 2.07
CA LEU A 28 1.12 6.05 2.60
C LEU A 28 2.04 7.02 3.37
N LYS A 29 2.22 8.23 2.88
CA LYS A 29 3.08 9.25 3.60
C LYS A 29 2.53 9.48 5.02
N ILE A 30 1.21 9.49 5.17
CA ILE A 30 0.64 9.63 6.56
C ILE A 30 1.11 8.43 7.42
N MET A 31 1.14 7.23 6.86
CA MET A 31 1.63 6.03 7.61
C MET A 31 3.10 6.25 8.03
N LEU A 32 3.92 6.83 7.16
CA LEU A 32 5.36 7.15 7.54
C LEU A 32 5.37 8.20 8.65
N GLN A 33 4.48 9.17 8.58
CA GLN A 33 4.41 10.20 9.68
C GLN A 33 4.15 9.44 11.00
N ALA A 34 3.32 8.41 10.95
CA ALA A 34 3.05 7.58 12.18
C ALA A 34 4.34 6.84 12.61
N THR A 35 5.21 6.47 11.69
CA THR A 35 6.46 5.74 12.12
C THR A 35 7.51 6.72 12.73
N GLY A 36 7.42 8.02 12.48
CA GLY A 36 8.41 8.98 13.08
C GLY A 36 8.87 9.99 12.02
N GLU A 37 10.08 9.85 11.54
CA GLU A 37 10.64 10.81 10.52
C GLU A 37 9.78 10.79 9.23
N THR A 38 9.63 11.93 8.58
CA THR A 38 8.84 11.99 7.32
C THR A 38 9.69 11.46 6.16
N ILE A 39 9.07 10.87 5.16
CA ILE A 39 9.84 10.32 4.00
C ILE A 39 9.49 11.12 2.74
N THR A 40 10.43 11.22 1.82
CA THR A 40 10.13 11.93 0.53
C THR A 40 9.22 11.03 -0.33
N GLU A 41 8.61 11.60 -1.35
CA GLU A 41 7.70 10.77 -2.24
C GLU A 41 8.50 9.60 -2.85
N ASP A 42 9.78 9.81 -3.09
CA ASP A 42 10.64 8.79 -3.80
C ASP A 42 10.56 7.44 -3.08
N ASP A 43 10.69 7.42 -1.75
CA ASP A 43 10.62 6.11 -1.02
C ASP A 43 9.22 5.52 -1.12
N ILE A 44 8.21 6.35 -0.94
CA ILE A 44 6.79 5.85 -1.09
C ILE A 44 6.64 5.32 -2.52
N GLU A 45 7.13 6.07 -3.49
CA GLU A 45 7.06 5.60 -4.89
C GLU A 45 7.85 4.29 -5.01
N GLU A 46 9.00 4.20 -4.38
CA GLU A 46 9.85 2.96 -4.48
C GLU A 46 9.06 1.77 -3.94
N LEU A 47 8.42 1.93 -2.79
CA LEU A 47 7.51 0.85 -2.27
C LEU A 47 6.38 0.66 -3.30
N MET A 48 5.87 1.74 -3.84
CA MET A 48 4.76 1.67 -4.82
C MET A 48 5.21 0.89 -6.07
N LYS A 49 6.45 1.08 -6.53
CA LYS A 49 6.93 0.35 -7.77
C LYS A 49 6.82 -1.17 -7.55
N ASP A 50 7.17 -1.65 -6.36
CA ASP A 50 7.06 -3.13 -6.10
C ASP A 50 5.59 -3.58 -6.17
N GLY A 51 4.69 -2.82 -5.58
CA GLY A 51 3.27 -3.24 -5.52
C GLY A 51 2.49 -2.86 -6.78
N ASP A 52 2.73 -1.68 -7.35
CA ASP A 52 1.90 -1.28 -8.53
C ASP A 52 2.34 -2.06 -9.75
N LYS A 53 1.79 -3.23 -9.92
CA LYS A 53 2.20 -4.15 -11.04
C LYS A 53 2.08 -3.46 -12.42
N ASN A 54 1.05 -2.66 -12.64
CA ASN A 54 0.88 -2.05 -14.01
C ASN A 54 1.29 -0.55 -14.06
N ASN A 55 1.90 0.01 -13.01
CA ASN A 55 2.29 1.49 -13.02
C ASN A 55 1.06 2.37 -13.38
N ASP A 56 -0.06 2.10 -12.77
CA ASP A 56 -1.33 2.89 -13.04
C ASP A 56 -1.38 4.23 -12.24
N GLY A 57 -0.43 4.48 -11.34
CA GLY A 57 -0.45 5.75 -10.54
C GLY A 57 -1.17 5.57 -9.18
N ARG A 58 -1.91 4.49 -8.97
CA ARG A 58 -2.62 4.27 -7.64
C ARG A 58 -2.34 2.84 -7.17
N ILE A 59 -2.17 2.60 -5.90
CA ILE A 59 -2.02 1.18 -5.45
C ILE A 59 -3.42 0.58 -5.28
N ASP A 60 -3.73 -0.37 -6.11
CA ASP A 60 -5.05 -1.08 -6.04
C ASP A 60 -4.95 -2.18 -5.02
N TYR A 61 -6.06 -2.67 -4.56
CA TYR A 61 -6.02 -3.81 -3.60
C TYR A 61 -5.25 -4.99 -4.24
N ASP A 62 -5.51 -5.28 -5.50
CA ASP A 62 -4.75 -6.40 -6.20
C ASP A 62 -3.24 -6.09 -6.20
N GLU A 63 -2.86 -4.85 -6.40
CA GLU A 63 -1.40 -4.47 -6.31
C GLU A 63 -0.98 -4.59 -4.83
N PHE A 64 -1.85 -4.19 -3.92
CA PHE A 64 -1.58 -4.33 -2.44
C PHE A 64 -1.35 -5.82 -2.10
N LEU A 65 -2.13 -6.72 -2.69
CA LEU A 65 -1.95 -8.19 -2.38
C LEU A 65 -0.50 -8.60 -2.65
N GLU A 66 0.15 -8.04 -3.67
CA GLU A 66 1.57 -8.45 -4.00
C GLU A 66 2.51 -8.16 -2.80
N PHE A 67 2.31 -7.04 -2.10
CA PHE A 67 3.22 -6.73 -0.90
C PHE A 67 3.14 -7.88 0.11
N MET A 68 1.96 -8.42 0.31
CA MET A 68 1.78 -9.47 1.37
C MET A 68 1.80 -10.89 0.78
N LYS A 69 1.31 -11.06 -0.43
CA LYS A 69 1.28 -12.43 -1.09
C LYS A 69 2.70 -13.03 -1.23
N ASP A 70 3.68 -12.23 -1.58
CA ASP A 70 5.05 -12.80 -1.81
C ASP A 70 6.03 -12.32 -0.76
N VAL A 71 5.97 -12.90 0.40
CA VAL A 71 6.93 -12.56 1.50
C VAL A 71 7.50 -13.86 2.09
N GLU A 72 8.72 -13.84 2.58
CA GLU A 72 9.35 -15.08 3.17
C GLU A 72 10.22 -14.67 4.37
CA CA B . -1.55 0.69 -9.32
CA CA C . -6.91 5.91 -1.30
N MET A 1 -2.31 -12.05 8.78
CA MET A 1 -1.45 -13.05 9.47
C MET A 1 -1.06 -14.15 8.46
N GLY A 2 -2.03 -14.89 7.95
CA GLY A 2 -1.73 -15.95 6.94
C GLY A 2 -1.79 -15.33 5.54
N LYS A 3 -1.78 -16.14 4.50
CA LYS A 3 -1.86 -15.61 3.09
C LYS A 3 -3.34 -15.47 2.65
N SER A 4 -4.30 -15.58 3.54
CA SER A 4 -5.73 -15.51 3.12
C SER A 4 -6.06 -14.12 2.54
N GLU A 5 -6.74 -14.07 1.42
CA GLU A 5 -7.12 -12.75 0.82
C GLU A 5 -8.05 -11.95 1.75
N GLU A 6 -8.88 -12.61 2.55
CA GLU A 6 -9.75 -11.83 3.52
C GLU A 6 -8.83 -11.00 4.44
N GLU A 7 -7.70 -11.59 4.87
CA GLU A 7 -6.72 -10.82 5.70
C GLU A 7 -6.07 -9.72 4.84
N LEU A 8 -5.81 -9.99 3.58
CA LEU A 8 -5.20 -8.93 2.68
C LEU A 8 -6.16 -7.74 2.61
N SER A 9 -7.46 -8.02 2.56
CA SER A 9 -8.47 -6.90 2.57
C SER A 9 -8.32 -6.08 3.88
N ASP A 10 -8.09 -6.75 5.00
CA ASP A 10 -7.89 -6.01 6.29
C ASP A 10 -6.63 -5.15 6.21
N LEU A 11 -5.56 -5.69 5.67
CA LEU A 11 -4.28 -4.90 5.52
C LEU A 11 -4.46 -3.72 4.56
N PHE A 12 -5.23 -3.88 3.49
CA PHE A 12 -5.43 -2.75 2.50
C PHE A 12 -6.00 -1.52 3.20
N ARG A 13 -7.00 -1.71 4.04
CA ARG A 13 -7.59 -0.56 4.82
C ARG A 13 -6.50 0.13 5.66
N MET A 14 -5.56 -0.60 6.23
CA MET A 14 -4.45 0.10 7.02
C MET A 14 -3.65 1.01 6.05
N PHE A 15 -3.41 0.52 4.85
CA PHE A 15 -2.71 1.35 3.83
C PHE A 15 -3.59 2.50 3.36
N ASP A 16 -4.87 2.28 3.15
CA ASP A 16 -5.74 3.41 2.65
C ASP A 16 -6.22 4.27 3.80
N LYS A 17 -5.98 5.55 3.74
CA LYS A 17 -6.43 6.47 4.86
C LYS A 17 -7.89 6.92 4.64
N ASN A 18 -8.32 7.05 3.40
CA ASN A 18 -9.73 7.56 3.16
C ASN A 18 -10.75 6.42 3.02
N ALA A 19 -10.32 5.15 3.10
CA ALA A 19 -11.26 3.99 2.83
C ALA A 19 -11.91 4.19 1.43
N ASP A 20 -11.16 4.76 0.51
CA ASP A 20 -11.69 5.11 -0.87
C ASP A 20 -11.51 3.96 -1.90
N GLY A 21 -10.96 2.83 -1.51
CA GLY A 21 -10.78 1.70 -2.49
C GLY A 21 -9.42 1.78 -3.22
N TYR A 22 -8.76 2.93 -3.22
CA TYR A 22 -7.41 3.06 -3.89
C TYR A 22 -6.41 3.63 -2.92
N ILE A 23 -5.29 2.98 -2.74
CA ILE A 23 -4.25 3.57 -1.84
C ILE A 23 -3.49 4.63 -2.65
N ASP A 24 -3.43 5.80 -2.13
CA ASP A 24 -2.74 6.92 -2.80
C ASP A 24 -1.39 7.15 -2.12
N LEU A 25 -0.47 7.73 -2.82
CA LEU A 25 0.87 8.05 -2.21
C LEU A 25 0.67 8.91 -0.95
N ASP A 26 -0.29 9.84 -0.96
CA ASP A 26 -0.54 10.65 0.28
C ASP A 26 -1.07 9.74 1.39
N GLU A 27 -2.03 8.86 1.07
CA GLU A 27 -2.53 7.90 2.12
C GLU A 27 -1.35 7.05 2.62
N LEU A 28 -0.45 6.69 1.74
CA LEU A 28 0.73 5.89 2.16
C LEU A 28 1.65 6.78 3.00
N LYS A 29 1.92 8.02 2.57
CA LYS A 29 2.83 8.90 3.38
C LYS A 29 2.18 9.27 4.72
N ILE A 30 0.87 9.48 4.78
CA ILE A 30 0.22 9.82 6.11
C ILE A 30 0.58 8.73 7.15
N MET A 31 0.60 7.48 6.75
CA MET A 31 1.03 6.39 7.70
C MET A 31 2.51 6.65 8.08
N LEU A 32 3.34 7.05 7.12
CA LEU A 32 4.76 7.44 7.45
C LEU A 32 4.76 8.75 8.26
N GLN A 33 3.89 9.67 7.93
CA GLN A 33 3.79 10.97 8.68
C GLN A 33 3.56 10.65 10.16
N ALA A 34 2.77 9.63 10.45
CA ALA A 34 2.56 9.22 11.88
C ALA A 34 3.91 8.83 12.52
N THR A 35 4.87 8.29 11.75
CA THR A 35 6.19 7.92 12.39
C THR A 35 7.03 9.18 12.72
N GLY A 36 6.78 10.31 12.07
CA GLY A 36 7.56 11.56 12.38
C GLY A 36 7.98 12.25 11.08
N GLU A 37 9.26 12.27 10.79
CA GLU A 37 9.74 12.93 9.51
C GLU A 37 9.10 12.23 8.31
N THR A 38 8.85 12.94 7.25
CA THR A 38 8.32 12.27 6.04
C THR A 38 9.43 11.38 5.44
N ILE A 39 9.09 10.53 4.52
CA ILE A 39 10.10 9.61 3.92
C ILE A 39 10.57 10.13 2.58
N THR A 40 11.75 9.79 2.18
CA THR A 40 12.29 10.26 0.89
C THR A 40 11.44 9.67 -0.25
N GLU A 41 11.39 10.35 -1.36
CA GLU A 41 10.53 9.88 -2.50
C GLU A 41 10.98 8.49 -2.95
N ASP A 42 12.27 8.23 -2.93
CA ASP A 42 12.80 6.87 -3.34
C ASP A 42 12.20 5.74 -2.48
N ASP A 43 12.25 5.85 -1.17
CA ASP A 43 11.69 4.75 -0.29
C ASP A 43 10.19 4.61 -0.57
N ILE A 44 9.50 5.74 -0.63
CA ILE A 44 8.04 5.69 -0.93
C ILE A 44 7.83 5.12 -2.35
N GLU A 45 8.59 5.62 -3.32
CA GLU A 45 8.44 5.09 -4.72
C GLU A 45 8.71 3.59 -4.71
N GLU A 46 9.76 3.15 -4.03
CA GLU A 46 10.08 1.69 -4.02
C GLU A 46 8.90 0.94 -3.38
N LEU A 47 8.38 1.47 -2.28
CA LEU A 47 7.20 0.83 -1.64
C LEU A 47 6.03 0.78 -2.64
N MET A 48 5.82 1.85 -3.39
CA MET A 48 4.67 1.85 -4.37
C MET A 48 4.97 1.03 -5.62
N LYS A 49 6.12 1.24 -6.26
CA LYS A 49 6.40 0.50 -7.56
C LYS A 49 6.56 -1.01 -7.37
N ASP A 50 6.88 -1.47 -6.17
CA ASP A 50 7.00 -2.96 -5.94
C ASP A 50 5.71 -3.67 -6.37
N GLY A 51 4.56 -3.06 -6.16
CA GLY A 51 3.27 -3.72 -6.58
C GLY A 51 2.34 -2.75 -7.34
N ASP A 52 2.77 -1.53 -7.67
CA ASP A 52 1.85 -0.62 -8.44
C ASP A 52 1.93 -1.02 -9.92
N LYS A 53 0.82 -1.48 -10.48
CA LYS A 53 0.82 -2.02 -11.88
C LYS A 53 1.36 -1.01 -12.88
N ASN A 54 2.51 -1.32 -13.43
CA ASN A 54 3.17 -0.46 -14.49
C ASN A 54 3.25 1.01 -14.04
N ASN A 55 3.54 1.25 -12.77
CA ASN A 55 3.65 2.65 -12.22
C ASN A 55 2.37 3.46 -12.57
N ASP A 56 1.21 2.87 -12.43
CA ASP A 56 -0.07 3.62 -12.69
C ASP A 56 -0.23 4.81 -11.71
N GLY A 57 0.35 4.74 -10.52
CA GLY A 57 0.27 5.90 -9.57
C GLY A 57 -0.39 5.53 -8.24
N ARG A 58 -1.54 4.92 -8.27
CA ARG A 58 -2.24 4.56 -6.96
C ARG A 58 -2.34 3.05 -6.85
N ILE A 59 -2.49 2.53 -5.67
CA ILE A 59 -2.57 1.05 -5.55
C ILE A 59 -4.01 0.65 -5.27
N ASP A 60 -4.59 -0.13 -6.15
CA ASP A 60 -5.96 -0.67 -5.95
C ASP A 60 -5.83 -1.91 -5.09
N TYR A 61 -6.89 -2.41 -4.55
CA TYR A 61 -6.79 -3.64 -3.74
C TYR A 61 -6.14 -4.77 -4.58
N ASP A 62 -6.49 -4.89 -5.86
CA ASP A 62 -5.82 -5.96 -6.73
C ASP A 62 -4.30 -5.70 -6.79
N GLU A 63 -3.88 -4.44 -6.92
CA GLU A 63 -2.39 -4.17 -6.90
C GLU A 63 -1.85 -4.55 -5.52
N PHE A 64 -2.58 -4.20 -4.48
CA PHE A 64 -2.17 -4.52 -3.08
C PHE A 64 -2.03 -6.04 -2.90
N LEU A 65 -2.97 -6.81 -3.42
CA LEU A 65 -2.85 -8.32 -3.28
C LEU A 65 -1.54 -8.79 -3.90
N GLU A 66 -1.13 -8.23 -5.02
CA GLU A 66 0.13 -8.71 -5.66
C GLU A 66 1.37 -8.44 -4.80
N PHE A 67 1.44 -7.31 -4.08
CA PHE A 67 2.65 -7.07 -3.17
C PHE A 67 2.82 -8.29 -2.27
N MET A 68 1.77 -8.64 -1.54
CA MET A 68 1.82 -9.83 -0.64
C MET A 68 1.89 -11.13 -1.46
N LYS A 69 1.21 -11.18 -2.60
CA LYS A 69 1.21 -12.43 -3.46
C LYS A 69 2.63 -12.82 -3.87
N ASP A 70 3.44 -11.84 -4.22
CA ASP A 70 4.81 -12.15 -4.78
C ASP A 70 5.94 -12.08 -3.74
N VAL A 71 5.65 -12.11 -2.45
CA VAL A 71 6.75 -12.08 -1.42
C VAL A 71 6.63 -13.29 -0.45
N GLU A 72 7.71 -13.63 0.21
CA GLU A 72 7.70 -14.75 1.20
C GLU A 72 8.44 -14.31 2.46
CA CA B . -1.39 1.36 -9.13
CA CA C . -7.32 5.53 -0.66
N MET A 1 -9.84 -14.16 8.05
CA MET A 1 -10.26 -15.41 8.77
C MET A 1 -9.55 -16.62 8.14
N GLY A 2 -8.95 -17.48 8.95
CA GLY A 2 -8.19 -18.62 8.38
C GLY A 2 -7.01 -18.05 7.60
N LYS A 3 -7.08 -18.12 6.29
CA LYS A 3 -6.05 -17.47 5.41
C LYS A 3 -6.80 -16.96 4.18
N SER A 4 -7.49 -15.88 4.34
CA SER A 4 -8.38 -15.36 3.26
C SER A 4 -8.00 -13.94 2.84
N GLU A 5 -8.35 -13.56 1.63
CA GLU A 5 -8.07 -12.17 1.10
C GLU A 5 -8.48 -11.09 2.14
N GLU A 6 -9.52 -11.35 2.92
CA GLU A 6 -9.98 -10.37 3.96
C GLU A 6 -8.78 -9.92 4.85
N GLU A 7 -7.95 -10.86 5.25
CA GLU A 7 -6.76 -10.50 6.10
C GLU A 7 -5.79 -9.62 5.28
N LEU A 8 -5.60 -9.92 4.02
CA LEU A 8 -4.74 -9.02 3.16
C LEU A 8 -5.46 -7.66 3.02
N SER A 9 -6.76 -7.68 2.88
CA SER A 9 -7.55 -6.43 2.73
C SER A 9 -7.44 -5.52 3.97
N ASP A 10 -7.46 -6.09 5.16
CA ASP A 10 -7.35 -5.22 6.40
C ASP A 10 -6.03 -4.46 6.35
N LEU A 11 -4.95 -5.14 5.98
CA LEU A 11 -3.63 -4.43 5.83
C LEU A 11 -3.79 -3.34 4.77
N PHE A 12 -4.46 -3.65 3.68
CA PHE A 12 -4.70 -2.60 2.61
C PHE A 12 -5.47 -1.42 3.17
N ARG A 13 -6.51 -1.65 3.95
CA ARG A 13 -7.31 -0.51 4.46
C ARG A 13 -6.46 0.47 5.27
N MET A 14 -5.49 -0.02 6.03
CA MET A 14 -4.58 0.93 6.78
C MET A 14 -3.80 1.78 5.76
N PHE A 15 -3.35 1.18 4.66
CA PHE A 15 -2.59 1.96 3.61
C PHE A 15 -3.51 2.96 2.89
N ASP A 16 -4.68 2.53 2.44
CA ASP A 16 -5.58 3.49 1.72
C ASP A 16 -6.31 4.38 2.74
N LYS A 17 -5.67 5.42 3.16
CA LYS A 17 -6.27 6.33 4.22
C LYS A 17 -7.61 6.95 3.79
N ASN A 18 -7.77 7.31 2.53
CA ASN A 18 -9.06 8.01 2.11
C ASN A 18 -10.17 7.02 1.72
N ALA A 19 -9.93 5.72 1.86
CA ALA A 19 -10.97 4.66 1.48
C ALA A 19 -11.37 4.76 -0.03
N ASP A 20 -10.62 5.49 -0.85
CA ASP A 20 -10.93 5.58 -2.33
C ASP A 20 -10.76 4.22 -3.03
N GLY A 21 -9.97 3.34 -2.49
CA GLY A 21 -9.75 2.01 -3.16
C GLY A 21 -8.29 1.90 -3.64
N TYR A 22 -7.55 2.98 -3.70
CA TYR A 22 -6.11 2.91 -4.11
C TYR A 22 -5.25 3.44 -2.96
N ILE A 23 -4.10 2.85 -2.73
CA ILE A 23 -3.17 3.44 -1.73
C ILE A 23 -2.49 4.57 -2.46
N ASP A 24 -2.63 5.74 -1.95
CA ASP A 24 -2.08 6.94 -2.62
C ASP A 24 -0.82 7.37 -1.90
N LEU A 25 0.12 7.96 -2.61
CA LEU A 25 1.41 8.38 -1.93
C LEU A 25 1.12 9.25 -0.70
N ASP A 26 0.21 10.21 -0.82
CA ASP A 26 -0.13 11.07 0.37
C ASP A 26 -0.69 10.21 1.50
N GLU A 27 -1.55 9.24 1.20
CA GLU A 27 -2.11 8.36 2.30
C GLU A 27 -0.97 7.62 2.99
N LEU A 28 -0.03 7.08 2.23
CA LEU A 28 1.10 6.40 2.87
C LEU A 28 1.92 7.44 3.65
N LYS A 29 2.12 8.60 3.06
CA LYS A 29 2.92 9.66 3.74
C LYS A 29 2.29 10.04 5.07
N ILE A 30 0.98 10.22 5.13
CA ILE A 30 0.34 10.55 6.46
C ILE A 30 0.64 9.42 7.46
N MET A 31 0.45 8.17 7.07
CA MET A 31 0.78 7.04 7.99
C MET A 31 2.29 7.04 8.29
N LEU A 32 3.10 7.25 7.28
CA LEU A 32 4.59 7.23 7.48
C LEU A 32 5.05 8.41 8.33
N GLN A 33 4.51 9.60 8.16
CA GLN A 33 4.96 10.76 9.04
C GLN A 33 4.67 10.42 10.51
N ALA A 34 3.58 9.76 10.79
CA ALA A 34 3.27 9.38 12.22
C ALA A 34 4.20 8.26 12.71
N THR A 35 4.56 7.34 11.85
CA THR A 35 5.35 6.13 12.32
C THR A 35 6.85 6.21 11.95
N GLY A 36 7.21 6.87 10.88
CA GLY A 36 8.65 6.94 10.45
C GLY A 36 9.20 8.35 10.58
N GLU A 37 8.64 9.16 11.46
CA GLU A 37 9.11 10.58 11.69
C GLU A 37 9.01 11.41 10.38
N THR A 38 9.95 11.31 9.48
CA THR A 38 9.84 12.07 8.19
C THR A 38 10.13 11.10 7.02
N ILE A 39 9.23 10.98 6.07
CA ILE A 39 9.49 10.14 4.85
C ILE A 39 9.36 11.04 3.62
N THR A 40 10.19 10.85 2.64
CA THR A 40 10.06 11.66 1.38
C THR A 40 9.18 10.90 0.37
N GLU A 41 8.69 11.57 -0.66
CA GLU A 41 7.76 10.89 -1.64
C GLU A 41 8.45 9.66 -2.29
N ASP A 42 9.76 9.73 -2.54
CA ASP A 42 10.47 8.57 -3.20
C ASP A 42 10.38 7.31 -2.33
N ASP A 43 10.49 7.43 -1.03
CA ASP A 43 10.35 6.21 -0.15
C ASP A 43 8.93 5.63 -0.33
N ILE A 44 7.94 6.49 -0.37
CA ILE A 44 6.53 6.03 -0.65
C ILE A 44 6.51 5.42 -2.07
N GLU A 45 7.10 6.12 -3.02
CA GLU A 45 7.14 5.66 -4.45
C GLU A 45 7.87 4.30 -4.53
N GLU A 46 8.95 4.13 -3.80
CA GLU A 46 9.64 2.80 -3.77
C GLU A 46 8.70 1.72 -3.26
N LEU A 47 7.92 2.00 -2.24
CA LEU A 47 6.96 0.97 -1.71
C LEU A 47 5.87 0.66 -2.76
N MET A 48 5.33 1.67 -3.41
CA MET A 48 4.21 1.42 -4.41
C MET A 48 4.72 0.84 -5.74
N LYS A 49 5.85 1.29 -6.25
CA LYS A 49 6.31 0.79 -7.61
C LYS A 49 6.51 -0.74 -7.62
N ASP A 50 6.98 -1.30 -6.52
CA ASP A 50 7.24 -2.79 -6.48
C ASP A 50 5.96 -3.59 -6.76
N GLY A 51 4.83 -3.15 -6.27
CA GLY A 51 3.57 -3.93 -6.49
C GLY A 51 2.65 -3.24 -7.50
N ASP A 52 3.20 -2.49 -8.45
CA ASP A 52 2.30 -1.83 -9.47
C ASP A 52 2.54 -2.42 -10.86
N LYS A 53 2.26 -3.73 -11.04
CA LYS A 53 2.44 -4.34 -12.42
C LYS A 53 1.58 -3.60 -13.43
N ASN A 54 0.41 -3.16 -13.02
CA ASN A 54 -0.40 -2.32 -13.94
C ASN A 54 -0.05 -0.88 -13.62
N ASN A 55 0.82 -0.29 -14.42
CA ASN A 55 1.30 1.10 -14.09
C ASN A 55 0.16 2.10 -14.15
N ASP A 56 -0.46 2.31 -13.04
CA ASP A 56 -1.59 3.31 -12.92
C ASP A 56 -1.15 4.52 -12.04
N GLY A 57 0.02 4.45 -11.41
CA GLY A 57 0.48 5.59 -10.55
C GLY A 57 0.11 5.38 -9.05
N ARG A 58 -0.58 4.29 -8.71
CA ARG A 58 -0.94 4.04 -7.24
C ARG A 58 -1.23 2.55 -7.00
N ILE A 59 -1.23 2.10 -5.77
CA ILE A 59 -1.53 0.66 -5.53
C ILE A 59 -3.03 0.47 -5.34
N ASP A 60 -3.61 -0.28 -6.20
CA ASP A 60 -5.04 -0.65 -6.11
C ASP A 60 -5.16 -1.80 -5.13
N TYR A 61 -6.34 -2.06 -4.65
CA TYR A 61 -6.55 -3.23 -3.73
C TYR A 61 -6.00 -4.53 -4.39
N ASP A 62 -6.32 -4.74 -5.65
CA ASP A 62 -5.82 -5.95 -6.40
C ASP A 62 -4.28 -5.93 -6.45
N GLU A 63 -3.69 -4.78 -6.72
CA GLU A 63 -2.19 -4.66 -6.72
C GLU A 63 -1.66 -4.92 -5.31
N PHE A 64 -2.36 -4.45 -4.30
CA PHE A 64 -1.93 -4.73 -2.90
C PHE A 64 -1.92 -6.25 -2.67
N LEU A 65 -2.91 -6.96 -3.21
CA LEU A 65 -2.92 -8.47 -3.07
C LEU A 65 -1.61 -9.03 -3.68
N GLU A 66 -1.11 -8.43 -4.75
CA GLU A 66 0.16 -8.94 -5.39
C GLU A 66 1.31 -8.95 -4.38
N PHE A 67 1.45 -7.92 -3.57
CA PHE A 67 2.61 -7.85 -2.60
C PHE A 67 2.66 -9.14 -1.76
N MET A 68 1.52 -9.63 -1.32
CA MET A 68 1.54 -10.86 -0.48
C MET A 68 1.15 -12.10 -1.31
N LYS A 69 0.09 -12.00 -2.10
CA LYS A 69 -0.37 -13.20 -2.89
C LYS A 69 0.66 -13.64 -3.94
N ASP A 70 1.35 -12.73 -4.57
CA ASP A 70 2.25 -13.14 -5.70
C ASP A 70 3.67 -13.48 -5.26
N VAL A 71 3.93 -13.60 -3.97
CA VAL A 71 5.31 -14.00 -3.52
C VAL A 71 5.64 -15.40 -4.08
N GLU A 72 4.65 -16.27 -4.18
CA GLU A 72 4.87 -17.63 -4.76
C GLU A 72 3.77 -17.92 -5.80
CA CA B . -1.40 0.45 -9.57
CA CA C . -6.33 5.92 -1.40
N MET A 1 -8.28 -15.52 7.48
CA MET A 1 -7.46 -16.39 8.37
C MET A 1 -6.64 -17.35 7.48
N GLY A 2 -5.39 -17.59 7.83
CA GLY A 2 -4.51 -18.48 6.98
C GLY A 2 -3.88 -17.62 5.90
N LYS A 3 -3.38 -18.20 4.82
CA LYS A 3 -2.81 -17.35 3.72
C LYS A 3 -3.98 -16.82 2.87
N SER A 4 -4.85 -16.07 3.47
CA SER A 4 -6.07 -15.61 2.77
C SER A 4 -6.06 -14.08 2.69
N GLU A 5 -6.65 -13.53 1.66
CA GLU A 5 -6.70 -12.04 1.52
C GLU A 5 -7.46 -11.40 2.70
N GLU A 6 -8.29 -12.16 3.40
CA GLU A 6 -9.10 -11.59 4.54
C GLU A 6 -8.16 -10.76 5.47
N GLU A 7 -6.97 -11.24 5.77
CA GLU A 7 -6.01 -10.42 6.56
C GLU A 7 -5.41 -9.28 5.69
N LEU A 8 -5.12 -9.57 4.43
CA LEU A 8 -4.48 -8.54 3.51
C LEU A 8 -5.46 -7.39 3.21
N SER A 9 -6.71 -7.69 2.95
CA SER A 9 -7.69 -6.61 2.60
C SER A 9 -7.85 -5.60 3.76
N ASP A 10 -7.80 -6.05 5.00
CA ASP A 10 -7.91 -5.07 6.15
C ASP A 10 -6.73 -4.09 6.12
N LEU A 11 -5.54 -4.60 5.86
CA LEU A 11 -4.33 -3.71 5.76
C LEU A 11 -4.52 -2.70 4.63
N PHE A 12 -5.11 -3.12 3.53
CA PHE A 12 -5.38 -2.15 2.40
C PHE A 12 -6.23 -0.99 2.91
N ARG A 13 -7.25 -1.29 3.71
CA ARG A 13 -8.08 -0.18 4.31
C ARG A 13 -7.17 0.73 5.15
N MET A 14 -6.21 0.16 5.88
CA MET A 14 -5.26 1.02 6.68
C MET A 14 -4.44 1.90 5.72
N PHE A 15 -4.04 1.37 4.58
CA PHE A 15 -3.24 2.19 3.60
C PHE A 15 -4.10 3.27 2.94
N ASP A 16 -5.27 2.92 2.45
CA ASP A 16 -6.16 3.95 1.80
C ASP A 16 -6.75 4.87 2.86
N LYS A 17 -6.62 6.15 2.70
CA LYS A 17 -7.14 7.10 3.73
C LYS A 17 -8.47 7.69 3.30
N ASN A 18 -8.68 7.96 2.02
CA ASN A 18 -9.99 8.59 1.59
C ASN A 18 -11.09 7.54 1.37
N ALA A 19 -10.83 6.26 1.69
CA ALA A 19 -11.86 5.16 1.45
C ALA A 19 -12.24 5.11 -0.04
N ASP A 20 -11.30 5.40 -0.91
CA ASP A 20 -11.56 5.34 -2.40
C ASP A 20 -11.25 3.93 -2.97
N GLY A 21 -10.67 3.04 -2.19
CA GLY A 21 -10.37 1.66 -2.69
C GLY A 21 -8.99 1.63 -3.38
N TYR A 22 -8.24 2.71 -3.33
CA TYR A 22 -6.87 2.78 -3.93
C TYR A 22 -5.90 3.38 -2.93
N ILE A 23 -4.66 2.98 -2.96
CA ILE A 23 -3.67 3.60 -2.03
C ILE A 23 -2.92 4.72 -2.78
N ASP A 24 -2.83 5.86 -2.18
CA ASP A 24 -2.17 7.04 -2.80
C ASP A 24 -0.83 7.28 -2.12
N LEU A 25 0.07 7.95 -2.80
CA LEU A 25 1.39 8.29 -2.19
C LEU A 25 1.13 9.08 -0.88
N ASP A 26 0.24 10.05 -0.92
CA ASP A 26 -0.08 10.85 0.31
C ASP A 26 -0.76 10.00 1.38
N GLU A 27 -1.68 9.12 0.99
CA GLU A 27 -2.36 8.23 2.04
C GLU A 27 -1.27 7.39 2.73
N LEU A 28 -0.29 6.93 1.97
CA LEU A 28 0.83 6.13 2.56
C LEU A 28 1.63 7.03 3.54
N LYS A 29 1.85 8.30 3.18
CA LYS A 29 2.66 9.22 4.07
C LYS A 29 2.05 9.36 5.46
N ILE A 30 0.74 9.42 5.54
CA ILE A 30 0.10 9.59 6.89
C ILE A 30 0.51 8.42 7.81
N MET A 31 0.54 7.21 7.28
CA MET A 31 1.01 6.06 8.13
C MET A 31 2.50 6.25 8.50
N LEU A 32 3.32 6.68 7.56
CA LEU A 32 4.79 6.86 7.86
C LEU A 32 5.00 7.98 8.88
N GLN A 33 4.32 9.11 8.76
CA GLN A 33 4.48 10.18 9.81
C GLN A 33 3.97 9.68 11.17
N ALA A 34 2.96 8.81 11.18
CA ALA A 34 2.49 8.20 12.47
C ALA A 34 3.59 7.26 12.99
N THR A 35 4.27 6.62 12.08
CA THR A 35 5.42 5.76 12.43
C THR A 35 6.55 6.65 13.02
N GLY A 36 6.68 7.88 12.57
CA GLY A 36 7.73 8.80 13.10
C GLY A 36 9.02 8.71 12.27
N GLU A 37 8.99 8.03 11.14
CA GLU A 37 10.22 7.93 10.30
C GLU A 37 10.22 9.04 9.26
N THR A 38 11.39 9.57 8.95
CA THR A 38 11.49 10.59 7.87
C THR A 38 11.46 9.82 6.54
N ILE A 39 10.56 10.15 5.66
CA ILE A 39 10.48 9.42 4.35
C ILE A 39 10.67 10.41 3.22
N THR A 40 11.45 10.08 2.25
CA THR A 40 11.58 10.98 1.07
C THR A 40 10.39 10.63 0.11
N GLU A 41 9.88 11.60 -0.63
CA GLU A 41 8.73 11.28 -1.58
C GLU A 41 9.16 10.13 -2.50
N ASP A 42 10.41 10.14 -2.91
CA ASP A 42 10.95 9.06 -3.79
C ASP A 42 10.92 7.71 -3.08
N ASP A 43 11.25 7.68 -1.78
CA ASP A 43 11.20 6.37 -1.01
C ASP A 43 9.77 5.87 -1.07
N ILE A 44 8.82 6.76 -0.88
CA ILE A 44 7.38 6.37 -0.96
C ILE A 44 7.08 5.94 -2.40
N GLU A 45 7.54 6.72 -3.37
CA GLU A 45 7.25 6.38 -4.80
C GLU A 45 7.87 5.01 -5.14
N GLU A 46 9.07 4.72 -4.66
CA GLU A 46 9.67 3.38 -4.99
C GLU A 46 8.81 2.28 -4.36
N LEU A 47 8.33 2.47 -3.14
CA LEU A 47 7.42 1.46 -2.52
C LEU A 47 6.15 1.33 -3.38
N MET A 48 5.65 2.45 -3.88
CA MET A 48 4.44 2.38 -4.76
C MET A 48 4.76 1.58 -6.03
N LYS A 49 5.95 1.74 -6.60
CA LYS A 49 6.29 0.96 -7.86
C LYS A 49 6.17 -0.54 -7.60
N ASP A 50 6.64 -1.03 -6.45
CA ASP A 50 6.54 -2.51 -6.16
C ASP A 50 5.06 -2.90 -6.16
N GLY A 51 4.23 -2.05 -5.61
CA GLY A 51 2.78 -2.32 -5.56
C GLY A 51 2.14 -2.10 -6.92
N ASP A 52 2.48 -1.01 -7.61
CA ASP A 52 1.80 -0.72 -8.92
C ASP A 52 2.35 -1.65 -10.03
N LYS A 53 2.09 -2.92 -9.91
CA LYS A 53 2.55 -3.89 -10.97
C LYS A 53 1.89 -3.59 -12.32
N ASN A 54 0.68 -3.05 -12.33
CA ASN A 54 -0.01 -2.79 -13.64
C ASN A 54 0.47 -1.45 -14.27
N ASN A 55 1.39 -0.71 -13.62
CA ASN A 55 1.87 0.62 -14.15
C ASN A 55 0.67 1.56 -14.39
N ASP A 56 -0.26 1.58 -13.48
CA ASP A 56 -1.45 2.51 -13.61
C ASP A 56 -1.29 3.78 -12.75
N GLY A 57 -0.18 3.93 -12.05
CA GLY A 57 0.07 5.18 -11.25
C GLY A 57 -0.46 5.06 -9.81
N ARG A 58 -1.19 4.02 -9.46
CA ARG A 58 -1.71 3.91 -8.06
C ARG A 58 -1.79 2.43 -7.65
N ILE A 59 -2.02 2.15 -6.40
CA ILE A 59 -2.11 0.73 -5.97
C ILE A 59 -3.58 0.38 -5.71
N ASP A 60 -4.07 -0.57 -6.46
CA ASP A 60 -5.45 -1.12 -6.25
C ASP A 60 -5.34 -2.24 -5.22
N TYR A 61 -6.43 -2.76 -4.77
CA TYR A 61 -6.39 -3.88 -3.76
C TYR A 61 -5.54 -5.05 -4.29
N ASP A 62 -5.74 -5.47 -5.53
CA ASP A 62 -4.92 -6.58 -6.14
C ASP A 62 -3.43 -6.17 -6.17
N GLU A 63 -3.15 -4.91 -6.42
CA GLU A 63 -1.72 -4.43 -6.41
C GLU A 63 -1.20 -4.45 -4.97
N PHE A 64 -2.03 -4.09 -4.01
CA PHE A 64 -1.61 -4.15 -2.57
C PHE A 64 -1.23 -5.59 -2.19
N LEU A 65 -1.98 -6.57 -2.66
CA LEU A 65 -1.66 -8.01 -2.36
C LEU A 65 -0.19 -8.33 -2.78
N GLU A 66 0.31 -7.66 -3.80
CA GLU A 66 1.73 -7.91 -4.26
C GLU A 66 2.73 -7.67 -3.13
N PHE A 67 2.50 -6.71 -2.26
CA PHE A 67 3.49 -6.48 -1.14
C PHE A 67 3.49 -7.74 -0.22
N MET A 68 2.32 -8.27 0.09
CA MET A 68 2.20 -9.46 1.01
C MET A 68 2.79 -10.77 0.44
N LYS A 69 2.73 -10.98 -0.86
CA LYS A 69 3.15 -12.33 -1.42
C LYS A 69 4.63 -12.66 -1.09
N ASP A 70 5.50 -11.67 -1.07
CA ASP A 70 6.98 -11.94 -0.88
C ASP A 70 7.33 -12.10 0.61
N VAL A 71 6.61 -12.92 1.34
CA VAL A 71 6.95 -13.11 2.82
C VAL A 71 8.28 -13.91 2.98
N GLU A 72 8.57 -14.83 2.07
CA GLU A 72 9.81 -15.67 2.19
C GLU A 72 10.56 -15.71 0.83
CA CA B . -1.65 0.32 -9.95
CA CA C . -7.04 6.01 -1.65
N MET A 1 1.78 -16.75 4.14
CA MET A 1 0.92 -17.02 5.35
C MET A 1 -0.39 -16.19 5.32
N GLY A 2 -1.27 -16.45 4.38
CA GLY A 2 -2.60 -15.73 4.36
C GLY A 2 -3.69 -16.75 4.00
N LYS A 3 -4.93 -16.51 4.38
CA LYS A 3 -6.01 -17.51 4.02
C LYS A 3 -7.14 -16.85 3.20
N SER A 4 -7.56 -15.65 3.55
CA SER A 4 -8.76 -15.04 2.87
C SER A 4 -8.58 -13.52 2.59
N GLU A 5 -9.48 -12.95 1.80
CA GLU A 5 -9.39 -11.50 1.40
C GLU A 5 -9.46 -10.53 2.60
N GLU A 6 -10.17 -10.84 3.67
CA GLU A 6 -10.23 -9.83 4.78
C GLU A 6 -8.81 -9.50 5.28
N GLU A 7 -7.95 -10.49 5.35
CA GLU A 7 -6.51 -10.24 5.74
C GLU A 7 -5.83 -9.39 4.66
N LEU A 8 -6.04 -9.74 3.40
CA LEU A 8 -5.42 -8.96 2.27
C LEU A 8 -6.00 -7.55 2.23
N SER A 9 -7.30 -7.43 2.39
CA SER A 9 -7.95 -6.10 2.35
C SER A 9 -7.66 -5.31 3.62
N ASP A 10 -7.53 -5.95 4.78
CA ASP A 10 -7.28 -5.16 6.04
C ASP A 10 -6.01 -4.39 5.91
N LEU A 11 -4.95 -5.02 5.44
CA LEU A 11 -3.68 -4.27 5.27
C LEU A 11 -3.91 -3.14 4.23
N PHE A 12 -4.61 -3.44 3.16
CA PHE A 12 -4.91 -2.41 2.10
C PHE A 12 -5.73 -1.24 2.72
N ARG A 13 -6.77 -1.56 3.45
CA ARG A 13 -7.59 -0.51 4.14
C ARG A 13 -6.70 0.27 5.14
N MET A 14 -5.78 -0.41 5.83
CA MET A 14 -4.82 0.35 6.72
C MET A 14 -3.99 1.31 5.86
N PHE A 15 -3.62 0.90 4.67
CA PHE A 15 -2.85 1.81 3.76
C PHE A 15 -3.74 2.93 3.19
N ASP A 16 -4.90 2.60 2.65
CA ASP A 16 -5.77 3.67 2.03
C ASP A 16 -6.42 4.53 3.13
N LYS A 17 -6.00 5.76 3.26
CA LYS A 17 -6.55 6.64 4.36
C LYS A 17 -7.91 7.21 3.94
N ASN A 18 -8.00 7.76 2.73
CA ASN A 18 -9.33 8.31 2.24
C ASN A 18 -10.39 7.19 2.19
N ALA A 19 -9.95 5.93 2.02
CA ALA A 19 -10.90 4.78 1.77
C ALA A 19 -11.53 4.98 0.38
N ASP A 20 -10.75 5.47 -0.56
CA ASP A 20 -11.25 5.65 -1.98
C ASP A 20 -11.10 4.35 -2.77
N GLY A 21 -10.58 3.30 -2.17
CA GLY A 21 -10.38 2.01 -2.89
C GLY A 21 -8.92 1.87 -3.32
N TYR A 22 -8.14 2.93 -3.28
CA TYR A 22 -6.69 2.83 -3.67
C TYR A 22 -5.81 3.38 -2.56
N ILE A 23 -4.66 2.79 -2.40
CA ILE A 23 -3.67 3.39 -1.46
C ILE A 23 -2.95 4.47 -2.27
N ASP A 24 -2.95 5.65 -1.77
CA ASP A 24 -2.35 6.79 -2.49
C ASP A 24 -1.03 7.15 -1.82
N LEU A 25 -0.07 7.63 -2.57
CA LEU A 25 1.28 7.97 -1.97
C LEU A 25 1.12 8.89 -0.74
N ASP A 26 0.25 9.88 -0.81
CA ASP A 26 0.05 10.80 0.40
C ASP A 26 -0.57 10.04 1.57
N GLU A 27 -1.50 9.13 1.30
CA GLU A 27 -2.11 8.30 2.43
C GLU A 27 -0.99 7.48 3.09
N LEU A 28 -0.08 6.96 2.29
CA LEU A 28 1.07 6.19 2.85
C LEU A 28 1.90 7.13 3.76
N LYS A 29 2.05 8.40 3.37
CA LYS A 29 2.82 9.38 4.24
C LYS A 29 2.16 9.52 5.63
N ILE A 30 0.85 9.50 5.71
CA ILE A 30 0.16 9.69 7.04
C ILE A 30 0.68 8.62 8.02
N MET A 31 0.73 7.35 7.61
CA MET A 31 1.31 6.32 8.54
C MET A 31 2.81 6.59 8.76
N LEU A 32 3.52 7.06 7.74
CA LEU A 32 4.99 7.40 7.93
C LEU A 32 5.11 8.54 8.93
N GLN A 33 4.29 9.56 8.84
CA GLN A 33 4.34 10.66 9.87
C GLN A 33 4.09 10.02 11.26
N ALA A 34 3.21 9.04 11.33
CA ALA A 34 3.01 8.30 12.63
C ALA A 34 4.31 7.60 13.06
N THR A 35 5.14 7.13 12.12
CA THR A 35 6.44 6.50 12.55
C THR A 35 7.42 7.60 13.07
N GLY A 36 7.15 8.87 12.75
CA GLY A 36 8.01 9.98 13.23
C GLY A 36 8.86 10.56 12.08
N GLU A 37 9.05 9.82 11.01
CA GLU A 37 9.84 10.37 9.87
C GLU A 37 8.94 10.81 8.73
N THR A 38 9.28 11.90 8.11
CA THR A 38 8.56 12.32 6.88
C THR A 38 9.28 11.66 5.70
N ILE A 39 8.56 11.13 4.76
CA ILE A 39 9.19 10.36 3.64
C ILE A 39 8.99 11.11 2.31
N THR A 40 9.98 11.11 1.48
CA THR A 40 9.87 11.80 0.15
C THR A 40 9.08 10.90 -0.83
N GLU A 41 8.58 11.46 -1.93
CA GLU A 41 7.70 10.65 -2.87
C GLU A 41 8.50 9.44 -3.41
N ASP A 42 9.78 9.63 -3.65
CA ASP A 42 10.66 8.52 -4.21
C ASP A 42 10.63 7.26 -3.33
N ASP A 43 10.85 7.37 -2.03
CA ASP A 43 10.77 6.13 -1.15
C ASP A 43 9.38 5.52 -1.25
N ILE A 44 8.35 6.35 -1.26
CA ILE A 44 6.96 5.84 -1.45
C ILE A 44 6.86 5.21 -2.87
N GLU A 45 7.44 5.85 -3.87
CA GLU A 45 7.40 5.30 -5.27
C GLU A 45 8.08 3.93 -5.28
N GLU A 46 9.21 3.77 -4.61
CA GLU A 46 9.84 2.40 -4.56
C GLU A 46 8.91 1.42 -3.87
N LEU A 47 8.22 1.85 -2.82
CA LEU A 47 7.21 0.94 -2.17
C LEU A 47 6.12 0.59 -3.21
N MET A 48 5.68 1.57 -3.98
CA MET A 48 4.65 1.29 -5.06
C MET A 48 5.29 0.41 -6.15
N LYS A 49 6.49 0.75 -6.58
CA LYS A 49 7.22 -0.03 -7.64
C LYS A 49 7.39 -1.50 -7.22
N ASP A 50 7.54 -1.76 -5.93
CA ASP A 50 7.73 -3.16 -5.43
C ASP A 50 6.60 -4.08 -5.95
N GLY A 51 5.37 -3.60 -5.99
CA GLY A 51 4.24 -4.51 -6.43
C GLY A 51 3.19 -3.79 -7.32
N ASP A 52 3.27 -2.49 -7.56
CA ASP A 52 2.21 -1.84 -8.42
C ASP A 52 2.49 -2.18 -9.90
N LYS A 53 1.94 -3.28 -10.38
CA LYS A 53 2.20 -3.69 -11.81
C LYS A 53 1.75 -2.60 -12.80
N ASN A 54 0.66 -1.92 -12.53
CA ASN A 54 0.16 -0.85 -13.46
C ASN A 54 1.19 0.26 -13.62
N ASN A 55 2.03 0.49 -12.60
CA ASN A 55 2.96 1.70 -12.58
C ASN A 55 2.07 2.94 -12.66
N ASP A 56 0.99 2.92 -11.89
CA ASP A 56 -0.03 4.04 -11.90
C ASP A 56 0.15 5.02 -10.69
N GLY A 57 1.08 4.74 -9.79
CA GLY A 57 1.28 5.63 -8.59
C GLY A 57 0.19 5.40 -7.51
N ARG A 58 -0.77 4.52 -7.73
CA ARG A 58 -1.83 4.23 -6.68
C ARG A 58 -1.94 2.71 -6.51
N ILE A 59 -2.10 2.22 -5.31
CA ILE A 59 -2.25 0.73 -5.20
C ILE A 59 -3.72 0.37 -5.25
N ASP A 60 -4.08 -0.43 -6.20
CA ASP A 60 -5.46 -0.99 -6.30
C ASP A 60 -5.45 -2.23 -5.42
N TYR A 61 -6.57 -2.61 -4.88
CA TYR A 61 -6.61 -3.88 -4.07
C TYR A 61 -6.06 -5.03 -4.94
N ASP A 62 -6.41 -5.04 -6.22
CA ASP A 62 -5.87 -6.07 -7.19
C ASP A 62 -4.32 -6.03 -7.19
N GLU A 63 -3.73 -4.83 -7.21
CA GLU A 63 -2.23 -4.72 -7.13
C GLU A 63 -1.77 -5.13 -5.72
N PHE A 64 -2.52 -4.75 -4.71
CA PHE A 64 -2.13 -5.08 -3.29
C PHE A 64 -2.08 -6.58 -3.09
N LEU A 65 -3.02 -7.32 -3.66
CA LEU A 65 -3.00 -8.82 -3.49
C LEU A 65 -1.66 -9.38 -3.97
N GLU A 66 -1.09 -8.82 -5.02
CA GLU A 66 0.25 -9.31 -5.51
C GLU A 66 1.33 -9.10 -4.43
N PHE A 67 1.30 -7.96 -3.71
CA PHE A 67 2.28 -7.78 -2.56
C PHE A 67 2.04 -8.89 -1.54
N MET A 68 0.79 -9.12 -1.21
CA MET A 68 0.43 -10.19 -0.21
C MET A 68 0.78 -11.58 -0.75
N LYS A 69 0.62 -11.80 -2.04
CA LYS A 69 0.87 -13.16 -2.61
C LYS A 69 2.34 -13.47 -2.89
N ASP A 70 3.26 -12.58 -2.60
CA ASP A 70 4.72 -12.96 -2.76
C ASP A 70 4.97 -14.22 -1.89
N VAL A 71 4.26 -14.35 -0.78
CA VAL A 71 4.39 -15.54 0.10
C VAL A 71 3.05 -16.32 0.13
N GLU A 72 3.06 -17.51 0.73
CA GLU A 72 1.85 -18.46 0.76
C GLU A 72 0.55 -17.71 0.99
CA CA B . -1.24 0.83 -9.03
CA CA C . -6.56 6.07 -1.07
N MET A 1 -5.33 -14.76 9.29
CA MET A 1 -4.76 -15.69 10.30
C MET A 1 -3.40 -16.21 9.76
N GLY A 2 -3.39 -17.34 9.05
CA GLY A 2 -2.12 -17.81 8.41
C GLY A 2 -2.17 -17.30 6.98
N LYS A 3 -3.00 -17.91 6.17
CA LYS A 3 -3.27 -17.37 4.82
C LYS A 3 -4.72 -16.93 4.85
N SER A 4 -4.99 -15.71 4.53
CA SER A 4 -6.39 -15.21 4.65
C SER A 4 -6.61 -14.10 3.62
N GLU A 5 -7.14 -14.46 2.49
CA GLU A 5 -7.36 -13.48 1.36
C GLU A 5 -8.32 -12.35 1.78
N GLU A 6 -9.30 -12.61 2.61
CA GLU A 6 -10.21 -11.50 3.08
C GLU A 6 -9.36 -10.44 3.83
N GLU A 7 -8.34 -10.89 4.55
CA GLU A 7 -7.45 -9.95 5.29
C GLU A 7 -6.67 -9.02 4.33
N LEU A 8 -6.42 -9.43 3.10
CA LEU A 8 -5.75 -8.47 2.11
C LEU A 8 -6.63 -7.20 2.06
N SER A 9 -7.94 -7.38 2.04
CA SER A 9 -8.88 -6.21 2.07
C SER A 9 -8.69 -5.45 3.40
N ASP A 10 -8.59 -6.17 4.51
CA ASP A 10 -8.39 -5.51 5.84
C ASP A 10 -7.08 -4.75 5.85
N LEU A 11 -6.02 -5.36 5.34
CA LEU A 11 -4.70 -4.66 5.25
C LEU A 11 -4.86 -3.42 4.36
N PHE A 12 -5.60 -3.53 3.28
CA PHE A 12 -5.81 -2.35 2.35
C PHE A 12 -6.41 -1.19 3.14
N ARG A 13 -7.36 -1.45 4.03
CA ARG A 13 -7.99 -0.32 4.82
C ARG A 13 -6.92 0.45 5.61
N MET A 14 -5.96 -0.22 6.21
CA MET A 14 -4.87 0.52 6.95
C MET A 14 -4.02 1.32 5.94
N PHE A 15 -3.79 0.76 4.77
CA PHE A 15 -3.01 1.50 3.73
C PHE A 15 -3.82 2.64 3.14
N ASP A 16 -5.06 2.42 2.78
CA ASP A 16 -5.85 3.54 2.17
C ASP A 16 -6.41 4.45 3.26
N LYS A 17 -5.92 5.66 3.33
CA LYS A 17 -6.45 6.62 4.37
C LYS A 17 -7.93 6.99 4.13
N ASN A 18 -8.34 7.11 2.89
CA ASN A 18 -9.78 7.51 2.60
C ASN A 18 -10.68 6.30 2.26
N ALA A 19 -10.16 5.07 2.30
CA ALA A 19 -10.96 3.86 1.84
C ALA A 19 -11.51 4.12 0.39
N ASP A 20 -10.75 4.85 -0.41
CA ASP A 20 -11.21 5.20 -1.82
C ASP A 20 -11.00 4.06 -2.83
N GLY A 21 -10.44 2.94 -2.41
CA GLY A 21 -10.25 1.80 -3.38
C GLY A 21 -8.84 1.80 -3.97
N TYR A 22 -8.09 2.88 -3.83
CA TYR A 22 -6.67 2.91 -4.37
C TYR A 22 -5.71 3.42 -3.32
N ILE A 23 -4.51 2.90 -3.28
CA ILE A 23 -3.52 3.44 -2.32
C ILE A 23 -2.66 4.47 -3.06
N ASP A 24 -2.55 5.65 -2.51
CA ASP A 24 -1.77 6.76 -3.14
C ASP A 24 -0.52 7.01 -2.32
N LEU A 25 0.40 7.78 -2.84
CA LEU A 25 1.65 8.13 -2.06
C LEU A 25 1.22 8.83 -0.77
N ASP A 26 0.28 9.74 -0.87
CA ASP A 26 -0.20 10.46 0.34
C ASP A 26 -0.82 9.49 1.36
N GLU A 27 -1.62 8.55 0.91
CA GLU A 27 -2.21 7.53 1.86
C GLU A 27 -1.04 6.75 2.50
N LEU A 28 0.01 6.50 1.73
CA LEU A 28 1.21 5.81 2.26
C LEU A 28 2.02 6.78 3.18
N LYS A 29 2.17 8.05 2.79
CA LYS A 29 3.03 9.00 3.59
C LYS A 29 2.54 9.18 5.02
N ILE A 30 1.25 9.23 5.23
CA ILE A 30 0.74 9.40 6.64
C ILE A 30 1.27 8.24 7.51
N MET A 31 1.24 7.02 7.00
CA MET A 31 1.79 5.86 7.79
C MET A 31 3.31 6.01 7.93
N LEU A 32 3.96 6.38 6.86
CA LEU A 32 5.46 6.49 6.87
C LEU A 32 5.90 7.64 7.77
N GLN A 33 5.28 8.80 7.67
CA GLN A 33 5.70 9.96 8.53
C GLN A 33 5.53 9.58 10.01
N ALA A 34 4.51 8.79 10.33
CA ALA A 34 4.31 8.33 11.75
C ALA A 34 5.53 7.50 12.22
N THR A 35 6.23 6.80 11.34
CA THR A 35 7.41 5.97 11.81
C THR A 35 8.52 6.89 12.38
N GLY A 36 8.69 8.09 11.87
CA GLY A 36 9.75 9.00 12.44
C GLY A 36 10.07 10.13 11.48
N GLU A 37 11.21 10.07 10.83
CA GLU A 37 11.62 11.20 9.93
C GLU A 37 10.57 11.41 8.81
N THR A 38 10.35 12.63 8.42
CA THR A 38 9.38 12.88 7.33
C THR A 38 10.06 12.46 6.01
N ILE A 39 9.37 11.74 5.16
CA ILE A 39 10.00 11.33 3.87
C ILE A 39 9.17 11.92 2.73
N THR A 40 9.79 12.24 1.62
CA THR A 40 9.02 12.76 0.47
C THR A 40 8.35 11.57 -0.25
N GLU A 41 7.37 11.84 -1.08
CA GLU A 41 6.67 10.72 -1.78
C GLU A 41 7.62 9.91 -2.69
N ASP A 42 8.78 10.45 -3.04
CA ASP A 42 9.77 9.65 -3.90
C ASP A 42 10.08 8.32 -3.17
N ASP A 43 10.35 8.39 -1.86
CA ASP A 43 10.59 7.12 -1.05
C ASP A 43 9.28 6.33 -0.98
N ILE A 44 8.20 7.02 -0.70
CA ILE A 44 6.84 6.39 -0.64
C ILE A 44 6.54 5.67 -1.98
N GLU A 45 6.87 6.32 -3.07
CA GLU A 45 6.64 5.74 -4.44
C GLU A 45 7.28 4.37 -4.52
N GLU A 46 8.54 4.25 -4.19
CA GLU A 46 9.19 2.92 -4.26
C GLU A 46 8.45 1.90 -3.38
N LEU A 47 7.99 2.31 -2.21
CA LEU A 47 7.23 1.34 -1.33
C LEU A 47 5.90 0.93 -2.01
N MET A 48 5.12 1.88 -2.49
CA MET A 48 3.82 1.46 -3.18
C MET A 48 4.11 0.84 -4.56
N LYS A 49 5.08 1.36 -5.26
CA LYS A 49 5.46 0.84 -6.62
C LYS A 49 5.85 -0.64 -6.58
N ASP A 50 6.61 -1.07 -5.59
CA ASP A 50 7.10 -2.51 -5.58
C ASP A 50 5.92 -3.49 -5.59
N GLY A 51 4.85 -3.19 -4.89
CA GLY A 51 3.66 -4.10 -4.89
C GLY A 51 2.65 -3.67 -5.99
N ASP A 52 2.90 -2.61 -6.72
CA ASP A 52 1.92 -2.16 -7.76
C ASP A 52 2.18 -2.91 -9.07
N LYS A 53 1.23 -3.69 -9.55
CA LYS A 53 1.45 -4.45 -10.87
C LYS A 53 1.77 -3.47 -12.01
N ASN A 54 1.12 -2.32 -12.02
CA ASN A 54 1.26 -1.40 -13.22
C ASN A 54 2.39 -0.37 -13.08
N ASN A 55 2.98 -0.19 -11.89
CA ASN A 55 3.96 0.96 -11.64
C ASN A 55 3.25 2.26 -12.09
N ASP A 56 1.98 2.35 -11.76
CA ASP A 56 1.09 3.49 -12.21
C ASP A 56 1.00 4.63 -11.17
N GLY A 57 1.61 4.49 -10.02
CA GLY A 57 1.54 5.57 -8.97
C GLY A 57 0.25 5.45 -8.14
N ARG A 58 -0.55 4.41 -8.34
CA ARG A 58 -1.80 4.22 -7.51
C ARG A 58 -1.98 2.71 -7.31
N ILE A 59 -2.22 2.26 -6.12
CA ILE A 59 -2.39 0.77 -5.97
C ILE A 59 -3.87 0.43 -5.92
N ASP A 60 -4.31 -0.36 -6.85
CA ASP A 60 -5.71 -0.89 -6.86
C ASP A 60 -5.77 -2.00 -5.82
N TYR A 61 -6.94 -2.42 -5.45
CA TYR A 61 -7.06 -3.58 -4.48
C TYR A 61 -6.25 -4.77 -5.05
N ASP A 62 -6.39 -5.06 -6.35
CA ASP A 62 -5.60 -6.19 -6.98
C ASP A 62 -4.09 -5.92 -6.83
N GLU A 63 -3.66 -4.70 -7.08
CA GLU A 63 -2.18 -4.38 -6.92
C GLU A 63 -1.80 -4.52 -5.43
N PHE A 64 -2.69 -4.13 -4.55
CA PHE A 64 -2.40 -4.26 -3.09
C PHE A 64 -2.14 -5.74 -2.71
N LEU A 65 -2.86 -6.66 -3.32
CA LEU A 65 -2.66 -8.14 -3.01
C LEU A 65 -1.17 -8.51 -3.22
N GLU A 66 -0.51 -7.88 -4.18
CA GLU A 66 0.91 -8.23 -4.50
C GLU A 66 1.80 -8.11 -3.25
N PHE A 67 1.57 -7.13 -2.41
CA PHE A 67 2.45 -6.93 -1.18
C PHE A 67 2.43 -8.16 -0.27
N MET A 68 1.27 -8.73 0.00
CA MET A 68 1.22 -9.93 0.92
C MET A 68 1.98 -11.15 0.37
N LYS A 69 2.15 -11.26 -0.93
CA LYS A 69 2.87 -12.48 -1.51
C LYS A 69 4.29 -12.62 -0.91
N ASP A 70 4.98 -11.51 -0.67
CA ASP A 70 6.41 -11.60 -0.20
C ASP A 70 6.46 -12.03 1.27
N VAL A 71 6.35 -13.30 1.52
CA VAL A 71 6.40 -13.82 2.94
C VAL A 71 7.26 -15.10 3.06
N GLU A 72 7.30 -15.93 2.03
CA GLU A 72 8.10 -17.20 2.08
C GLU A 72 8.98 -17.29 0.82
CA CA B . -1.05 0.63 -9.54
CA CA C . -6.94 5.39 -1.33
N MET A 1 -7.56 -15.87 6.79
CA MET A 1 -6.80 -16.61 7.83
C MET A 1 -5.32 -16.68 7.41
N GLY A 2 -4.43 -16.25 8.26
CA GLY A 2 -2.96 -16.23 7.92
C GLY A 2 -2.73 -15.11 6.91
N LYS A 3 -3.03 -15.37 5.65
CA LYS A 3 -2.90 -14.32 4.58
C LYS A 3 -4.07 -14.49 3.61
N SER A 4 -5.22 -14.01 3.97
CA SER A 4 -6.43 -14.19 3.11
C SER A 4 -6.97 -12.84 2.63
N GLU A 5 -7.76 -12.85 1.59
CA GLU A 5 -8.26 -11.58 0.96
C GLU A 5 -8.91 -10.64 2.00
N GLU A 6 -9.64 -11.15 2.98
CA GLU A 6 -10.24 -10.22 3.99
C GLU A 6 -9.11 -9.59 4.85
N GLU A 7 -8.13 -10.38 5.23
CA GLU A 7 -6.95 -9.84 6.01
C GLU A 7 -6.16 -8.89 5.10
N LEU A 8 -5.98 -9.24 3.84
CA LEU A 8 -5.31 -8.29 2.88
C LEU A 8 -6.16 -7.02 2.77
N SER A 9 -7.48 -7.15 2.78
CA SER A 9 -8.37 -5.94 2.79
C SER A 9 -8.11 -5.13 4.09
N ASP A 10 -7.94 -5.81 5.22
CA ASP A 10 -7.64 -5.08 6.50
C ASP A 10 -6.29 -4.38 6.39
N LEU A 11 -5.32 -5.04 5.84
CA LEU A 11 -4.00 -4.36 5.64
C LEU A 11 -4.19 -3.20 4.65
N PHE A 12 -4.98 -3.40 3.60
CA PHE A 12 -5.21 -2.30 2.59
C PHE A 12 -5.87 -1.09 3.25
N ARG A 13 -6.90 -1.27 4.06
CA ARG A 13 -7.55 -0.05 4.69
C ARG A 13 -6.54 0.71 5.57
N MET A 14 -5.64 0.00 6.27
CA MET A 14 -4.55 0.72 7.04
C MET A 14 -3.72 1.54 6.04
N PHE A 15 -3.53 1.03 4.84
CA PHE A 15 -2.80 1.80 3.79
C PHE A 15 -3.69 2.94 3.25
N ASP A 16 -4.92 2.66 2.89
CA ASP A 16 -5.81 3.74 2.31
C ASP A 16 -6.41 4.64 3.40
N LYS A 17 -5.81 5.78 3.65
CA LYS A 17 -6.38 6.77 4.64
C LYS A 17 -7.78 7.24 4.23
N ASN A 18 -8.02 7.41 2.95
CA ASN A 18 -9.37 7.94 2.50
C ASN A 18 -10.41 6.81 2.28
N ALA A 19 -10.02 5.53 2.40
CA ALA A 19 -10.98 4.37 2.06
C ALA A 19 -11.51 4.50 0.61
N ASP A 20 -10.82 5.26 -0.23
CA ASP A 20 -11.21 5.44 -1.68
C ASP A 20 -11.14 4.11 -2.45
N GLY A 21 -10.28 3.20 -2.07
CA GLY A 21 -10.15 1.90 -2.81
C GLY A 21 -8.80 1.79 -3.53
N TYR A 22 -8.05 2.87 -3.65
CA TYR A 22 -6.66 2.80 -4.27
C TYR A 22 -5.68 3.48 -3.31
N ILE A 23 -4.59 2.84 -2.96
CA ILE A 23 -3.63 3.49 -2.00
C ILE A 23 -2.88 4.56 -2.78
N ASP A 24 -2.97 5.79 -2.35
CA ASP A 24 -2.28 6.92 -3.05
C ASP A 24 -1.00 7.24 -2.33
N LEU A 25 -0.07 7.86 -3.00
CA LEU A 25 1.22 8.25 -2.33
C LEU A 25 0.93 9.10 -1.09
N ASP A 26 -0.03 10.02 -1.16
CA ASP A 26 -0.36 10.85 0.05
C ASP A 26 -0.88 9.95 1.18
N GLU A 27 -1.72 8.98 0.86
CA GLU A 27 -2.23 8.03 1.91
C GLU A 27 -1.02 7.27 2.51
N LEU A 28 -0.05 6.91 1.67
CA LEU A 28 1.17 6.24 2.20
C LEU A 28 1.99 7.23 3.04
N LYS A 29 2.13 8.47 2.57
CA LYS A 29 2.94 9.49 3.36
C LYS A 29 2.34 9.71 4.75
N ILE A 30 1.02 9.78 4.86
CA ILE A 30 0.42 9.93 6.24
C ILE A 30 0.82 8.70 7.07
N MET A 31 0.78 7.52 6.48
CA MET A 31 1.19 6.27 7.21
C MET A 31 2.69 6.35 7.57
N LEU A 32 3.53 6.80 6.65
CA LEU A 32 4.99 6.92 6.98
C LEU A 32 5.20 7.98 8.06
N GLN A 33 4.53 9.11 7.95
CA GLN A 33 4.64 10.17 9.00
C GLN A 33 4.12 9.58 10.34
N ALA A 34 3.02 8.85 10.29
CA ALA A 34 2.48 8.22 11.55
C ALA A 34 3.44 7.15 12.10
N THR A 35 4.24 6.52 11.27
CA THR A 35 5.16 5.46 11.78
C THR A 35 6.53 6.02 12.27
N GLY A 36 6.84 7.30 12.07
CA GLY A 36 8.13 7.83 12.64
C GLY A 36 8.72 8.98 11.81
N GLU A 37 9.64 8.66 10.92
CA GLU A 37 10.37 9.74 10.15
C GLU A 37 9.58 10.18 8.93
N THR A 38 9.69 11.44 8.56
CA THR A 38 8.98 11.94 7.36
C THR A 38 9.62 11.26 6.13
N ILE A 39 8.83 10.80 5.20
CA ILE A 39 9.39 10.09 4.02
C ILE A 39 9.30 10.98 2.77
N THR A 40 10.21 10.83 1.88
CA THR A 40 10.20 11.64 0.62
C THR A 40 9.19 11.01 -0.38
N GLU A 41 8.71 11.77 -1.34
CA GLU A 41 7.68 11.21 -2.31
C GLU A 41 8.27 9.97 -3.03
N ASP A 42 9.56 9.99 -3.29
CA ASP A 42 10.24 8.80 -3.94
C ASP A 42 10.17 7.55 -3.04
N ASP A 43 10.33 7.68 -1.72
CA ASP A 43 10.22 6.46 -0.83
C ASP A 43 8.79 5.89 -0.99
N ILE A 44 7.82 6.78 -1.06
CA ILE A 44 6.40 6.35 -1.31
C ILE A 44 6.36 5.62 -2.67
N GLU A 45 6.99 6.21 -3.68
CA GLU A 45 7.02 5.57 -5.03
C GLU A 45 7.72 4.21 -4.92
N GLU A 46 8.78 4.12 -4.14
CA GLU A 46 9.50 2.81 -4.00
C GLU A 46 8.54 1.74 -3.44
N LEU A 47 7.73 2.10 -2.47
CA LEU A 47 6.73 1.11 -1.93
C LEU A 47 5.83 0.65 -3.09
N MET A 48 5.38 1.58 -3.91
CA MET A 48 4.57 1.19 -5.12
C MET A 48 5.46 0.42 -6.13
N LYS A 49 6.69 0.86 -6.29
CA LYS A 49 7.61 0.23 -7.29
C LYS A 49 7.75 -1.27 -7.03
N ASP A 50 7.77 -1.69 -5.78
CA ASP A 50 7.93 -3.16 -5.46
C ASP A 50 6.84 -4.02 -6.11
N GLY A 51 5.61 -3.53 -6.22
CA GLY A 51 4.53 -4.43 -6.76
C GLY A 51 3.42 -3.68 -7.52
N ASP A 52 3.55 -2.38 -7.81
CA ASP A 52 2.45 -1.68 -8.56
C ASP A 52 2.54 -2.09 -10.03
N LYS A 53 1.87 -3.15 -10.39
CA LYS A 53 1.95 -3.66 -11.82
C LYS A 53 1.39 -2.61 -12.82
N ASN A 54 0.46 -1.77 -12.40
CA ASN A 54 -0.16 -0.79 -13.37
C ASN A 54 0.69 0.49 -13.53
N ASN A 55 1.79 0.66 -12.78
CA ASN A 55 2.60 1.97 -12.81
C ASN A 55 1.67 3.20 -12.80
N ASP A 56 0.62 3.10 -12.03
CA ASP A 56 -0.44 4.19 -11.93
C ASP A 56 -0.17 5.21 -10.78
N GLY A 57 0.92 5.05 -10.05
CA GLY A 57 1.22 5.98 -8.92
C GLY A 57 0.27 5.72 -7.73
N ARG A 58 -0.33 4.55 -7.64
CA ARG A 58 -1.28 4.21 -6.49
C ARG A 58 -1.44 2.70 -6.39
N ILE A 59 -1.59 2.15 -5.23
CA ILE A 59 -1.73 0.67 -5.20
C ILE A 59 -3.20 0.28 -5.06
N ASP A 60 -3.67 -0.44 -6.03
CA ASP A 60 -5.06 -0.95 -6.04
C ASP A 60 -5.08 -2.22 -5.20
N TYR A 61 -6.24 -2.68 -4.83
CA TYR A 61 -6.34 -3.96 -4.05
C TYR A 61 -5.62 -5.09 -4.82
N ASP A 62 -5.87 -5.20 -6.12
CA ASP A 62 -5.18 -6.27 -6.95
C ASP A 62 -3.65 -6.09 -6.91
N GLU A 63 -3.16 -4.86 -7.01
CA GLU A 63 -1.66 -4.63 -6.88
C GLU A 63 -1.25 -4.94 -5.42
N PHE A 64 -2.05 -4.49 -4.47
CA PHE A 64 -1.73 -4.66 -3.01
C PHE A 64 -1.69 -6.15 -2.58
N LEU A 65 -2.64 -6.96 -3.03
CA LEU A 65 -2.67 -8.42 -2.56
C LEU A 65 -1.31 -9.09 -2.78
N GLU A 66 -0.71 -8.84 -3.91
CA GLU A 66 0.60 -9.51 -4.22
C GLU A 66 1.70 -9.12 -3.18
N PHE A 67 1.67 -7.91 -2.67
CA PHE A 67 2.69 -7.52 -1.61
C PHE A 67 2.57 -8.45 -0.38
N MET A 68 1.35 -8.77 0.02
CA MET A 68 1.18 -9.51 1.31
C MET A 68 0.69 -10.96 1.13
N LYS A 69 0.02 -11.31 0.04
CA LYS A 69 -0.46 -12.73 -0.09
C LYS A 69 0.66 -13.68 -0.57
N ASP A 70 1.51 -13.23 -1.47
CA ASP A 70 2.61 -14.13 -1.99
C ASP A 70 3.84 -14.02 -1.10
N VAL A 71 3.87 -14.74 0.00
CA VAL A 71 5.09 -14.68 0.90
C VAL A 71 5.25 -15.99 1.72
N GLU A 72 4.21 -16.40 2.43
CA GLU A 72 4.30 -17.63 3.28
C GLU A 72 3.08 -18.51 3.01
CA CA B . -0.99 0.92 -8.97
CA CA C . -6.96 5.47 -1.08
#